data_3TZR
# 
_entry.id   3TZR 
# 
_audit_conform.dict_name       mmcif_pdbx.dic 
_audit_conform.dict_version    5.379 
_audit_conform.dict_location   http://mmcif.pdb.org/dictionaries/ascii/mmcif_pdbx.dic 
# 
loop_
_database_2.database_id 
_database_2.database_code 
_database_2.pdbx_database_accession 
_database_2.pdbx_DOI 
PDB   3TZR         pdb_00003tzr 10.2210/pdb3tzr/pdb 
NDB   NA1319       ?            ?                   
RCSB  RCSB068124   ?            ?                   
WWPDB D_1000068124 ?            ?                   
# 
_pdbx_database_related.db_name        PDB 
_pdbx_database_related.db_id          2NOK 
_pdbx_database_related.details        'Same RNA target without ligand' 
_pdbx_database_related.content_type   unspecified 
# 
_pdbx_database_status.status_code                     REL 
_pdbx_database_status.entry_id                        3TZR 
_pdbx_database_status.recvd_initial_deposition_date   2011-09-27 
_pdbx_database_status.deposit_site                    RCSB 
_pdbx_database_status.process_site                    RCSB 
_pdbx_database_status.status_code_sf                  REL 
_pdbx_database_status.status_code_mr                  ? 
_pdbx_database_status.SG_entry                        ? 
_pdbx_database_status.status_code_cs                  ? 
_pdbx_database_status.methods_development_category    ? 
_pdbx_database_status.pdb_format_compatible           Y 
_pdbx_database_status.status_code_nmr_data            ? 
# 
loop_
_audit_author.name 
_audit_author.pdbx_ordinal 
'Dibrov, S.M.'   1 
'Ding, K.'       2 
'Brunn, N.'      3 
'Parker, M.A.'   4 
'Bergdahl, B.M.' 5 
'Wyles, D.L.'    6 
'Hermann, T.'    7 
# 
_citation.id                        primary 
_citation.title                     'Structure of a Riboswitch in the Hepatitis C Virus Internal Ribosome Entry Site' 
_citation.journal_abbrev            'To be Published' 
_citation.journal_volume            ? 
_citation.page_first                ? 
_citation.page_last                 ? 
_citation.year                      ? 
_citation.journal_id_ASTM           ? 
_citation.country                   ? 
_citation.journal_id_ISSN           ? 
_citation.journal_id_CSD            0353 
_citation.book_publisher            ? 
_citation.pdbx_database_id_PubMed   ? 
_citation.pdbx_database_id_DOI      ? 
# 
loop_
_citation_author.citation_id 
_citation_author.name 
_citation_author.ordinal 
_citation_author.identifier_ORCID 
primary 'Hermann, T.'  1 ? 
primary 'Dibrov, S.'   2 ? 
primary 'Ding, K.'     3 ? 
primary 'Brunn, N.'    4 ? 
primary 'Parker, M.'   5 ? 
primary 'Bergdahl, M.' 6 ? 
primary 'Wyles, D.'    7 ? 
# 
_cell.entry_id           3TZR 
_cell.length_a           32.054 
_cell.length_b           33.582 
_cell.length_c           81.046 
_cell.angle_alpha        90.00 
_cell.angle_beta         90.00 
_cell.angle_gamma        90.00 
_cell.Z_PDB              4 
_cell.pdbx_unique_axis   ? 
_cell.length_a_esd       ? 
_cell.length_b_esd       ? 
_cell.length_c_esd       ? 
_cell.angle_alpha_esd    ? 
_cell.angle_beta_esd     ? 
_cell.angle_gamma_esd    ? 
# 
_symmetry.entry_id                         3TZR 
_symmetry.space_group_name_H-M             'P 21 21 21' 
_symmetry.pdbx_full_space_group_name_H-M   ? 
_symmetry.cell_setting                     ? 
_symmetry.Int_Tables_number                19 
_symmetry.space_group_name_Hall            ? 
# 
loop_
_entity.id 
_entity.type 
_entity.src_method 
_entity.pdbx_description 
_entity.formula_weight 
_entity.pdbx_number_of_molecules 
_entity.pdbx_ec 
_entity.pdbx_mutation 
_entity.pdbx_fragment 
_entity.details 
1 polymer     syn "5'-R(*CP*GP*AP*GP*GP*AP*AP*CP*UP*AP*CP*UP*GP*UP*CP*UP*UP*CP*CP*C)-3'"                                         
6319.790 1  ? ? ? 'HCV IRES subdomain IIa chain A' 
2 polymer     syn "5'-R(*GP*GP*UP*CP*GP*UP*GP*CP*AP*GP*CP*CP*UP*CP*GP*G)-3'"                                                     
5145.095 1  ? ? ? 'HCV IRES subdomain IIa chain B' 
3 non-polymer syn 'MAGNESIUM ION'                                                                                                
24.305   6  ? ? ? ?                                
4 non-polymer syn 'SULFATE ION'                                                                                                  
96.063   3  ? ? ? ?                                
5 non-polymer syn '(8R)-8-[(dimethylamino)methyl]-1-[3-(dimethylamino)propyl]-1,7,8,9-tetrahydrochromeno[5,6-d]imidazol-2-amine' 
331.456  1  ? ? ? ?                                
6 water       nat water                                                                                                          
18.015   81 ? ? ? ?                                
# 
loop_
_entity_poly.entity_id 
_entity_poly.type 
_entity_poly.nstd_linkage 
_entity_poly.nstd_monomer 
_entity_poly.pdbx_seq_one_letter_code 
_entity_poly.pdbx_seq_one_letter_code_can 
_entity_poly.pdbx_strand_id 
_entity_poly.pdbx_target_identifier 
1 polyribonucleotide no no CGAGGAACUACUGUCUUCCC CGAGGAACUACUGUCUUCCC A ? 
2 polyribonucleotide no no GGUCGUGCAGCCUCGG     GGUCGUGCAGCCUCGG     B ? 
# 
loop_
_entity_poly_seq.entity_id 
_entity_poly_seq.num 
_entity_poly_seq.mon_id 
_entity_poly_seq.hetero 
1 1  C n 
1 2  G n 
1 3  A n 
1 4  G n 
1 5  G n 
1 6  A n 
1 7  A n 
1 8  C n 
1 9  U n 
1 10 A n 
1 11 C n 
1 12 U n 
1 13 G n 
1 14 U n 
1 15 C n 
1 16 U n 
1 17 U n 
1 18 C n 
1 19 C n 
1 20 C n 
2 1  G n 
2 2  G n 
2 3  U n 
2 4  C n 
2 5  G n 
2 6  U n 
2 7  G n 
2 8  C n 
2 9  A n 
2 10 G n 
2 11 C n 
2 12 C n 
2 13 U n 
2 14 C n 
2 15 G n 
2 16 G n 
# 
loop_
_pdbx_entity_src_syn.entity_id 
_pdbx_entity_src_syn.pdbx_src_id 
_pdbx_entity_src_syn.pdbx_alt_source_flag 
_pdbx_entity_src_syn.pdbx_beg_seq_num 
_pdbx_entity_src_syn.pdbx_end_seq_num 
_pdbx_entity_src_syn.organism_scientific 
_pdbx_entity_src_syn.organism_common_name 
_pdbx_entity_src_syn.ncbi_taxonomy_id 
_pdbx_entity_src_syn.details 
1 1 sample ? ? 'Hepatitis C virus' HCV 11103 ? 
2 1 sample ? ? 'Hepatitis C virus' HCV 11103 ? 
# 
loop_
_struct_ref.id 
_struct_ref.db_name 
_struct_ref.db_code 
_struct_ref.pdbx_db_accession 
_struct_ref.entity_id 
_struct_ref.pdbx_align_begin 
_struct_ref.pdbx_seq_one_letter_code 
_struct_ref.pdbx_db_isoform 
1 PDB 3TZR 3TZR 1 ? CGAGGAACUACUGUCUUCCC ? 
2 PDB 3TZR 3TZR 2 ? GGUCGUGCAGCCUCGG     ? 
# 
loop_
_struct_ref_seq.align_id 
_struct_ref_seq.ref_id 
_struct_ref_seq.pdbx_PDB_id_code 
_struct_ref_seq.pdbx_strand_id 
_struct_ref_seq.seq_align_beg 
_struct_ref_seq.pdbx_seq_align_beg_ins_code 
_struct_ref_seq.seq_align_end 
_struct_ref_seq.pdbx_seq_align_end_ins_code 
_struct_ref_seq.pdbx_db_accession 
_struct_ref_seq.db_align_beg 
_struct_ref_seq.pdbx_db_align_beg_ins_code 
_struct_ref_seq.db_align_end 
_struct_ref_seq.pdbx_db_align_end_ins_code 
_struct_ref_seq.pdbx_auth_seq_align_beg 
_struct_ref_seq.pdbx_auth_seq_align_end 
1 1 3TZR A 1 ? 20 ? 3TZR 48  ? 67  ? 48  67  
2 2 3TZR B 1 ? 16 ? 3TZR 101 ? 116 ? 101 116 
# 
loop_
_chem_comp.id 
_chem_comp.type 
_chem_comp.mon_nstd_flag 
_chem_comp.name 
_chem_comp.pdbx_synonyms 
_chem_comp.formula 
_chem_comp.formula_weight 
A   'RNA linking' y "ADENOSINE-5'-MONOPHOSPHATE"                                                                                   
? 'C10 H14 N5 O7 P' 347.221 
C   'RNA linking' y "CYTIDINE-5'-MONOPHOSPHATE"                                                                                    
? 'C9 H14 N3 O8 P'  323.197 
G   'RNA linking' y "GUANOSINE-5'-MONOPHOSPHATE"                                                                                   
? 'C10 H14 N5 O8 P' 363.221 
HOH non-polymer   . WATER                                                                                                          
? 'H2 O'            18.015  
MG  non-polymer   . 'MAGNESIUM ION'                                                                                                
? 'Mg 2'            24.305  
SO4 non-polymer   . 'SULFATE ION'                                                                                                  
? 'O4 S -2'         96.063  
SS0 non-polymer   . '(8R)-8-[(dimethylamino)methyl]-1-[3-(dimethylamino)propyl]-1,7,8,9-tetrahydrochromeno[5,6-d]imidazol-2-amine' 
? 'C18 H29 N5 O'    331.456 
U   'RNA linking' y "URIDINE-5'-MONOPHOSPHATE"                                                                                     
? 'C9 H13 N2 O9 P'  324.181 
# 
_exptl.entry_id          3TZR 
_exptl.method            'X-RAY DIFFRACTION' 
_exptl.crystals_number   1 
# 
_exptl_crystal.id                    1 
_exptl_crystal.density_meas          ? 
_exptl_crystal.density_Matthews      1.90 
_exptl_crystal.density_percent_sol   35.34 
_exptl_crystal.description           ? 
_exptl_crystal.F_000                 ? 
_exptl_crystal.preparation           ? 
# 
_exptl_crystal_grow.crystal_id      1 
_exptl_crystal_grow.method          'VAPOR DIFFUSION, HANGING DROP' 
_exptl_crystal_grow.temp            289 
_exptl_crystal_grow.temp_details    ? 
_exptl_crystal_grow.pH              6.5 
_exptl_crystal_grow.pdbx_pH_range   ? 
_exptl_crystal_grow.pdbx_details    
'10 mM magnesium sulfate, 50 mM sodium cacodylate, 2.0 M ammonium sulfate, pH 6.5, VAPOR DIFFUSION, HANGING DROP, temperature 289K' 
# 
_diffrn.id                     1 
_diffrn.ambient_temp           173.0 
_diffrn.ambient_temp_details   ? 
_diffrn.crystal_id             1 
# 
_diffrn_detector.diffrn_id              1 
_diffrn_detector.detector               'IMAGE PLATE' 
_diffrn_detector.type                   'MAR scanner 345 mm plate' 
_diffrn_detector.pdbx_collection_date   2011-05-31 
_diffrn_detector.details                mirrors 
# 
_diffrn_radiation.diffrn_id                        1 
_diffrn_radiation.wavelength_id                    1 
_diffrn_radiation.pdbx_monochromatic_or_laue_m_l   M 
_diffrn_radiation.monochromator                    'Si 111 channel' 
_diffrn_radiation.pdbx_diffrn_protocol             'SINGLE WAVELENGTH' 
_diffrn_radiation.pdbx_scattering_type             x-ray 
# 
_diffrn_radiation_wavelength.id           1 
_diffrn_radiation_wavelength.wavelength   1.54 
_diffrn_radiation_wavelength.wt           1.0 
# 
_diffrn_source.diffrn_id                   1 
_diffrn_source.source                      'ROTATING ANODE' 
_diffrn_source.type                        RIGAKU 
_diffrn_source.pdbx_synchrotron_site       ? 
_diffrn_source.pdbx_synchrotron_beamline   ? 
_diffrn_source.pdbx_wavelength             ? 
_diffrn_source.pdbx_wavelength_list        1.54 
# 
_reflns.pdbx_diffrn_id               1 
_reflns.pdbx_ordinal                 1 
_reflns.entry_id                     3TZR 
_reflns.observed_criterion_sigma_I   1.35 
_reflns.observed_criterion_sigma_F   1.35 
_reflns.d_resolution_low             16.8 
_reflns.d_resolution_high            2.2 
_reflns.number_obs                   4664 
_reflns.number_all                   4704 
_reflns.percent_possible_obs         99.15 
_reflns.pdbx_Rmerge_I_obs            ? 
_reflns.pdbx_Rsym_value              ? 
_reflns.pdbx_netI_over_sigmaI        ? 
_reflns.B_iso_Wilson_estimate        ? 
_reflns.pdbx_redundancy              6.7 
_reflns.R_free_details               ? 
_reflns.pdbx_chi_squared             ? 
_reflns.pdbx_scaling_rejects         ? 
# 
_reflns_shell.pdbx_diffrn_id         1 
_reflns_shell.pdbx_ordinal           1 
_reflns_shell.d_res_high             2.20 
_reflns_shell.d_res_low              2.28 
_reflns_shell.percent_possible_all   75.6 
_reflns_shell.Rmerge_I_obs           ? 
_reflns_shell.pdbx_Rsym_value        ? 
_reflns_shell.meanI_over_sigI_obs    ? 
_reflns_shell.pdbx_redundancy        4.5 
_reflns_shell.percent_possible_obs   ? 
_reflns_shell.number_unique_all      ? 
_reflns_shell.number_measured_all    ? 
_reflns_shell.number_measured_obs    ? 
_reflns_shell.number_unique_obs      ? 
_reflns_shell.pdbx_chi_squared       ? 
# 
_refine.pdbx_refine_id                           'X-RAY DIFFRACTION' 
_refine.entry_id                                 3TZR 
_refine.pdbx_diffrn_id                           1 
_refine.pdbx_TLS_residual_ADP_flag               ? 
_refine.ls_number_reflns_obs                     4664 
_refine.ls_number_reflns_all                     4704 
_refine.pdbx_ls_sigma_I                          ? 
_refine.pdbx_ls_sigma_F                          1.35 
_refine.pdbx_data_cutoff_high_absF               ? 
_refine.pdbx_data_cutoff_low_absF                ? 
_refine.pdbx_data_cutoff_high_rms_absF           ? 
_refine.ls_d_res_low                             16.791 
_refine.ls_d_res_high                            2.212 
_refine.ls_percent_reflns_obs                    99.15 
_refine.ls_R_factor_obs                          0.1815 
_refine.ls_R_factor_all                          ? 
_refine.ls_R_factor_R_work                       0.1790 
_refine.ls_R_factor_R_free                       0.2380 
_refine.ls_R_factor_R_free_error                 ? 
_refine.ls_R_factor_R_free_error_details         ? 
_refine.ls_percent_reflns_R_free                 4.52 
_refine.ls_number_reflns_R_free                  211 
_refine.ls_number_parameters                     ? 
_refine.ls_number_restraints                     ? 
_refine.occupancy_min                            ? 
_refine.occupancy_max                            ? 
_refine.correlation_coeff_Fo_to_Fc               ? 
_refine.correlation_coeff_Fo_to_Fc_free          ? 
_refine.B_iso_mean                               ? 
_refine.aniso_B[1][1]                            0.7418 
_refine.aniso_B[2][2]                            -2.4473 
_refine.aniso_B[3][3]                            1.7055 
_refine.aniso_B[1][2]                            -0.0000 
_refine.aniso_B[1][3]                            0.0000 
_refine.aniso_B[2][3]                            0.0000 
_refine.solvent_model_details                    'FLAT BULK SOLVENT MODEL' 
_refine.solvent_model_param_ksol                 0.404 
_refine.solvent_model_param_bsol                 35.079 
_refine.pdbx_solvent_vdw_probe_radii             0.90 
_refine.pdbx_solvent_ion_probe_radii             ? 
_refine.pdbx_solvent_shrinkage_radii             0.61 
_refine.pdbx_ls_cross_valid_method               ? 
_refine.details                                  ? 
_refine.pdbx_starting_model                      'PDB ENTRY 2NOK' 
_refine.pdbx_method_to_determine_struct          'MOLECULAR REPLACEMENT' 
_refine.pdbx_isotropic_thermal_model             ? 
_refine.pdbx_stereochemistry_target_values       ML 
_refine.pdbx_stereochem_target_val_spec_case     ? 
_refine.pdbx_R_Free_selection_details            ? 
_refine.pdbx_overall_ESU_R                       ? 
_refine.pdbx_overall_ESU_R_Free                  ? 
_refine.overall_SU_ML                            0.83 
_refine.pdbx_overall_phase_error                 23.58 
_refine.overall_SU_B                             ? 
_refine.overall_SU_R_Cruickshank_DPI             ? 
_refine.pdbx_overall_SU_R_free_Cruickshank_DPI   ? 
_refine.pdbx_overall_SU_R_Blow_DPI               ? 
_refine.pdbx_overall_SU_R_free_Blow_DPI          ? 
_refine.ls_redundancy_reflns_obs                 ? 
_refine.overall_SU_R_free                        ? 
_refine.ls_wR_factor_R_free                      ? 
_refine.ls_wR_factor_R_work                      ? 
_refine.overall_FOM_free_R_set                   ? 
_refine.overall_FOM_work_R_set                   ? 
# 
_refine_hist.pdbx_refine_id                   'X-RAY DIFFRACTION' 
_refine_hist.cycle_id                         LAST 
_refine_hist.pdbx_number_atoms_protein        0 
_refine_hist.pdbx_number_atoms_nucleic_acid   757 
_refine_hist.pdbx_number_atoms_ligand         45 
_refine_hist.number_atoms_solvent             81 
_refine_hist.number_atoms_total               883 
_refine_hist.d_res_high                       2.212 
_refine_hist.d_res_low                        16.791 
# 
loop_
_refine_ls_restr.type 
_refine_ls_restr.dev_ideal 
_refine_ls_restr.dev_ideal_target 
_refine_ls_restr.weight 
_refine_ls_restr.number 
_refine_ls_restr.pdbx_refine_id 
_refine_ls_restr.pdbx_restraint_function 
f_bond_d           0.006  ? ? 881  'X-RAY DIFFRACTION' ? 
f_angle_d          1.313  ? ? 1365 'X-RAY DIFFRACTION' ? 
f_dihedral_angle_d 16.890 ? ? 436  'X-RAY DIFFRACTION' ? 
f_chiral_restr     0.073  ? ? 179  'X-RAY DIFFRACTION' ? 
f_plane_restr      0.007  ? ? 37   'X-RAY DIFFRACTION' ? 
# 
loop_
_refine_ls_shell.pdbx_refine_id 
_refine_ls_shell.pdbx_total_number_of_bins_used 
_refine_ls_shell.d_res_high 
_refine_ls_shell.d_res_low 
_refine_ls_shell.number_reflns_R_work 
_refine_ls_shell.R_factor_R_work 
_refine_ls_shell.percent_reflns_obs 
_refine_ls_shell.R_factor_R_free 
_refine_ls_shell.R_factor_R_free_error 
_refine_ls_shell.percent_reflns_R_free 
_refine_ls_shell.number_reflns_R_free 
_refine_ls_shell.number_reflns_all 
_refine_ls_shell.R_factor_all 
_refine_ls_shell.redundancy_reflns_obs 
_refine_ls_shell.number_reflns_obs 
'X-RAY DIFFRACTION' . 2.2121 2.7850  2160 0.2302 98.00  0.3745 . . 96  . . . . 
'X-RAY DIFFRACTION' . 2.7850 16.7915 2293 0.1615 100.00 0.1958 . . 115 . . . . 
# 
_struct.entry_id                  3TZR 
_struct.title                     
'Structure of a Riboswitch-like RNA-ligand complex from the Hepatitis C Virus Internal Ribosome Entry Site' 
_struct.pdbx_model_details        ? 
_struct.pdbx_CASP_flag            ? 
_struct.pdbx_model_type_details   ? 
# 
_struct_keywords.entry_id        3TZR 
_struct_keywords.pdbx_keywords   RNA 
_struct_keywords.text            'internal loop, regulatory motif, aminobenzimidazole binding, RNA' 
# 
loop_
_struct_asym.id 
_struct_asym.pdbx_blank_PDB_chainid_flag 
_struct_asym.pdbx_modified 
_struct_asym.entity_id 
_struct_asym.details 
A N N 1 ? 
B N N 2 ? 
C N N 3 ? 
D N N 3 ? 
E N N 3 ? 
F N N 3 ? 
G N N 3 ? 
H N N 4 ? 
I N N 4 ? 
J N N 4 ? 
K N N 5 ? 
L N N 3 ? 
M N N 6 ? 
N N N 6 ? 
# 
_struct_biol.id        1 
_struct_biol.details   ? 
# 
loop_
_struct_conn.id 
_struct_conn.conn_type_id 
_struct_conn.pdbx_leaving_atom_flag 
_struct_conn.pdbx_PDB_id 
_struct_conn.ptnr1_label_asym_id 
_struct_conn.ptnr1_label_comp_id 
_struct_conn.ptnr1_label_seq_id 
_struct_conn.ptnr1_label_atom_id 
_struct_conn.pdbx_ptnr1_label_alt_id 
_struct_conn.pdbx_ptnr1_PDB_ins_code 
_struct_conn.pdbx_ptnr1_standard_comp_id 
_struct_conn.ptnr1_symmetry 
_struct_conn.ptnr2_label_asym_id 
_struct_conn.ptnr2_label_comp_id 
_struct_conn.ptnr2_label_seq_id 
_struct_conn.ptnr2_label_atom_id 
_struct_conn.pdbx_ptnr2_label_alt_id 
_struct_conn.pdbx_ptnr2_PDB_ins_code 
_struct_conn.ptnr1_auth_asym_id 
_struct_conn.ptnr1_auth_comp_id 
_struct_conn.ptnr1_auth_seq_id 
_struct_conn.ptnr2_auth_asym_id 
_struct_conn.ptnr2_auth_comp_id 
_struct_conn.ptnr2_auth_seq_id 
_struct_conn.ptnr2_symmetry 
_struct_conn.pdbx_ptnr3_label_atom_id 
_struct_conn.pdbx_ptnr3_label_seq_id 
_struct_conn.pdbx_ptnr3_label_comp_id 
_struct_conn.pdbx_ptnr3_label_asym_id 
_struct_conn.pdbx_ptnr3_label_alt_id 
_struct_conn.pdbx_ptnr3_PDB_ins_code 
_struct_conn.details 
_struct_conn.pdbx_dist_value 
_struct_conn.pdbx_value_order 
_struct_conn.pdbx_role 
metalc1  metalc ? ? C MG  .  MG  ? ? ? 1_555 A U   9  OP1   ? ? A MG  1  A U   56  1_555 ? ? ? ? ? ? ?             2.602 ? ? 
metalc2  metalc ? ? C MG  .  MG  ? ? ? 1_555 A U   12 O4    ? ? A MG  1  A U   59  1_555 ? ? ? ? ? ? ?             2.764 ? ? 
metalc3  metalc ? ? C MG  .  MG  ? ? ? 1_555 M HOH .  O     ? ? A MG  1  A HOH 80  1_555 ? ? ? ? ? ? ?             2.754 ? ? 
metalc4  metalc ? ? M HOH .  O   ? ? ? 1_555 L MG  .  MG    ? ? A HOH 8  B MG  1   1_555 ? ? ? ? ? ? ?             2.786 ? ? 
metalc5  metalc ? ? A U   9  OP2 ? ? ? 1_555 D MG  .  MG    ? ? A U   56 A MG  68  1_555 ? ? ? ? ? ? ?             2.635 ? ? 
metalc6  metalc ? ? E MG  .  MG  ? ? ? 1_555 I SO4 .  O4    ? ? A MG  69 A SO4 73  1_555 ? ? ? ? ? ? ?             2.970 ? ? 
metalc7  metalc ? ? F MG  .  MG  ? ? ? 1_555 B C   8  OP2   ? ? A MG  70 B C   108 1_555 ? ? ? ? ? ? ?             2.774 ? ? 
metalc8  metalc ? ? G MG  .  MG  ? ? ? 1_555 M HOH .  O     ? ? A MG  71 A HOH 83  1_555 ? ? ? ? ? ? ?             2.642 ? ? 
metalc9  metalc ? ? L MG  .  MG  ? ? ? 1_555 B C   14 "O2'" ? ? B MG  1  B C   114 1_555 ? ? ? ? ? ? ?             2.893 ? ? 
hydrog1  hydrog ? ? A C   1  N3  ? ? ? 1_555 B G   15 N1    ? ? A C   48 B G   115 1_555 ? ? ? ? ? ? WATSON-CRICK  ?     ? ? 
hydrog2  hydrog ? ? A C   1  N4  ? ? ? 1_555 B G   15 O6    ? ? A C   48 B G   115 1_555 ? ? ? ? ? ? WATSON-CRICK  ?     ? ? 
hydrog3  hydrog ? ? A C   1  O2  ? ? ? 1_555 B G   15 N2    ? ? A C   48 B G   115 1_555 ? ? ? ? ? ? WATSON-CRICK  ?     ? ? 
hydrog4  hydrog ? ? A G   2  N1  ? ? ? 1_555 B C   14 N3    ? ? A G   49 B C   114 1_555 ? ? ? ? ? ? WATSON-CRICK  ?     ? ? 
hydrog5  hydrog ? ? A G   2  N2  ? ? ? 1_555 B C   14 O2    ? ? A G   49 B C   114 1_555 ? ? ? ? ? ? WATSON-CRICK  ?     ? ? 
hydrog6  hydrog ? ? A G   2  O6  ? ? ? 1_555 B C   14 N4    ? ? A G   49 B C   114 1_555 ? ? ? ? ? ? WATSON-CRICK  ?     ? ? 
hydrog7  hydrog ? ? A A   3  N1  ? ? ? 1_555 B U   13 N3    ? ? A A   50 B U   113 1_555 ? ? ? ? ? ? WATSON-CRICK  ?     ? ? 
hydrog8  hydrog ? ? A A   3  N6  ? ? ? 1_555 B U   13 O4    ? ? A A   50 B U   113 1_555 ? ? ? ? ? ? WATSON-CRICK  ?     ? ? 
hydrog9  hydrog ? ? A G   4  N1  ? ? ? 1_555 B C   12 N3    ? ? A G   51 B C   112 1_555 ? ? ? ? ? ? WATSON-CRICK  ?     ? ? 
hydrog10 hydrog ? ? A G   4  N2  ? ? ? 1_555 B C   12 O2    ? ? A G   51 B C   112 1_555 ? ? ? ? ? ? WATSON-CRICK  ?     ? ? 
hydrog11 hydrog ? ? A G   4  O6  ? ? ? 1_555 B C   12 N4    ? ? A G   51 B C   112 1_555 ? ? ? ? ? ? WATSON-CRICK  ?     ? ? 
hydrog12 hydrog ? ? A G   5  N1  ? ? ? 1_555 B C   11 N3    ? ? A G   52 B C   111 1_555 ? ? ? ? ? ? WATSON-CRICK  ?     ? ? 
hydrog13 hydrog ? ? A G   5  N2  ? ? ? 1_555 B C   11 O2    ? ? A G   52 B C   111 1_555 ? ? ? ? ? ? WATSON-CRICK  ?     ? ? 
hydrog14 hydrog ? ? A G   5  O6  ? ? ? 1_555 B C   11 N4    ? ? A G   52 B C   111 1_555 ? ? ? ? ? ? WATSON-CRICK  ?     ? ? 
hydrog15 hydrog ? ? A A   6  N1  ? ? ? 1_555 B A   9  N6    ? ? A A   53 B A   109 1_555 ? ? ? ? ? ? TYPE_5_PAIR   ?     ? ? 
hydrog16 hydrog ? ? A A   6  N6  ? ? ? 1_555 B A   9  N7    ? ? A A   53 B A   109 1_555 ? ? ? ? ? ? TYPE_5_PAIR   ?     ? ? 
hydrog17 hydrog ? ? A A   10 N6  ? ? ? 1_555 B C   11 O2    ? ? A A   57 B C   111 1_555 ? ? ? ? ? ? 'A-C MISPAIR' ?     ? ? 
hydrog18 hydrog ? ? A C   11 N3  ? ? ? 1_555 B G   10 N1    ? ? A C   58 B G   110 1_555 ? ? ? ? ? ? WATSON-CRICK  ?     ? ? 
hydrog19 hydrog ? ? A C   11 N4  ? ? ? 1_555 B G   10 O6    ? ? A C   58 B G   110 1_555 ? ? ? ? ? ? WATSON-CRICK  ?     ? ? 
hydrog20 hydrog ? ? A C   11 O2  ? ? ? 1_555 B G   10 N2    ? ? A C   58 B G   110 1_555 ? ? ? ? ? ? WATSON-CRICK  ?     ? ? 
hydrog21 hydrog ? ? A U   12 N3  ? ? ? 1_555 B A   9  N1    ? ? A U   59 B A   109 1_555 ? ? ? ? ? ? WATSON-CRICK  ?     ? ? 
hydrog22 hydrog ? ? A U   12 O4  ? ? ? 1_555 B A   9  N6    ? ? A U   59 B A   109 1_555 ? ? ? ? ? ? WATSON-CRICK  ?     ? ? 
hydrog23 hydrog ? ? A G   13 N1  ? ? ? 1_555 B C   8  N3    ? ? A G   60 B C   108 1_555 ? ? ? ? ? ? WATSON-CRICK  ?     ? ? 
hydrog24 hydrog ? ? A G   13 N2  ? ? ? 1_555 B C   8  O2    ? ? A G   60 B C   108 1_555 ? ? ? ? ? ? WATSON-CRICK  ?     ? ? 
hydrog25 hydrog ? ? A G   13 O6  ? ? ? 1_555 B C   8  N4    ? ? A G   60 B C   108 1_555 ? ? ? ? ? ? WATSON-CRICK  ?     ? ? 
hydrog26 hydrog ? ? A U   14 N3  ? ? ? 1_555 B G   7  O6    ? ? A U   61 B G   107 1_555 ? ? ? ? ? ? TYPE_28_PAIR  ?     ? ? 
hydrog27 hydrog ? ? A U   14 O2  ? ? ? 1_555 B G   7  N1    ? ? A U   61 B G   107 1_555 ? ? ? ? ? ? TYPE_28_PAIR  ?     ? ? 
hydrog28 hydrog ? ? A C   15 N3  ? ? ? 1_555 B G   5  N1    ? ? A C   62 B G   105 1_555 ? ? ? ? ? ? WATSON-CRICK  ?     ? ? 
hydrog29 hydrog ? ? A C   15 N4  ? ? ? 1_555 B G   5  O6    ? ? A C   62 B G   105 1_555 ? ? ? ? ? ? WATSON-CRICK  ?     ? ? 
hydrog30 hydrog ? ? A C   15 O2  ? ? ? 1_555 B G   5  N2    ? ? A C   62 B G   105 1_555 ? ? ? ? ? ? WATSON-CRICK  ?     ? ? 
hydrog31 hydrog ? ? A U   16 N3  ? ? ? 1_555 B C   4  N3    ? ? A U   63 B C   104 1_555 ? ? ? ? ? ? TYPE_18_PAIR  ?     ? ? 
hydrog32 hydrog ? ? A U   16 O4  ? ? ? 1_555 B C   4  N4    ? ? A U   63 B C   104 1_555 ? ? ? ? ? ? TYPE_18_PAIR  ?     ? ? 
hydrog33 hydrog ? ? A U   17 N3  ? ? ? 1_555 B U   3  O2    ? ? A U   64 B U   103 1_555 ? ? ? ? ? ? TYPE_16_PAIR  ?     ? ? 
hydrog34 hydrog ? ? A U   17 O4  ? ? ? 1_555 B U   3  N3    ? ? A U   64 B U   103 1_555 ? ? ? ? ? ? TYPE_16_PAIR  ?     ? ? 
hydrog35 hydrog ? ? A C   18 N3  ? ? ? 1_555 B G   2  N1    ? ? A C   65 B G   102 1_555 ? ? ? ? ? ? WATSON-CRICK  ?     ? ? 
hydrog36 hydrog ? ? A C   18 N4  ? ? ? 1_555 B G   2  O6    ? ? A C   65 B G   102 1_555 ? ? ? ? ? ? WATSON-CRICK  ?     ? ? 
hydrog37 hydrog ? ? A C   18 O2  ? ? ? 1_555 B G   2  N2    ? ? A C   65 B G   102 1_555 ? ? ? ? ? ? WATSON-CRICK  ?     ? ? 
hydrog38 hydrog ? ? A C   19 N3  ? ? ? 1_555 B G   1  N1    ? ? A C   66 B G   101 1_555 ? ? ? ? ? ? WATSON-CRICK  ?     ? ? 
hydrog39 hydrog ? ? A C   19 N4  ? ? ? 1_555 B G   1  O6    ? ? A C   66 B G   101 1_555 ? ? ? ? ? ? WATSON-CRICK  ?     ? ? 
hydrog40 hydrog ? ? A C   19 O2  ? ? ? 1_555 B G   1  N2    ? ? A C   66 B G   101 1_555 ? ? ? ? ? ? WATSON-CRICK  ?     ? ? 
# 
loop_
_struct_conn_type.id 
_struct_conn_type.criteria 
_struct_conn_type.reference 
metalc ? ? 
hydrog ? ? 
# 
loop_
_struct_site.id 
_struct_site.pdbx_evidence_code 
_struct_site.pdbx_auth_asym_id 
_struct_site.pdbx_auth_comp_id 
_struct_site.pdbx_auth_seq_id 
_struct_site.pdbx_auth_ins_code 
_struct_site.pdbx_num_residues 
_struct_site.details 
AC1 Software A MG  1  ? 5 'BINDING SITE FOR RESIDUE MG A 1'   
AC2 Software A MG  68 ? 4 'BINDING SITE FOR RESIDUE MG A 68'  
AC3 Software B MG  1  ? 5 'BINDING SITE FOR RESIDUE MG B 1'   
AC4 Software A MG  69 ? 6 'BINDING SITE FOR RESIDUE MG A 69'  
AC5 Software A MG  70 ? 3 'BINDING SITE FOR RESIDUE MG A 70'  
AC6 Software A MG  71 ? 4 'BINDING SITE FOR RESIDUE MG A 71'  
AC7 Software A SO4 72 ? 4 'BINDING SITE FOR RESIDUE SO4 A 72' 
AC8 Software A SO4 73 ? 6 'BINDING SITE FOR RESIDUE SO4 A 73' 
AC9 Software A SO4 74 ? 4 'BINDING SITE FOR RESIDUE SO4 A 74' 
BC1 Software A SS0 75 ? 9 'BINDING SITE FOR RESIDUE SS0 A 75' 
1   ?        ? ?   ?  ? ? ?                                   
# 
loop_
_struct_site_gen.id 
_struct_site_gen.site_id 
_struct_site_gen.pdbx_num_res 
_struct_site_gen.label_comp_id 
_struct_site_gen.label_asym_id 
_struct_site_gen.label_seq_id 
_struct_site_gen.pdbx_auth_ins_code 
_struct_site_gen.auth_comp_id 
_struct_site_gen.auth_asym_id 
_struct_site_gen.auth_seq_id 
_struct_site_gen.label_atom_id 
_struct_site_gen.label_alt_id 
_struct_site_gen.symmetry 
_struct_site_gen.details 
1  AC1 5 C   A 8  ? C   A 55  . ? 1_555 ? 
2  AC1 5 U   A 9  ? U   A 56  . ? 1_555 ? 
3  AC1 5 C   A 11 ? C   A 58  . ? 1_555 ? 
4  AC1 5 U   A 12 ? U   A 59  . ? 1_555 ? 
5  AC1 5 HOH M .  ? HOH A 80  . ? 1_555 ? 
6  AC2 4 G   A 5  ? G   A 52  . ? 1_555 ? 
7  AC2 4 U   A 9  ? U   A 56  . ? 1_555 ? 
8  AC2 4 A   A 10 ? A   A 57  . ? 1_555 ? 
9  AC2 4 MG  E .  ? MG  A 69  . ? 1_555 ? 
10 AC3 5 HOH M .  ? HOH A 8   . ? 1_555 ? 
11 AC3 5 U   A 9  ? U   A 56  . ? 3_644 ? 
12 AC3 5 C   A 11 ? C   A 58  . ? 3_644 ? 
13 AC3 5 C   B 14 ? C   B 114 . ? 1_555 ? 
14 AC3 5 G   B 15 ? G   B 115 . ? 1_555 ? 
15 AC4 6 G   A 5  ? G   A 52  . ? 1_555 ? 
16 AC4 6 MG  D .  ? MG  A 68  . ? 1_555 ? 
17 AC4 6 SO4 I .  ? SO4 A 73  . ? 1_555 ? 
18 AC4 6 HOH M .  ? HOH A 87  . ? 1_555 ? 
19 AC4 6 HOH N .  ? HOH B 69  . ? 1_555 ? 
20 AC4 6 C   B 12 ? C   B 112 . ? 1_555 ? 
21 AC5 3 A   A 6  ? A   A 53  . ? 1_555 ? 
22 AC5 3 SS0 K .  ? SS0 A 75  . ? 1_555 ? 
23 AC5 3 C   B 8  ? C   B 108 . ? 1_555 ? 
24 AC6 4 A   A 7  ? A   A 54  . ? 1_555 ? 
25 AC6 4 HOH M .  ? HOH A 83  . ? 1_555 ? 
26 AC6 4 HOH N .  ? HOH B 67  . ? 3_654 ? 
27 AC6 4 G   B 15 ? G   B 115 . ? 3_654 ? 
28 AC7 4 G   A 2  ? G   A 49  . ? 3_654 ? 
29 AC7 4 A   A 3  ? A   A 50  . ? 3_654 ? 
30 AC7 4 A   A 7  ? A   A 54  . ? 1_555 ? 
31 AC7 4 HOH M .  ? HOH A 79  . ? 1_555 ? 
32 AC8 6 G   A 4  ? G   A 51  . ? 1_555 ? 
33 AC8 6 G   A 5  ? G   A 52  . ? 1_555 ? 
34 AC8 6 MG  E .  ? MG  A 69  . ? 1_555 ? 
35 AC8 6 HOH N .  ? HOH B 69  . ? 1_555 ? 
36 AC8 6 HOH N .  ? HOH B 70  . ? 1_555 ? 
37 AC8 6 U   B 13 ? U   B 113 . ? 1_555 ? 
38 AC9 4 C   A 19 ? C   A 66  . ? 1_555 ? 
39 AC9 4 C   A 20 ? C   A 67  . ? 1_555 ? 
40 AC9 4 HOH M .  ? HOH A 77  . ? 1_555 ? 
41 AC9 4 HOH M .  ? HOH A 78  . ? 1_555 ? 
42 BC1 9 G   A 5  ? G   A 52  . ? 1_555 ? 
43 BC1 9 A   A 6  ? A   A 53  . ? 1_555 ? 
44 BC1 9 U   A 9  ? U   A 56  . ? 1_555 ? 
45 BC1 9 MG  F .  ? MG  A 70  . ? 1_555 ? 
46 BC1 9 HOH M .  ? HOH A 92  . ? 1_555 ? 
47 BC1 9 HOH N .  ? HOH B 6   . ? 1_555 ? 
48 BC1 9 A   B 9  ? A   B 109 . ? 1_555 ? 
49 BC1 9 G   B 10 ? G   B 110 . ? 1_555 ? 
50 BC1 9 C   B 11 ? C   B 111 . ? 1_555 ? 
# 
_atom_sites.entry_id                    3TZR 
_atom_sites.fract_transf_matrix[1][1]   0.02566699 
_atom_sites.fract_transf_matrix[1][2]   -0.00009713 
_atom_sites.fract_transf_matrix[1][3]   0.01773272 
_atom_sites.fract_transf_matrix[2][1]   -0.00273038 
_atom_sites.fract_transf_matrix[2][2]   0.02936594 
_atom_sites.fract_transf_matrix[2][3]   0.00411290 
_atom_sites.fract_transf_matrix[3][1]   -0.00692188 
_atom_sites.fract_transf_matrix[3][2]   -0.00204524 
_atom_sites.fract_transf_matrix[3][3]   0.01000778 
_atom_sites.fract_transf_vector[1]      0.359940 
_atom_sites.fract_transf_vector[2]      -0.097175 
_atom_sites.fract_transf_vector[3]      -0.110135 
# 
loop_
_atom_type.symbol 
C  
MG 
N  
O  
P  
S  
# 
loop_
_atom_site.group_PDB 
_atom_site.id 
_atom_site.type_symbol 
_atom_site.label_atom_id 
_atom_site.label_alt_id 
_atom_site.label_comp_id 
_atom_site.label_asym_id 
_atom_site.label_entity_id 
_atom_site.label_seq_id 
_atom_site.pdbx_PDB_ins_code 
_atom_site.Cartn_x 
_atom_site.Cartn_y 
_atom_site.Cartn_z 
_atom_site.occupancy 
_atom_site.B_iso_or_equiv 
_atom_site.pdbx_formal_charge 
_atom_site.auth_seq_id 
_atom_site.auth_comp_id 
_atom_site.auth_asym_id 
_atom_site.auth_atom_id 
_atom_site.pdbx_PDB_model_num 
ATOM   1   O  "O5'" . C   A 1 1  ? -0.993  -7.616  -23.645 1.00 22.21 ? 48  C   A "O5'" 1 
ATOM   2   C  "C5'" . C   A 1 1  ? -0.652  -7.816  -22.260 1.00 24.61 ? 48  C   A "C5'" 1 
ATOM   3   C  "C4'" . C   A 1 1  ? 0.662   -8.553  -22.160 1.00 22.60 ? 48  C   A "C4'" 1 
ATOM   4   O  "O4'" . C   A 1 1  ? 1.694   -7.765  -22.818 1.00 23.38 ? 48  C   A "O4'" 1 
ATOM   5   C  "C3'" . C   A 1 1  ? 1.201   -8.764  -20.752 1.00 24.62 ? 48  C   A "C3'" 1 
ATOM   6   O  "O3'" . C   A 1 1  ? 0.632   -9.866  -20.054 1.00 28.12 ? 48  C   A "O3'" 1 
ATOM   7   C  "C2'" . C   A 1 1  ? 2.692   -8.914  -21.014 1.00 21.17 ? 48  C   A "C2'" 1 
ATOM   8   O  "O2'" . C   A 1 1  ? 3.066   -10.173 -21.541 1.00 19.81 ? 48  C   A "O2'" 1 
ATOM   9   C  "C1'" . C   A 1 1  ? 2.903   -7.842  -22.082 1.00 24.46 ? 48  C   A "C1'" 1 
ATOM   10  N  N1    . C   A 1 1  ? 3.170   -6.511  -21.488 1.00 25.81 ? 48  C   A N1    1 
ATOM   11  C  C2    . C   A 1 1  ? 4.475   -6.194  -21.081 1.00 24.31 ? 48  C   A C2    1 
ATOM   12  O  O2    . C   A 1 1  ? 5.403   -7.014  -21.238 1.00 22.62 ? 48  C   A O2    1 
ATOM   13  N  N3    . C   A 1 1  ? 4.699   -4.976  -20.533 1.00 26.43 ? 48  C   A N3    1 
ATOM   14  C  C4    . C   A 1 1  ? 3.705   -4.093  -20.372 1.00 24.74 ? 48  C   A C4    1 
ATOM   15  N  N4    . C   A 1 1  ? 4.003   -2.917  -19.816 1.00 20.76 ? 48  C   A N4    1 
ATOM   16  C  C5    . C   A 1 1  ? 2.367   -4.391  -20.768 1.00 24.73 ? 48  C   A C5    1 
ATOM   17  C  C6    . C   A 1 1  ? 2.151   -5.601  -21.315 1.00 25.41 ? 48  C   A C6    1 
ATOM   18  P  P     . G   A 1 2  ? 0.569   -9.833  -18.447 1.00 28.39 ? 49  G   A P     1 
ATOM   19  O  OP1   . G   A 1 2  ? -0.227  -11.014 -18.017 1.00 29.19 ? 49  G   A OP1   1 
ATOM   20  O  OP2   . G   A 1 2  ? 0.111   -8.473  -18.075 1.00 33.12 ? 49  G   A OP2   1 
ATOM   21  O  "O5'" . G   A 1 2  ? 2.093   -9.972  -17.988 1.00 25.97 ? 49  G   A "O5'" 1 
ATOM   22  C  "C5'" . G   A 1 2  ? 2.862   -11.156 -18.303 1.00 27.14 ? 49  G   A "C5'" 1 
ATOM   23  C  "C4'" . G   A 1 2  ? 4.320   -10.989 -17.921 1.00 26.58 ? 49  G   A "C4'" 1 
ATOM   24  O  "O4'" . G   A 1 2  ? 4.906   -9.853  -18.624 1.00 26.82 ? 49  G   A "O4'" 1 
ATOM   25  C  "C3'" . G   A 1 2  ? 4.586   -10.691 -16.456 1.00 26.95 ? 49  G   A "C3'" 1 
ATOM   26  O  "O3'" . G   A 1 2  ? 4.537   -11.865 -15.660 1.00 25.93 ? 49  G   A "O3'" 1 
ATOM   27  C  "C2'" . G   A 1 2  ? 5.966   -10.052 -16.517 1.00 24.54 ? 49  G   A "C2'" 1 
ATOM   28  O  "O2'" . G   A 1 2  ? 6.996   -10.993 -16.728 1.00 24.50 ? 49  G   A "O2'" 1 
ATOM   29  C  "C1'" . G   A 1 2  ? 5.832   -9.192  -17.772 1.00 25.43 ? 49  G   A "C1'" 1 
ATOM   30  N  N9    . G   A 1 2  ? 5.328   -7.845  -17.492 1.00 24.25 ? 49  G   A N9    1 
ATOM   31  C  C8    . G   A 1 2  ? 4.052   -7.369  -17.704 1.00 25.07 ? 49  G   A C8    1 
ATOM   32  N  N7    . G   A 1 2  ? 3.898   -6.113  -17.364 1.00 27.06 ? 49  G   A N7    1 
ATOM   33  C  C5    . G   A 1 2  ? 5.157   -5.728  -16.900 1.00 26.70 ? 49  G   A C5    1 
ATOM   34  C  C6    . G   A 1 2  ? 5.613   -4.473  -16.397 1.00 23.62 ? 49  G   A C6    1 
ATOM   35  O  O6    . G   A 1 2  ? 4.953   -3.431  -16.273 1.00 22.70 ? 49  G   A O6    1 
ATOM   36  N  N1    . G   A 1 2  ? 6.961   -4.511  -16.046 1.00 18.55 ? 49  G   A N1    1 
ATOM   37  C  C2    . G   A 1 2  ? 7.772   -5.620  -16.162 1.00 23.00 ? 49  G   A C2    1 
ATOM   38  N  N2    . G   A 1 2  ? 9.059   -5.514  -15.772 1.00 19.33 ? 49  G   A N2    1 
ATOM   39  N  N3    . G   A 1 2  ? 7.346   -6.785  -16.628 1.00 22.83 ? 49  G   A N3    1 
ATOM   40  C  C4    . G   A 1 2  ? 6.043   -6.779  -16.973 1.00 21.20 ? 49  G   A C4    1 
ATOM   41  P  P     . A   A 1 3  ? 4.083   -11.754 -14.122 1.00 26.46 ? 50  A   A P     1 
ATOM   42  O  OP1   . A   A 1 3  ? 3.892   -13.136 -13.625 1.00 29.57 ? 50  A   A OP1   1 
ATOM   43  O  OP2   . A   A 1 3  ? 2.997   -10.767 -13.963 1.00 23.58 ? 50  A   A OP2   1 
ATOM   44  O  "O5'" . A   A 1 3  ? 5.354   -11.116 -13.401 1.00 29.13 ? 50  A   A "O5'" 1 
ATOM   45  C  "C5'" . A   A 1 3  ? 6.625   -11.790 -13.388 1.00 25.68 ? 50  A   A "C5'" 1 
ATOM   46  C  "C4'" . A   A 1 3  ? 7.728   -10.833 -12.996 1.00 25.07 ? 50  A   A "C4'" 1 
ATOM   47  O  "O4'" . A   A 1 3  ? 7.754   -9.700  -13.909 1.00 26.35 ? 50  A   A "O4'" 1 
ATOM   48  C  "C3'" . A   A 1 3  ? 7.600   -10.187 -11.627 1.00 25.24 ? 50  A   A "C3'" 1 
ATOM   49  O  "O3'" . A   A 1 3  ? 8.003   -11.037 -10.564 1.00 24.62 ? 50  A   A "O3'" 1 
ATOM   50  C  "C2'" . A   A 1 3  ? 8.486   -8.958  -11.789 1.00 24.67 ? 50  A   A "C2'" 1 
ATOM   51  O  "O2'" . A   A 1 3  ? 9.867   -9.269  -11.788 1.00 23.98 ? 50  A   A "O2'" 1 
ATOM   52  C  "C1'" . A   A 1 3  ? 8.106   -8.519  -13.200 1.00 24.49 ? 50  A   A "C1'" 1 
ATOM   53  N  N9    . A   A 1 3  ? 6.955   -7.613  -13.235 1.00 25.86 ? 50  A   A N9    1 
ATOM   54  C  C8    . A   A 1 3  ? 5.648   -7.950  -13.505 1.00 23.12 ? 50  A   A C8    1 
ATOM   55  N  N7    . A   A 1 3  ? 4.826   -6.931  -13.484 1.00 22.66 ? 50  A   A N7    1 
ATOM   56  C  C5    . A   A 1 3  ? 5.625   -5.842  -13.182 1.00 23.07 ? 50  A   A C5    1 
ATOM   57  C  C6    . A   A 1 3  ? 5.338   -4.465  -13.014 1.00 24.51 ? 50  A   A C6    1 
ATOM   58  N  N6    . A   A 1 3  ? 4.117   -3.921  -13.140 1.00 21.87 ? 50  A   A N6    1 
ATOM   59  N  N1    . A   A 1 3  ? 6.375   -3.651  -12.711 1.00 21.01 ? 50  A   A N1    1 
ATOM   60  C  C2    . A   A 1 3  ? 7.596   -4.192  -12.591 1.00 23.95 ? 50  A   A C2    1 
ATOM   61  N  N3    . A   A 1 3  ? 7.990   -5.466  -12.713 1.00 22.79 ? 50  A   A N3    1 
ATOM   62  C  C4    . A   A 1 3  ? 6.943   -6.251  -13.021 1.00 22.55 ? 50  A   A C4    1 
ATOM   63  P  P     . G   A 1 4  ? 7.371   -10.815 -9.103  1.00 24.45 ? 51  G   A P     1 
ATOM   64  O  OP1   . G   A 1 4  ? 7.902   -11.911 -8.256  1.00 32.49 ? 51  G   A OP1   1 
ATOM   65  O  OP2   . G   A 1 4  ? 5.904   -10.647 -9.249  1.00 26.38 ? 51  G   A OP2   1 
ATOM   66  O  "O5'" . G   A 1 4  ? 7.991   -9.437  -8.591  1.00 24.33 ? 51  G   A "O5'" 1 
ATOM   67  C  "C5'" . G   A 1 4  ? 9.405   -9.293  -8.375  1.00 22.57 ? 51  G   A "C5'" 1 
ATOM   68  C  "C4'" . G   A 1 4  ? 9.757   -7.854  -8.080  1.00 25.36 ? 51  G   A "C4'" 1 
ATOM   69  O  "O4'" . G   A 1 4  ? 9.445   -7.025  -9.234  1.00 25.44 ? 51  G   A "O4'" 1 
ATOM   70  C  "C3'" . G   A 1 4  ? 9.004   -7.183  -6.941  1.00 25.04 ? 51  G   A "C3'" 1 
ATOM   71  O  "O3'" . G   A 1 4  ? 9.500   -7.514  -5.645  1.00 25.74 ? 51  G   A "O3'" 1 
ATOM   72  C  "C2'" . G   A 1 4  ? 9.211   -5.714  -7.285  1.00 25.23 ? 51  G   A "C2'" 1 
ATOM   73  O  "O2'" . G   A 1 4  ? 10.533  -5.295  -7.008  1.00 28.28 ? 51  G   A "O2'" 1 
ATOM   74  C  "C1'" . G   A 1 4  ? 9.015   -5.744  -8.799  1.00 23.20 ? 51  G   A "C1'" 1 
ATOM   75  N  N9    . G   A 1 4  ? 7.608   -5.590  -9.162  1.00 26.28 ? 51  G   A N9    1 
ATOM   76  C  C8    . G   A 1 4  ? 6.726   -6.588  -9.500  1.00 24.08 ? 51  G   A C8    1 
ATOM   77  N  N7    . G   A 1 4  ? 5.522   -6.141  -9.742  1.00 25.13 ? 51  G   A N7    1 
ATOM   78  C  C5    . G   A 1 4  ? 5.598   -4.774  -9.552  1.00 23.17 ? 51  G   A C5    1 
ATOM   79  C  C6    . G   A 1 4  ? 4.604   -3.771  -9.688  1.00 22.61 ? 51  G   A C6    1 
ATOM   80  O  O6    . G   A 1 4  ? 3.415   -3.893  -10.001 1.00 21.85 ? 51  G   A O6    1 
ATOM   81  N  N1    . G   A 1 4  ? 5.114   -2.513  -9.398  1.00 21.94 ? 51  G   A N1    1 
ATOM   82  C  C2    . G   A 1 4  ? 6.411   -2.264  -9.036  1.00 22.98 ? 51  G   A C2    1 
ATOM   83  N  N2    . G   A 1 4  ? 6.700   -0.991  -8.806  1.00 23.33 ? 51  G   A N2    1 
ATOM   84  N  N3    . G   A 1 4  ? 7.354   -3.176  -8.917  1.00 20.67 ? 51  G   A N3    1 
ATOM   85  C  C4    . G   A 1 4  ? 6.881   -4.411  -9.182  1.00 25.17 ? 51  G   A C4    1 
ATOM   86  P  P     . G   A 1 5  ? 8.517   -7.458  -4.368  1.00 27.80 ? 52  G   A P     1 
ATOM   87  O  OP1   . G   A 1 5  ? 9.258   -7.879  -3.150  1.00 26.75 ? 52  G   A OP1   1 
ATOM   88  O  OP2   . G   A 1 5  ? 7.272   -8.180  -4.740  1.00 29.52 ? 52  G   A OP2   1 
ATOM   89  O  "O5'" . G   A 1 5  ? 8.199   -5.902  -4.208  1.00 28.89 ? 52  G   A "O5'" 1 
ATOM   90  C  "C5'" . G   A 1 5  ? 9.258   -4.951  -3.977  1.00 27.91 ? 52  G   A "C5'" 1 
ATOM   91  C  "C4'" . G   A 1 5  ? 8.713   -3.541  -3.974  1.00 29.33 ? 52  G   A "C4'" 1 
ATOM   92  O  "O4'" . G   A 1 5  ? 8.189   -3.211  -5.290  1.00 25.07 ? 52  G   A "O4'" 1 
ATOM   93  C  "C3'" . G   A 1 5  ? 7.556   -3.272  -3.021  1.00 27.76 ? 52  G   A "C3'" 1 
ATOM   94  O  "O3'" . G   A 1 5  ? 8.038   -2.968  -1.712  1.00 31.82 ? 52  G   A "O3'" 1 
ATOM   95  C  "C2'" . G   A 1 5  ? 6.898   -2.058  -3.663  1.00 25.91 ? 52  G   A "C2'" 1 
ATOM   96  O  "O2'" . G   A 1 5  ? 7.588   -0.860  -3.364  1.00 31.54 ? 52  G   A "O2'" 1 
ATOM   97  C  "C1'" . G   A 1 5  ? 7.051   -2.377  -5.153  1.00 27.02 ? 52  G   A "C1'" 1 
ATOM   98  N  N9    . G   A 1 5  ? 5.892   -3.087  -5.689  1.00 25.90 ? 52  G   A N9    1 
ATOM   99  C  C8    . G   A 1 5  ? 5.752   -4.439  -5.918  1.00 23.44 ? 52  G   A C8    1 
ATOM   100 N  N7    . G   A 1 5  ? 4.571   -4.756  -6.372  1.00 22.17 ? 52  G   A N7    1 
ATOM   101 C  C5    . G   A 1 5  ? 3.875   -3.546  -6.448  1.00 24.64 ? 52  G   A C5    1 
ATOM   102 C  C6    . G   A 1 5  ? 2.541   -3.231  -6.879  1.00 23.21 ? 52  G   A C6    1 
ATOM   103 O  O6    . G   A 1 5  ? 1.640   -3.971  -7.298  1.00 20.45 ? 52  G   A O6    1 
ATOM   104 N  N1    . G   A 1 5  ? 2.272   -1.869  -6.785  1.00 21.84 ? 52  G   A N1    1 
ATOM   105 C  C2    . G   A 1 5  ? 3.157   -0.914  -6.351  1.00 24.43 ? 52  G   A C2    1 
ATOM   106 N  N2    . G   A 1 5  ? 2.694   0.351   -6.338  1.00 22.04 ? 52  G   A N2    1 
ATOM   107 N  N3    . G   A 1 5  ? 4.398   -1.189  -5.951  1.00 24.15 ? 52  G   A N3    1 
ATOM   108 C  C4    . G   A 1 5  ? 4.688   -2.509  -6.022  1.00 24.75 ? 52  G   A C4    1 
ATOM   109 P  P     . A   A 1 6  ? 7.557   -3.837  -0.445  1.00 30.09 ? 53  A   A P     1 
ATOM   110 O  OP1   . A   A 1 6  ? 8.535   -3.609  0.648   1.00 32.03 ? 53  A   A OP1   1 
ATOM   111 O  OP2   . A   A 1 6  ? 7.269   -5.215  -0.898  1.00 32.20 ? 53  A   A OP2   1 
ATOM   112 O  "O5'" . A   A 1 6  ? 6.178   -3.168  -0.020  1.00 28.99 ? 53  A   A "O5'" 1 
ATOM   113 C  "C5'" . A   A 1 6  ? 6.064   -1.743  -0.011  1.00 24.97 ? 53  A   A "C5'" 1 
ATOM   114 C  "C4'" . A   A 1 6  ? 5.090   -1.288  1.044   1.00 26.89 ? 53  A   A "C4'" 1 
ATOM   115 O  "O4'" . A   A 1 6  ? 3.755   -1.235  0.484   1.00 25.05 ? 53  A   A "O4'" 1 
ATOM   116 C  "C3'" . A   A 1 6  ? 4.997   -2.118  2.324   1.00 27.05 ? 53  A   A "C3'" 1 
ATOM   117 O  "O3'" . A   A 1 6  ? 5.005   -1.277  3.474   1.00 31.15 ? 53  A   A "O3'" 1 
ATOM   118 C  "C2'" . A   A 1 6  ? 3.621   -2.777  2.231   1.00 28.79 ? 53  A   A "C2'" 1 
ATOM   119 O  "O2'" . A   A 1 6  ? 3.028   -2.840  3.511   1.00 31.68 ? 53  A   A "O2'" 1 
ATOM   120 C  "C1'" . A   A 1 6  ? 2.837   -1.751  1.417   1.00 24.47 ? 53  A   A "C1'" 1 
ATOM   121 N  N9    . A   A 1 6  ? 1.691   -2.277  0.683   1.00 24.86 ? 53  A   A N9    1 
ATOM   122 C  C8    . A   A 1 6  ? 1.384   -3.573  0.356   1.00 26.97 ? 53  A   A C8    1 
ATOM   123 N  N7    . A   A 1 6  ? 0.268   -3.691  -0.330  1.00 27.43 ? 53  A   A N7    1 
ATOM   124 C  C5    . A   A 1 6  ? -0.197  -2.390  -0.483  1.00 26.36 ? 53  A   A C5    1 
ATOM   125 C  C6    . A   A 1 6  ? -1.338  -1.835  -1.120  1.00 23.81 ? 53  A   A C6    1 
ATOM   126 N  N6    . A   A 1 6  ? -2.270  -2.539  -1.760  1.00 23.72 ? 53  A   A N6    1 
ATOM   127 N  N1    . A   A 1 6  ? -1.495  -0.494  -1.080  1.00 26.22 ? 53  A   A N1    1 
ATOM   128 C  C2    . A   A 1 6  ? -0.565  0.230   -0.439  1.00 27.02 ? 53  A   A C2    1 
ATOM   129 N  N3    . A   A 1 6  ? 0.544   -0.177  0.192   1.00 26.35 ? 53  A   A N3    1 
ATOM   130 C  C4    . A   A 1 6  ? 0.677   -1.512  0.142   1.00 24.96 ? 53  A   A C4    1 
ATOM   131 P  P     . A   A 1 7  ? 6.238   -1.350  4.506   1.00 26.20 ? 54  A   A P     1 
ATOM   132 O  OP1   . A   A 1 7  ? 6.462   -2.791  4.844   1.00 27.75 ? 54  A   A OP1   1 
ATOM   133 O  OP2   . A   A 1 7  ? 5.913   -0.388  5.595   1.00 26.67 ? 54  A   A OP2   1 
ATOM   134 O  "O5'" . A   A 1 7  ? 7.456   -0.814  3.628   1.00 27.77 ? 54  A   A "O5'" 1 
ATOM   135 C  "C5'" . A   A 1 7  ? 8.729   -0.476  4.211   1.00 30.10 ? 54  A   A "C5'" 1 
ATOM   136 C  "C4'" . A   A 1 7  ? 8.832   1.019   4.428   1.00 32.52 ? 54  A   A "C4'" 1 
ATOM   137 O  "O4'" . A   A 1 7  ? 10.081  1.297   5.123   1.00 29.59 ? 54  A   A "O4'" 1 
ATOM   138 C  "C3'" . A   A 1 7  ? 8.860   1.886   3.170   1.00 28.35 ? 54  A   A "C3'" 1 
ATOM   139 O  "O3'" . A   A 1 7  ? 8.347   3.179   3.498   1.00 28.79 ? 54  A   A "O3'" 1 
ATOM   140 C  "C2'" . A   A 1 7  ? 10.353  2.005   2.890   1.00 30.18 ? 54  A   A "C2'" 1 
ATOM   141 O  "O2'" . A   A 1 7  ? 10.726  3.153   2.154   1.00 32.59 ? 54  A   A "O2'" 1 
ATOM   142 C  "C1'" . A   A 1 7  ? 10.912  2.102   4.309   1.00 28.14 ? 54  A   A "C1'" 1 
ATOM   143 N  N9    . A   A 1 7  ? 12.277  1.609   4.443   1.00 29.41 ? 54  A   A N9    1 
ATOM   144 C  C8    . A   A 1 7  ? 12.825  0.454   3.931   1.00 33.06 ? 54  A   A C8    1 
ATOM   145 N  N7    . A   A 1 7  ? 14.091  0.283   4.249   1.00 30.06 ? 54  A   A N7    1 
ATOM   146 C  C5    . A   A 1 7  ? 14.387  1.403   5.034   1.00 33.05 ? 54  A   A C5    1 
ATOM   147 C  C6    . A   A 1 7  ? 15.559  1.838   5.692   1.00 28.35 ? 54  A   A C6    1 
ATOM   148 N  N6    . A   A 1 7  ? 16.705  1.168   5.663   1.00 27.05 ? 54  A   A N6    1 
ATOM   149 N  N1    . A   A 1 7  ? 15.509  3.001   6.384   1.00 26.58 ? 54  A   A N1    1 
ATOM   150 C  C2    . A   A 1 7  ? 14.367  3.686   6.410   1.00 24.67 ? 54  A   A C2    1 
ATOM   151 N  N3    . A   A 1 7  ? 13.202  3.385   5.839   1.00 25.18 ? 54  A   A N3    1 
ATOM   152 C  C4    . A   A 1 7  ? 13.277  2.225   5.159   1.00 28.49 ? 54  A   A C4    1 
ATOM   153 P  P     . C   A 1 8  ? 7.339   3.950   2.507   1.00 23.85 ? 55  C   A P     1 
ATOM   154 O  OP1   . C   A 1 8  ? 7.508   3.527   1.098   1.00 24.31 ? 55  C   A OP1   1 
ATOM   155 O  OP2   . C   A 1 8  ? 7.492   5.373   2.861   1.00 24.80 ? 55  C   A OP2   1 
ATOM   156 O  "O5'" . C   A 1 8  ? 5.893   3.501   3.012   1.00 25.27 ? 55  C   A "O5'" 1 
ATOM   157 C  "C5'" . C   A 1 8  ? 5.567   2.105   3.130   1.00 24.65 ? 55  C   A "C5'" 1 
ATOM   158 C  "C4'" . C   A 1 8  ? 4.071   1.891   3.140   1.00 28.16 ? 55  C   A "C4'" 1 
ATOM   159 O  "O4'" . C   A 1 8  ? 3.501   2.366   4.390   1.00 25.67 ? 55  C   A "O4'" 1 
ATOM   160 C  "C3'" . C   A 1 8  ? 3.260   2.596   2.059   1.00 25.58 ? 55  C   A "C3'" 1 
ATOM   161 O  "O3'" . C   A 1 8  ? 3.223   1.849   0.841   1.00 28.75 ? 55  C   A "O3'" 1 
ATOM   162 C  "C2'" . C   A 1 8  ? 1.867   2.609   2.671   1.00 25.72 ? 55  C   A "C2'" 1 
ATOM   163 O  "O2'" . C   A 1 8  ? 1.243   1.351   2.488   1.00 23.28 ? 55  C   A "O2'" 1 
ATOM   164 C  "C1'" . C   A 1 8  ? 2.181   2.830   4.154   1.00 28.39 ? 55  C   A "C1'" 1 
ATOM   165 N  N1    . C   A 1 8  ? 2.098   4.246   4.587   1.00 30.27 ? 55  C   A N1    1 
ATOM   166 C  C2    . C   A 1 8  ? 0.844   4.771   4.947   1.00 29.08 ? 55  C   A C2    1 
ATOM   167 O  O2    . C   A 1 8  ? -0.170  4.043   4.875   1.00 27.04 ? 55  C   A O2    1 
ATOM   168 N  N3    . C   A 1 8  ? 0.774   6.061   5.364   1.00 27.11 ? 55  C   A N3    1 
ATOM   169 C  C4    . C   A 1 8  ? 1.880   6.809   5.436   1.00 31.57 ? 55  C   A C4    1 
ATOM   170 N  N4    . C   A 1 8  ? 1.756   8.072   5.856   1.00 28.90 ? 55  C   A N4    1 
ATOM   171 C  C5    . C   A 1 8  ? 3.168   6.294   5.086   1.00 27.59 ? 55  C   A C5    1 
ATOM   172 C  C6    . C   A 1 8  ? 3.224   5.022   4.675   1.00 26.90 ? 55  C   A C6    1 
ATOM   173 P  P     . U   A 1 9  ? 2.866   2.586   -0.551  1.00 23.13 ? 56  U   A P     1 
ATOM   174 O  OP1   . U   A 1 9  ? 1.440   3.018   -0.506  1.00 24.09 ? 56  U   A OP1   1 
ATOM   175 O  OP2   . U   A 1 9  ? 3.313   1.727   -1.670  1.00 23.08 ? 56  U   A OP2   1 
ATOM   176 O  "O5'" . U   A 1 9  ? 3.811   3.872   -0.511  1.00 22.52 ? 56  U   A "O5'" 1 
ATOM   177 C  "C5'" . U   A 1 9  ? 4.118   4.601   -1.717  1.00 23.82 ? 56  U   A "C5'" 1 
ATOM   178 C  "C4'" . U   A 1 9  ? 4.640   5.975   -1.383  1.00 24.49 ? 56  U   A "C4'" 1 
ATOM   179 O  "O4'" . U   A 1 9  ? 3.566   6.793   -0.837  1.00 22.04 ? 56  U   A "O4'" 1 
ATOM   180 C  "C3'" . U   A 1 9  ? 5.773   6.026   -0.362  1.00 25.57 ? 56  U   A "C3'" 1 
ATOM   181 O  "O3'" . U   A 1 9  ? 6.701   7.031   -0.747  1.00 22.16 ? 56  U   A "O3'" 1 
ATOM   182 C  "C2'" . U   A 1 9  ? 5.060   6.438   0.922   1.00 23.32 ? 56  U   A "C2'" 1 
ATOM   183 O  "O2'" . U   A 1 9  ? 5.897   7.156   1.799   1.00 22.87 ? 56  U   A "O2'" 1 
ATOM   184 C  "C1'" . U   A 1 9  ? 3.993   7.378   0.375   1.00 21.72 ? 56  U   A "C1'" 1 
ATOM   185 N  N1    . U   A 1 9  ? 2.815   7.557   1.236   1.00 26.71 ? 56  U   A N1    1 
ATOM   186 C  C2    . U   A 1 9  ? 2.635   8.789   1.876   1.00 25.71 ? 56  U   A C2    1 
ATOM   187 O  O2    . U   A 1 9  ? 3.422   9.722   1.794   1.00 22.76 ? 56  U   A O2    1 
ATOM   188 N  N3    . U   A 1 9  ? 1.491   8.873   2.632   1.00 23.90 ? 56  U   A N3    1 
ATOM   189 C  C4    . U   A 1 9  ? 0.545   7.870   2.794   1.00 28.38 ? 56  U   A C4    1 
ATOM   190 O  O4    . U   A 1 9  ? -0.438  8.065   3.496   1.00 29.72 ? 56  U   A O4    1 
ATOM   191 C  C5    . U   A 1 9  ? 0.800   6.645   2.104   1.00 25.88 ? 56  U   A C5    1 
ATOM   192 C  C6    . U   A 1 9  ? 1.900   6.538   1.356   1.00 26.61 ? 56  U   A C6    1 
ATOM   193 P  P     . A   A 1 10 ? 7.412   6.949   -2.185  1.00 26.37 ? 57  A   A P     1 
ATOM   194 O  OP1   . A   A 1 10 ? 7.352   5.542   -2.677  1.00 26.80 ? 57  A   A OP1   1 
ATOM   195 O  OP2   . A   A 1 10 ? 8.737   7.611   -2.017  1.00 27.00 ? 57  A   A OP2   1 
ATOM   196 O  "O5'" . A   A 1 10 ? 6.486   7.849   -3.125  1.00 28.66 ? 57  A   A "O5'" 1 
ATOM   197 C  "C5'" . A   A 1 10 ? 6.990   9.019   -3.803  1.00 24.40 ? 57  A   A "C5'" 1 
ATOM   198 C  "C4'" . A   A 1 10 ? 5.919   9.583   -4.708  1.00 25.24 ? 57  A   A "C4'" 1 
ATOM   199 O  "O4'" . A   A 1 10 ? 5.706   8.668   -5.814  1.00 23.17 ? 57  A   A "O4'" 1 
ATOM   200 C  "C3'" . A   A 1 10 ? 4.543   9.753   -4.073  1.00 24.30 ? 57  A   A "C3'" 1 
ATOM   201 O  "O3'" . A   A 1 10 ? 4.375   11.006  -3.413  1.00 24.27 ? 57  A   A "O3'" 1 
ATOM   202 C  "C2'" . A   A 1 10 ? 3.622   9.664   -5.279  1.00 25.19 ? 57  A   A "C2'" 1 
ATOM   203 O  "O2'" . A   A 1 10 ? 3.602   10.880  -5.995  1.00 23.71 ? 57  A   A "O2'" 1 
ATOM   204 C  "C1'" . A   A 1 10 ? 4.322   8.591   -6.113  1.00 26.37 ? 57  A   A "C1'" 1 
ATOM   205 N  N9    . A   A 1 10 ? 3.859   7.228   -5.836  1.00 25.75 ? 57  A   A N9    1 
ATOM   206 C  C8    . A   A 1 10 ? 4.515   6.197   -5.183  1.00 24.27 ? 57  A   A C8    1 
ATOM   207 N  N7    . A   A 1 10 ? 3.829   5.082   -5.100  1.00 21.90 ? 57  A   A N7    1 
ATOM   208 C  C5    . A   A 1 10 ? 2.637   5.375   -5.742  1.00 23.50 ? 57  A   A C5    1 
ATOM   209 C  C6    . A   A 1 10 ? 1.481   4.598   -6.013  1.00 24.74 ? 57  A   A C6    1 
ATOM   210 N  N6    . A   A 1 10 ? 1.301   3.321   -5.657  1.00 21.28 ? 57  A   A N6    1 
ATOM   211 N  N1    . A   A 1 10 ? 0.482   5.211   -6.680  1.00 23.91 ? 57  A   A N1    1 
ATOM   212 C  C2    . A   A 1 10 ? 0.637   6.499   -7.051  1.00 24.90 ? 57  A   A C2    1 
ATOM   213 N  N3    . A   A 1 10 ? 1.665   7.324   -6.860  1.00 23.78 ? 57  A   A N3    1 
ATOM   214 C  C4    . A   A 1 10 ? 2.648   6.691   -6.200  1.00 22.92 ? 57  A   A C4    1 
ATOM   215 P  P     . C   A 1 11 ? 4.332   11.054  -1.804  1.00 27.33 ? 58  C   A P     1 
ATOM   216 O  OP1   . C   A 1 11 ? 3.789   12.363  -1.358  1.00 25.42 ? 58  C   A OP1   1 
ATOM   217 O  OP2   . C   A 1 11 ? 5.681   10.621  -1.336  1.00 26.34 ? 58  C   A OP2   1 
ATOM   218 O  "O5'" . C   A 1 11 ? 3.297   9.897   -1.429  1.00 25.15 ? 58  C   A "O5'" 1 
ATOM   219 C  "C5'" . C   A 1 11 ? 1.920   10.175  -1.103  1.00 22.53 ? 58  C   A "C5'" 1 
ATOM   220 C  "C4'" . C   A 1 11 ? 1.066   10.319  -2.346  1.00 22.26 ? 58  C   A "C4'" 1 
ATOM   221 O  "O4'" . C   A 1 11 ? 1.379   9.256   -3.283  1.00 21.92 ? 58  C   A "O4'" 1 
ATOM   222 C  "C3'" . C   A 1 11 ? -0.431  10.197  -2.094  1.00 23.89 ? 58  C   A "C3'" 1 
ATOM   223 O  "O3'" . C   A 1 11 ? -0.982  11.469  -1.786  1.00 25.58 ? 58  C   A "O3'" 1 
ATOM   224 C  "C2'" . C   A 1 11 ? -0.963  9.670   -3.422  1.00 24.41 ? 58  C   A "C2'" 1 
ATOM   225 O  "O2'" . C   A 1 11 ? -1.268  10.672  -4.379  1.00 24.22 ? 58  C   A "O2'" 1 
ATOM   226 C  "C1'" . C   A 1 11 ? 0.189   8.777   -3.884  1.00 21.22 ? 58  C   A "C1'" 1 
ATOM   227 N  N1    . C   A 1 11 ? 0.029   7.357   -3.518  1.00 23.18 ? 58  C   A N1    1 
ATOM   228 C  C2    . C   A 1 11 ? -0.942  6.586   -4.181  1.00 23.55 ? 58  C   A C2    1 
ATOM   229 O  O2    . C   A 1 11 ? -1.672  7.110   -5.038  1.00 19.78 ? 58  C   A O2    1 
ATOM   230 N  N3    . C   A 1 11 ? -1.070  5.276   -3.860  1.00 23.23 ? 58  C   A N3    1 
ATOM   231 C  C4    . C   A 1 11 ? -0.284  4.713   -2.944  1.00 23.64 ? 58  C   A C4    1 
ATOM   232 N  N4    . C   A 1 11 ? -0.475  3.413   -2.687  1.00 20.69 ? 58  C   A N4    1 
ATOM   233 C  C5    . C   A 1 11 ? 0.725   5.471   -2.264  1.00 23.54 ? 58  C   A C5    1 
ATOM   234 C  C6    . C   A 1 11 ? 0.844   6.771   -2.585  1.00 21.12 ? 58  C   A C6    1 
ATOM   235 P  P     . U   A 1 12 ? -2.067  11.599  -0.605  1.00 26.93 ? 59  U   A P     1 
ATOM   236 O  OP1   . U   A 1 12 ? -2.330  13.052  -0.467  1.00 28.31 ? 59  U   A OP1   1 
ATOM   237 O  OP2   . U   A 1 12 ? -1.606  10.807  0.564   1.00 27.31 ? 59  U   A OP2   1 
ATOM   238 O  "O5'" . U   A 1 12 ? -3.388  10.926  -1.188  1.00 23.51 ? 59  U   A "O5'" 1 
ATOM   239 C  "C5'" . U   A 1 12 ? -3.957  11.412  -2.412  1.00 23.80 ? 59  U   A "C5'" 1 
ATOM   240 C  "C4'" . U   A 1 12 ? -5.163  10.588  -2.770  1.00 23.11 ? 59  U   A "C4'" 1 
ATOM   241 O  "O4'" . U   A 1 12 ? -4.749  9.393   -3.487  1.00 24.99 ? 59  U   A "O4'" 1 
ATOM   242 C  "C3'" . U   A 1 12 ? -5.948  10.040  -1.592  1.00 22.85 ? 59  U   A "C3'" 1 
ATOM   243 O  "O3'" . U   A 1 12 ? -6.742  11.039  -0.961  1.00 22.80 ? 59  U   A "O3'" 1 
ATOM   244 C  "C2'" . U   A 1 12 ? -6.707  8.896   -2.251  1.00 23.48 ? 59  U   A "C2'" 1 
ATOM   245 O  "O2'" . U   A 1 12 ? -7.757  9.319   -3.101  1.00 21.25 ? 59  U   A "O2'" 1 
ATOM   246 C  "C1'" . U   A 1 12 ? -5.624  8.322   -3.165  1.00 24.97 ? 59  U   A "C1'" 1 
ATOM   247 N  N1    . U   A 1 12 ? -4.830  7.233   -2.546  1.00 20.58 ? 59  U   A N1    1 
ATOM   248 C  C2    . U   A 1 12 ? -5.325  5.950   -2.682  1.00 22.42 ? 59  U   A C2    1 
ATOM   249 O  O2    . U   A 1 12 ? -6.365  5.703   -3.268  1.00 20.01 ? 59  U   A O2    1 
ATOM   250 N  N3    . U   A 1 12 ? -4.558  4.963   -2.106  1.00 25.08 ? 59  U   A N3    1 
ATOM   251 C  C4    . U   A 1 12 ? -3.372  5.126   -1.420  1.00 21.96 ? 59  U   A C4    1 
ATOM   252 O  O4    . U   A 1 12 ? -2.803  4.142   -0.954  1.00 21.92 ? 59  U   A O4    1 
ATOM   253 C  C5    . U   A 1 12 ? -2.934  6.479   -1.328  1.00 22.69 ? 59  U   A C5    1 
ATOM   254 C  C6    . U   A 1 12 ? -3.656  7.462   -1.879  1.00 21.70 ? 59  U   A C6    1 
ATOM   255 P  P     . G   A 1 13 ? -7.386  10.757  0.485   1.00 30.22 ? 60  G   A P     1 
ATOM   256 O  OP1   . G   A 1 13 ? -8.104  11.991  0.913   1.00 28.50 ? 60  G   A OP1   1 
ATOM   257 O  OP2   . G   A 1 13 ? -6.398  10.132  1.408   1.00 28.67 ? 60  G   A OP2   1 
ATOM   258 O  "O5'" . G   A 1 13 ? -8.500  9.684   0.125   1.00 26.39 ? 60  G   A "O5'" 1 
ATOM   259 C  "C5'" . G   A 1 13 ? -8.886  8.691   1.075   1.00 27.06 ? 60  G   A "C5'" 1 
ATOM   260 C  "C4'" . G   A 1 13 ? -9.668  7.596   0.394   1.00 28.84 ? 60  G   A "C4'" 1 
ATOM   261 O  "O4'" . G   A 1 13 ? -8.832  6.927   -0.591  1.00 24.22 ? 60  G   A "O4'" 1 
ATOM   262 C  "C3'" . G   A 1 13 ? -10.116 6.506   1.347   1.00 26.09 ? 60  G   A "C3'" 1 
ATOM   263 O  "O3'" . G   A 1 13 ? -11.361 6.908   1.887   1.00 26.66 ? 60  G   A "O3'" 1 
ATOM   264 C  "C2'" . G   A 1 13 ? -10.196 5.288   0.443   1.00 26.73 ? 60  G   A "C2'" 1 
ATOM   265 O  "O2'" . G   A 1 13 ? -11.434 5.235   -0.236  1.00 25.34 ? 60  G   A "O2'" 1 
ATOM   266 C  "C1'" . G   A 1 13 ? -9.001  5.524   -0.484  1.00 25.11 ? 60  G   A "C1'" 1 
ATOM   267 N  N9    . G   A 1 13 ? -7.760  4.958   0.039   1.00 24.39 ? 60  G   A N9    1 
ATOM   268 C  C8    . G   A 1 13 ? -6.660  5.630   0.520   1.00 24.01 ? 60  G   A C8    1 
ATOM   269 N  N7    . G   A 1 13 ? -5.711  4.822   0.922   1.00 24.31 ? 60  G   A N7    1 
ATOM   270 C  C5    . G   A 1 13 ? -6.198  3.538   0.708   1.00 24.96 ? 60  G   A C5    1 
ATOM   271 C  C6    . G   A 1 13 ? -5.626  2.241   0.946   1.00 26.52 ? 60  G   A C6    1 
ATOM   272 O  O6    . G   A 1 13 ? -4.521  1.931   1.423   1.00 21.69 ? 60  G   A O6    1 
ATOM   273 N  N1    . G   A 1 13 ? -6.508  1.230   0.562   1.00 25.00 ? 60  G   A N1    1 
ATOM   274 C  C2    . G   A 1 13 ? -7.760  1.434   0.032   1.00 24.74 ? 60  G   A C2    1 
ATOM   275 N  N2    . G   A 1 13 ? -8.494  0.355   -0.282  1.00 25.23 ? 60  G   A N2    1 
ATOM   276 N  N3    . G   A 1 13 ? -8.285  2.621   -0.181  1.00 23.35 ? 60  G   A N3    1 
ATOM   277 C  C4    . G   A 1 13 ? -7.463  3.619   0.165   1.00 23.96 ? 60  G   A C4    1 
ATOM   278 P  P     . U   A 1 14 ? -11.617 6.728   3.460   1.00 33.33 ? 61  U   A P     1 
ATOM   279 O  OP1   . U   A 1 14 ? -13.011 7.168   3.749   1.00 31.07 ? 61  U   A OP1   1 
ATOM   280 O  OP2   . U   A 1 14 ? -10.478 7.311   4.218   1.00 29.25 ? 61  U   A OP2   1 
ATOM   281 O  "O5'" . U   A 1 14 ? -11.564 5.146   3.616   1.00 33.13 ? 61  U   A "O5'" 1 
ATOM   282 C  "C5'" . U   A 1 14 ? -12.533 4.338   2.933   1.00 28.73 ? 61  U   A "C5'" 1 
ATOM   283 C  "C4'" . U   A 1 14 ? -12.112 2.893   2.945   1.00 32.30 ? 61  U   A "C4'" 1 
ATOM   284 O  "O4'" . U   A 1 14 ? -10.837 2.744   2.269   1.00 31.64 ? 61  U   A "O4'" 1 
ATOM   285 C  "C3'" . U   A 1 14 ? -11.858 2.291   4.315   1.00 32.60 ? 61  U   A "C3'" 1 
ATOM   286 O  "O3'" . U   A 1 14 ? -13.076 1.930   4.951   1.00 32.54 ? 61  U   A "O3'" 1 
ATOM   287 C  "C2'" . U   A 1 14 ? -10.990 1.091   3.963   1.00 27.27 ? 61  U   A "C2'" 1 
ATOM   288 O  "O2'" . U   A 1 14 ? -11.736 0.024   3.423   1.00 31.09 ? 61  U   A "O2'" 1 
ATOM   289 C  "C1'" . U   A 1 14 ? -10.114 1.673   2.853   1.00 29.27 ? 61  U   A "C1'" 1 
ATOM   290 N  N1    . U   A 1 14 ? -8.827  2.192   3.348   1.00 29.51 ? 61  U   A N1    1 
ATOM   291 C  C2    . U   A 1 14 ? -7.877  1.227   3.630   1.00 27.67 ? 61  U   A C2    1 
ATOM   292 O  O2    . U   A 1 14 ? -8.096  0.037   3.479   1.00 29.51 ? 61  U   A O2    1 
ATOM   293 N  N3    . U   A 1 14 ? -6.687  1.702   4.099   1.00 24.90 ? 61  U   A N3    1 
ATOM   294 C  C4    . U   A 1 14 ? -6.373  3.022   4.311   1.00 26.17 ? 61  U   A C4    1 
ATOM   295 O  O4    . U   A 1 14 ? -5.254  3.279   4.740   1.00 32.01 ? 61  U   A O4    1 
ATOM   296 C  C5    . U   A 1 14 ? -7.408  3.973   4.004   1.00 25.22 ? 61  U   A C5    1 
ATOM   297 C  C6    . U   A 1 14 ? -8.584  3.538   3.538   1.00 27.36 ? 61  U   A C6    1 
ATOM   298 P  P     . C   A 1 15 ? -13.130 1.892   6.551   1.00 31.80 ? 62  C   A P     1 
ATOM   299 O  OP1   . C   A 1 15 ? -14.541 2.136   6.959   1.00 36.62 ? 62  C   A OP1   1 
ATOM   300 O  OP2   . C   A 1 15 ? -12.057 2.779   7.047   1.00 29.67 ? 62  C   A OP2   1 
ATOM   301 O  "O5'" . C   A 1 15 ? -12.690 0.402   6.916   1.00 27.32 ? 62  C   A "O5'" 1 
ATOM   302 C  "C5'" . C   A 1 15 ? -13.407 -0.734  6.391   1.00 31.09 ? 62  C   A "C5'" 1 
ATOM   303 C  "C4'" . C   A 1 15 ? -12.648 -2.013  6.663   1.00 30.62 ? 62  C   A "C4'" 1 
ATOM   304 O  "O4'" . C   A 1 15 ? -11.433 -2.030  5.867   1.00 29.22 ? 62  C   A "O4'" 1 
ATOM   305 C  "C3'" . C   A 1 15 ? -12.164 -2.216  8.091   1.00 24.33 ? 62  C   A "C3'" 1 
ATOM   306 O  "O3'" . C   A 1 15 ? -13.164 -2.757  8.948   1.00 24.21 ? 62  C   A "O3'" 1 
ATOM   307 C  "C2'" . C   A 1 15 ? -11.000 -3.178  7.894   1.00 27.73 ? 62  C   A "C2'" 1 
ATOM   308 O  "O2'" . C   A 1 15 ? -11.389 -4.522  7.668   1.00 26.39 ? 62  C   A "O2'" 1 
ATOM   309 C  "C1'" . C   A 1 15 ? -10.389 -2.639  6.603   1.00 27.04 ? 62  C   A "C1'" 1 
ATOM   310 N  N1    . C   A 1 15 ? -9.330  -1.635  6.821   1.00 31.06 ? 62  C   A N1    1 
ATOM   311 C  C2    . C   A 1 15 ? -8.049  -2.137  7.072   1.00 26.04 ? 62  C   A C2    1 
ATOM   312 O  O2    . C   A 1 15 ? -7.877  -3.365  7.109   1.00 28.59 ? 62  C   A O2    1 
ATOM   313 N  N3    . C   A 1 15 ? -7.037  -1.272  7.267   1.00 27.28 ? 62  C   A N3    1 
ATOM   314 C  C4    . C   A 1 15 ? -7.248  0.040   7.212   1.00 24.76 ? 62  C   A C4    1 
ATOM   315 N  N4    . C   A 1 15 ? -6.178  0.806   7.412   1.00 24.75 ? 62  C   A N4    1 
ATOM   316 C  C5    . C   A 1 15 ? -8.542  0.594   6.962   1.00 22.38 ? 62  C   A C5    1 
ATOM   317 C  C6    . C   A 1 15 ? -9.555  -0.272  6.775   1.00 27.06 ? 62  C   A C6    1 
ATOM   318 P  P     . U   A 1 16 ? -13.014 -2.595  10.544  1.00 27.76 ? 63  U   A P     1 
ATOM   319 O  OP1   . U   A 1 16 ? -14.183 -3.241  11.162  1.00 31.25 ? 63  U   A OP1   1 
ATOM   320 O  OP2   . U   A 1 16 ? -12.681 -1.186  10.888  1.00 30.94 ? 63  U   A OP2   1 
ATOM   321 O  "O5'" . U   A 1 16 ? -11.727 -3.452  10.916  1.00 28.18 ? 63  U   A "O5'" 1 
ATOM   322 C  "C5'" . U   A 1 16 ? -11.729 -4.881  10.785  1.00 25.40 ? 63  U   A "C5'" 1 
ATOM   323 C  "C4'" . U   A 1 16 ? -10.372 -5.425  11.151  1.00 25.36 ? 63  U   A "C4'" 1 
ATOM   324 O  "O4'" . U   A 1 16 ? -9.384  -4.933  10.206  1.00 26.40 ? 63  U   A "O4'" 1 
ATOM   325 C  "C3'" . U   A 1 16 ? -9.839  -4.972  12.500  1.00 26.05 ? 63  U   A "C3'" 1 
ATOM   326 O  "O3'" . U   A 1 16 ? -10.375 -5.729  13.566  1.00 26.60 ? 63  U   A "O3'" 1 
ATOM   327 C  "C2'" . U   A 1 16 ? -8.344  -5.177  12.319  1.00 27.81 ? 63  U   A "C2'" 1 
ATOM   328 O  "O2'" . U   A 1 16 ? -7.990  -6.543  12.411  1.00 24.91 ? 63  U   A "O2'" 1 
ATOM   329 C  "C1'" . U   A 1 16 ? -8.161  -4.689  10.883  1.00 27.26 ? 63  U   A "C1'" 1 
ATOM   330 N  N1    . U   A 1 16 ? -7.852  -3.237  10.790  1.00 27.39 ? 63  U   A N1    1 
ATOM   331 C  C2    . U   A 1 16 ? -6.524  -2.930  10.954  1.00 25.92 ? 63  U   A C2    1 
ATOM   332 O  O2    . U   A 1 16 ? -5.712  -3.807  11.173  1.00 25.07 ? 63  U   A O2    1 
ATOM   333 N  N3    . U   A 1 16 ? -6.190  -1.593  10.867  1.00 27.44 ? 63  U   A N3    1 
ATOM   334 C  C4    . U   A 1 16 ? -7.044  -0.530  10.626  1.00 27.94 ? 63  U   A C4    1 
ATOM   335 O  O4    . U   A 1 16 ? -6.583  0.628   10.577  1.00 25.78 ? 63  U   A O4    1 
ATOM   336 C  C5    . U   A 1 16 ? -8.421  -0.935  10.470  1.00 22.22 ? 63  U   A C5    1 
ATOM   337 C  C6    . U   A 1 16 ? -8.770  -2.233  10.552  1.00 23.33 ? 63  U   A C6    1 
ATOM   338 P  P     . U   A 1 17 ? -10.689 -5.000  14.957  1.00 28.79 ? 64  U   A P     1 
ATOM   339 O  OP1   . U   A 1 17 ? -11.493 -5.959  15.743  1.00 34.43 ? 64  U   A OP1   1 
ATOM   340 O  OP2   . U   A 1 17 ? -11.207 -3.637  14.713  1.00 26.60 ? 64  U   A OP2   1 
ATOM   341 O  "O5'" . U   A 1 17 ? -9.262  -4.876  15.659  1.00 29.24 ? 64  U   A "O5'" 1 
ATOM   342 C  "C5'" . U   A 1 17 ? -8.584  -6.054  16.136  1.00 25.80 ? 64  U   A "C5'" 1 
ATOM   343 C  "C4'" . U   A 1 17 ? -7.210  -5.699  16.645  1.00 26.41 ? 64  U   A "C4'" 1 
ATOM   344 O  "O4'" . U   A 1 17 ? -6.420  -5.140  15.568  1.00 26.33 ? 64  U   A "O4'" 1 
ATOM   345 C  "C3'" . U   A 1 17 ? -7.167  -4.628  17.721  1.00 26.63 ? 64  U   A "C3'" 1 
ATOM   346 O  "O3'" . U   A 1 17 ? -7.426  -5.214  18.983  1.00 26.82 ? 64  U   A "O3'" 1 
ATOM   347 C  "C2'" . U   A 1 17 ? -5.739  -4.119  17.595  1.00 25.85 ? 64  U   A "C2'" 1 
ATOM   348 O  "O2'" . U   A 1 17 ? -4.778  -4.976  18.177  1.00 23.73 ? 64  U   A "O2'" 1 
ATOM   349 C  "C1'" . U   A 1 17 ? -5.551  -4.144  16.080  1.00 25.37 ? 64  U   A "C1'" 1 
ATOM   350 N  N1    . U   A 1 17 ? -5.862  -2.849  15.416  1.00 26.73 ? 64  U   A N1    1 
ATOM   351 C  C2    . U   A 1 17 ? -4.886  -1.876  15.562  1.00 25.61 ? 64  U   A C2    1 
ATOM   352 O  O2    . U   A 1 17 ? -3.857  -2.083  16.198  1.00 25.61 ? 64  U   A O2    1 
ATOM   353 N  N3    . U   A 1 17 ? -5.155  -0.668  14.955  1.00 24.36 ? 64  U   A N3    1 
ATOM   354 C  C4    . U   A 1 17 ? -6.285  -0.356  14.217  1.00 27.49 ? 64  U   A C4    1 
ATOM   355 O  O4    . U   A 1 17 ? -6.367  0.769   13.718  1.00 23.94 ? 64  U   A O4    1 
ATOM   356 C  C5    . U   A 1 17 ? -7.258  -1.424  14.106  1.00 24.36 ? 64  U   A C5    1 
ATOM   357 C  C6    . U   A 1 17 ? -7.018  -2.604  14.696  1.00 23.56 ? 64  U   A C6    1 
ATOM   358 P  P     . C   A 1 18 ? -8.497  -4.533  19.963  1.00 28.58 ? 65  C   A P     1 
ATOM   359 O  OP1   . C   A 1 18 ? -8.897  -5.593  20.925  1.00 25.04 ? 65  C   A OP1   1 
ATOM   360 O  OP2   . C   A 1 18 ? -9.537  -3.820  19.168  1.00 29.55 ? 65  C   A OP2   1 
ATOM   361 O  "O5'" . C   A 1 18 ? -7.633  -3.443  20.741  1.00 30.11 ? 65  C   A "O5'" 1 
ATOM   362 C  "C5'" . C   A 1 18 ? -6.554  -3.835  21.615  1.00 25.53 ? 65  C   A "C5'" 1 
ATOM   363 C  "C4'" . C   A 1 18 ? -5.480  -2.776  21.604  1.00 26.70 ? 65  C   A "C4'" 1 
ATOM   364 O  "O4'" . C   A 1 18 ? -5.080  -2.533  20.229  1.00 28.69 ? 65  C   A "O4'" 1 
ATOM   365 C  "C3'" . C   A 1 18 ? -5.901  -1.398  22.095  1.00 26.45 ? 65  C   A "C3'" 1 
ATOM   366 O  "O3'" . C   A 1 18 ? -5.900  -1.261  23.502  1.00 27.09 ? 65  C   A "O3'" 1 
ATOM   367 C  "C2'" . C   A 1 18 ? -4.865  -0.506  21.432  1.00 27.27 ? 65  C   A "C2'" 1 
ATOM   368 O  "O2'" . C   A 1 18 ? -3.578  -0.610  22.006  1.00 28.96 ? 65  C   A "O2'" 1 
ATOM   369 C  "C1'" . C   A 1 18 ? -4.773  -1.156  20.056  1.00 31.55 ? 65  C   A "C1'" 1 
ATOM   370 N  N1    . C   A 1 18 ? -5.720  -0.575  19.074  1.00 26.84 ? 65  C   A N1    1 
ATOM   371 C  C2    . C   A 1 18 ? -5.269  0.602   18.483  1.00 24.88 ? 65  C   A C2    1 
ATOM   372 O  O2    . C   A 1 18 ? -4.161  1.005   18.854  1.00 21.74 ? 65  C   A O2    1 
ATOM   373 N  N3    . C   A 1 18 ? -6.040  1.240   17.561  1.00 25.38 ? 65  C   A N3    1 
ATOM   374 C  C4    . C   A 1 18 ? -7.236  0.717   17.242  1.00 24.53 ? 65  C   A C4    1 
ATOM   375 N  N4    . C   A 1 18 ? -7.970  1.359   16.335  1.00 23.15 ? 65  C   A N4    1 
ATOM   376 C  C5    . C   A 1 18 ? -7.726  -0.493  17.838  1.00 25.77 ? 65  C   A C5    1 
ATOM   377 C  C6    . C   A 1 18 ? -6.941  -1.109  18.743  1.00 26.00 ? 65  C   A C6    1 
ATOM   378 P  P     . C   A 1 19 ? -6.982  -0.298  24.199  1.00 26.30 ? 66  C   A P     1 
ATOM   379 O  OP1   . C   A 1 19 ? -6.913  -0.690  25.639  1.00 28.14 ? 66  C   A OP1   1 
ATOM   380 O  OP2   . C   A 1 19 ? -8.292  -0.302  23.496  1.00 30.11 ? 66  C   A OP2   1 
ATOM   381 O  "O5'" . C   A 1 19 ? -6.381  1.163   24.018  1.00 24.82 ? 66  C   A "O5'" 1 
ATOM   382 C  "C5'" . C   A 1 19 ? -5.113  1.489   24.601  1.00 25.13 ? 66  C   A "C5'" 1 
ATOM   383 C  "C4'" . C   A 1 19 ? -4.653  2.838   24.112  1.00 29.10 ? 66  C   A "C4'" 1 
ATOM   384 O  "O4'" . C   A 1 19 ? -4.511  2.814   22.667  1.00 23.60 ? 66  C   A "O4'" 1 
ATOM   385 C  "C3'" . C   A 1 19 ? -5.605  4.003   24.348  1.00 24.81 ? 66  C   A "C3'" 1 
ATOM   386 O  "O3'" . C   A 1 19 ? -5.579  4.510   25.676  1.00 28.94 ? 66  C   A "O3'" 1 
ATOM   387 C  "C2'" . C   A 1 19 ? -5.095  5.016   23.336  1.00 24.36 ? 66  C   A "C2'" 1 
ATOM   388 O  "O2'" . C   A 1 19 ? -3.872  5.624   23.715  1.00 26.63 ? 66  C   A "O2'" 1 
ATOM   389 C  "C1'" . C   A 1 19 ? -4.781  4.109   22.149  1.00 24.75 ? 66  C   A "C1'" 1 
ATOM   390 N  N1    . C   A 1 19 ? -5.871  4.004   21.172  1.00 23.09 ? 66  C   A N1    1 
ATOM   391 C  C2    . C   A 1 19 ? -5.977  5.046   20.249  1.00 24.78 ? 66  C   A C2    1 
ATOM   392 O  O2    . C   A 1 19 ? -5.189  6.007   20.324  1.00 25.23 ? 66  C   A O2    1 
ATOM   393 N  N3    . C   A 1 19 ? -6.937  4.988   19.310  1.00 24.09 ? 66  C   A N3    1 
ATOM   394 C  C4    . C   A 1 19 ? -7.747  3.929   19.283  1.00 28.33 ? 66  C   A C4    1 
ATOM   395 N  N4    . C   A 1 19 ? -8.689  3.904   18.339  1.00 27.24 ? 66  C   A N4    1 
ATOM   396 C  C5    . C   A 1 19 ? -7.647  2.850   20.212  1.00 26.14 ? 66  C   A C5    1 
ATOM   397 C  C6    . C   A 1 19 ? -6.694  2.925   21.139  1.00 22.87 ? 66  C   A C6    1 
ATOM   398 P  P     . C   A 1 20 ? -6.919  5.139   26.305  1.00 27.09 ? 67  C   A P     1 
ATOM   399 O  OP1   . C   A 1 20 ? -6.569  5.443   27.712  1.00 34.24 ? 67  C   A OP1   1 
ATOM   400 O  OP2   . C   A 1 20 ? -8.096  4.292   26.014  1.00 32.62 ? 67  C   A OP2   1 
ATOM   401 O  "O5'" . C   A 1 20 ? -7.099  6.491   25.483  1.00 24.41 ? 67  C   A "O5'" 1 
ATOM   402 C  "C5'" . C   A 1 20 ? -6.048  7.472   25.492  1.00 22.68 ? 67  C   A "C5'" 1 
ATOM   403 C  "C4'" . C   A 1 20 ? -6.435  8.680   24.678  1.00 20.22 ? 67  C   A "C4'" 1 
ATOM   404 O  "O4'" . C   A 1 20 ? -6.364  8.361   23.262  1.00 23.88 ? 67  C   A "O4'" 1 
ATOM   405 C  "C3'" . C   A 1 20 ? -7.854  9.204   24.837  1.00 21.63 ? 67  C   A "C3'" 1 
ATOM   406 O  "O3'" . C   A 1 20 ? -8.088  9.921   26.042  1.00 19.58 ? 67  C   A "O3'" 1 
ATOM   407 C  "C2'" . C   A 1 20 ? -8.000  10.055  23.579  1.00 20.62 ? 67  C   A "C2'" 1 
ATOM   408 O  "O2'" . C   A 1 20 ? -7.323  11.293  23.616  1.00 24.54 ? 67  C   A "O2'" 1 
ATOM   409 C  "C1'" . C   A 1 20 ? -7.269  9.193   22.548  1.00 23.71 ? 67  C   A "C1'" 1 
ATOM   410 N  N1    . C   A 1 20 ? -8.184  8.340   21.737  1.00 22.39 ? 67  C   A N1    1 
ATOM   411 C  C2    . C   A 1 20 ? -8.796  8.937   20.623  1.00 24.09 ? 67  C   A C2    1 
ATOM   412 O  O2    . C   A 1 20 ? -8.548  10.121  20.340  1.00 20.12 ? 67  C   A O2    1 
ATOM   413 N  N3    . C   A 1 20 ? -9.653  8.221   19.857  1.00 24.80 ? 67  C   A N3    1 
ATOM   414 C  C4    . C   A 1 20 ? -9.920  6.961   20.152  1.00 24.09 ? 67  C   A C4    1 
ATOM   415 N  N4    . C   A 1 20 ? -10.766 6.320   19.340  1.00 24.70 ? 67  C   A N4    1 
ATOM   416 C  C5    . C   A 1 20 ? -9.319  6.323   21.287  1.00 29.17 ? 67  C   A C5    1 
ATOM   417 C  C6    . C   A 1 20 ? -8.474  7.045   22.052  1.00 23.73 ? 67  C   A C6    1 
ATOM   418 O  "O5'" . G   B 2 1  ? -9.124  11.449  11.886  1.00 29.89 ? 101 G   B "O5'" 1 
ATOM   419 C  "C5'" . G   B 2 1  ? -8.545  12.761  11.987  1.00 28.22 ? 101 G   B "C5'" 1 
ATOM   420 C  "C4'" . G   B 2 1  ? -7.625  12.824  13.182  1.00 34.56 ? 101 G   B "C4'" 1 
ATOM   421 O  "O4'" . G   B 2 1  ? -8.376  12.508  14.391  1.00 32.10 ? 101 G   B "O4'" 1 
ATOM   422 C  "C3'" . G   B 2 1  ? -6.478  11.823  13.188  1.00 31.27 ? 101 G   B "C3'" 1 
ATOM   423 O  "O3'" . G   B 2 1  ? -5.346  12.231  12.428  1.00 39.13 ? 101 G   B "O3'" 1 
ATOM   424 C  "C2'" . G   B 2 1  ? -6.160  11.735  14.672  1.00 31.46 ? 101 G   B "C2'" 1 
ATOM   425 O  "O2'" . G   B 2 1  ? -5.406  12.832  15.151  1.00 30.24 ? 101 G   B "O2'" 1 
ATOM   426 C  "C1'" . G   B 2 1  ? -7.568  11.736  15.267  1.00 30.11 ? 101 G   B "C1'" 1 
ATOM   427 N  N9    . G   B 2 1  ? -8.119  10.383  15.323  1.00 29.86 ? 101 G   B N9    1 
ATOM   428 C  C8    . G   B 2 1  ? -9.067  9.823   14.493  1.00 25.39 ? 101 G   B C8    1 
ATOM   429 N  N7    . G   B 2 1  ? -9.339  8.587   14.787  1.00 23.50 ? 101 G   B N7    1 
ATOM   430 C  C5    . G   B 2 1  ? -8.516  8.305   15.875  1.00 25.41 ? 101 G   B C5    1 
ATOM   431 C  C6    . G   B 2 1  ? -8.360  7.103   16.635  1.00 25.40 ? 101 G   B C6    1 
ATOM   432 O  O6    . G   B 2 1  ? -8.938  6.017   16.488  1.00 24.50 ? 101 G   B O6    1 
ATOM   433 N  N1    . G   B 2 1  ? -7.413  7.246   17.650  1.00 23.16 ? 101 G   B N1    1 
ATOM   434 C  C2    . G   B 2 1  ? -6.708  8.393   17.902  1.00 26.26 ? 101 G   B C2    1 
ATOM   435 N  N2    . G   B 2 1  ? -5.845  8.324   18.930  1.00 26.50 ? 101 G   B N2    1 
ATOM   436 N  N3    . G   B 2 1  ? -6.837  9.519   17.197  1.00 26.83 ? 101 G   B N3    1 
ATOM   437 C  C4    . G   B 2 1  ? -7.750  9.399   16.208  1.00 24.67 ? 101 G   B C4    1 
ATOM   438 P  P     . G   B 2 2  ? -4.527  11.140  11.574  1.00 40.42 ? 102 G   B P     1 
ATOM   439 O  OP1   . G   B 2 2  ? -3.518  11.930  10.823  1.00 47.57 ? 102 G   B OP1   1 
ATOM   440 O  OP2   . G   B 2 2  ? -5.460  10.246  10.841  1.00 36.19 ? 102 G   B OP2   1 
ATOM   441 O  "O5'" . G   B 2 2  ? -3.760  10.261  12.663  1.00 32.90 ? 102 G   B "O5'" 1 
ATOM   442 C  "C5'" . G   B 2 2  ? -2.779  10.876  13.512  1.00 31.02 ? 102 G   B "C5'" 1 
ATOM   443 C  "C4'" . G   B 2 2  ? -2.368  9.959   14.641  1.00 29.29 ? 102 G   B "C4'" 1 
ATOM   444 O  "O4'" . G   B 2 2  ? -3.522  9.595   15.450  1.00 25.94 ? 102 G   B "O4'" 1 
ATOM   445 C  "C3'" . G   B 2 2  ? -1.758  8.613   14.277  1.00 26.86 ? 102 G   B "C3'" 1 
ATOM   446 O  "O3'" . G   B 2 2  ? -0.394  8.646   13.838  1.00 27.73 ? 102 G   B "O3'" 1 
ATOM   447 C  "C2'" . G   B 2 2  ? -1.901  7.875   15.600  1.00 26.71 ? 102 G   B "C2'" 1 
ATOM   448 O  "O2'" . G   B 2 2  ? -0.921  8.301   16.527  1.00 24.14 ? 102 G   B "O2'" 1 
ATOM   449 C  "C1'" . G   B 2 2  ? -3.299  8.322   16.036  1.00 27.99 ? 102 G   B "C1'" 1 
ATOM   450 N  N9    . G   B 2 2  ? -4.331  7.401   15.567  1.00 28.68 ? 102 G   B N9    1 
ATOM   451 C  C8    . G   B 2 2  ? -5.227  7.539   14.520  1.00 26.93 ? 102 G   B C8    1 
ATOM   452 N  N7    . G   B 2 2  ? -5.992  6.489   14.359  1.00 24.18 ? 102 G   B N7    1 
ATOM   453 C  C5    . G   B 2 2  ? -5.572  5.603   15.354  1.00 26.96 ? 102 G   B C5    1 
ATOM   454 C  C6    . G   B 2 2  ? -6.027  4.292   15.687  1.00 26.63 ? 102 G   B C6    1 
ATOM   455 O  O6    . G   B 2 2  ? -6.929  3.642   15.147  1.00 27.34 ? 102 G   B O6    1 
ATOM   456 N  N1    . G   B 2 2  ? -5.319  3.743   16.754  1.00 23.08 ? 102 G   B N1    1 
ATOM   457 C  C2    . G   B 2 2  ? -4.309  4.385   17.434  1.00 26.52 ? 102 G   B C2    1 
ATOM   458 N  N2    . G   B 2 2  ? -3.754  3.702   18.444  1.00 24.28 ? 102 G   B N2    1 
ATOM   459 N  N3    . G   B 2 2  ? -3.873  5.609   17.147  1.00 25.85 ? 102 G   B N3    1 
ATOM   460 C  C4    . G   B 2 2  ? -4.546  6.153   16.103  1.00 26.28 ? 102 G   B C4    1 
ATOM   461 P  P     . U   B 2 3  ? 0.140   7.541   12.784  1.00 28.85 ? 103 U   B P     1 
ATOM   462 O  OP1   . U   B 2 3  ? 1.540   7.870   12.412  1.00 27.51 ? 103 U   B OP1   1 
ATOM   463 O  OP2   . U   B 2 3  ? -0.880  7.373   11.716  1.00 25.42 ? 103 U   B OP2   1 
ATOM   464 O  "O5'" . U   B 2 3  ? 0.127   6.158   13.577  1.00 23.89 ? 103 U   B "O5'" 1 
ATOM   465 C  "C5'" . U   B 2 3  ? 0.759   6.005   14.857  1.00 23.20 ? 103 U   B "C5'" 1 
ATOM   466 C  "C4'" . U   B 2 3  ? 0.377   4.674   15.457  1.00 26.57 ? 103 U   B "C4'" 1 
ATOM   467 O  "O4'" . U   B 2 3  ? -1.049  4.658   15.737  1.00 25.31 ? 103 U   B "O4'" 1 
ATOM   468 C  "C3'" . U   B 2 3  ? 0.609   3.459   14.569  1.00 25.72 ? 103 U   B "C3'" 1 
ATOM   469 O  "O3'" . U   B 2 3  ? 1.945   3.012   14.739  1.00 26.54 ? 103 U   B "O3'" 1 
ATOM   470 C  "C2'" . U   B 2 3  ? -0.389  2.457   15.130  1.00 22.31 ? 103 U   B "C2'" 1 
ATOM   471 O  "O2'" . U   B 2 3  ? 0.076   1.913   16.343  1.00 21.93 ? 103 U   B "O2'" 1 
ATOM   472 C  "C1'" . U   B 2 3  ? -1.567  3.364   15.487  1.00 24.72 ? 103 U   B "C1'" 1 
ATOM   473 N  N1    . U   B 2 3  ? -2.609  3.475   14.445  1.00 23.52 ? 103 U   B N1    1 
ATOM   474 C  C2    . U   B 2 3  ? -3.483  2.422   14.358  1.00 24.27 ? 103 U   B C2    1 
ATOM   475 O  O2    . U   B 2 3  ? -3.369  1.440   15.085  1.00 23.89 ? 103 U   B O2    1 
ATOM   476 N  N3    . U   B 2 3  ? -4.467  2.576   13.401  1.00 25.09 ? 103 U   B N3    1 
ATOM   477 C  C4    . U   B 2 3  ? -4.649  3.652   12.544  1.00 25.42 ? 103 U   B C4    1 
ATOM   478 O  O4    . U   B 2 3  ? -5.578  3.642   11.737  1.00 24.50 ? 103 U   B O4    1 
ATOM   479 C  C5    . U   B 2 3  ? -3.689  4.708   12.701  1.00 25.94 ? 103 U   B C5    1 
ATOM   480 C  C6    . U   B 2 3  ? -2.729  4.587   13.631  1.00 23.80 ? 103 U   B C6    1 
ATOM   481 P  P     . C   B 2 4  ? 2.701   2.239   13.547  1.00 29.64 ? 104 C   B P     1 
ATOM   482 O  OP1   . C   B 2 4  ? 4.125   2.236   13.983  1.00 34.43 ? 104 C   B OP1   1 
ATOM   483 O  OP2   . C   B 2 4  ? 2.341   2.799   12.221  1.00 28.68 ? 104 C   B OP2   1 
ATOM   484 O  "O5'" . C   B 2 4  ? 2.127   0.754   13.620  1.00 28.30 ? 104 C   B "O5'" 1 
ATOM   485 C  "C5'" . C   B 2 4  ? 2.133   0.026   14.864  1.00 28.53 ? 104 C   B "C5'" 1 
ATOM   486 C  "C4'" . C   B 2 4  ? 1.236   -1.189  14.785  1.00 29.82 ? 104 C   B "C4'" 1 
ATOM   487 O  "O4'" . C   B 2 4  ? -0.156  -0.789  14.831  1.00 28.08 ? 104 C   B "O4'" 1 
ATOM   488 C  "C3'" . C   B 2 4  ? 1.349   -2.027  13.521  1.00 30.35 ? 104 C   B "C3'" 1 
ATOM   489 O  "O3'" . C   B 2 4  ? 2.415   -2.953  13.647  1.00 29.31 ? 104 C   B "O3'" 1 
ATOM   490 C  "C2'" . C   B 2 4  ? 0.010   -2.751  13.501  1.00 30.68 ? 104 C   B "C2'" 1 
ATOM   491 O  "O2'" . C   B 2 4  ? 0.014   -3.866  14.372  1.00 26.16 ? 104 C   B "O2'" 1 
ATOM   492 C  "C1'" . C   B 2 4  ? -0.930  -1.663  14.025  1.00 28.00 ? 104 C   B "C1'" 1 
ATOM   493 N  N1    . C   B 2 4  ? -1.596  -0.846  12.981  1.00 24.68 ? 104 C   B N1    1 
ATOM   494 C  C2    . C   B 2 4  ? -2.879  -1.221  12.543  1.00 27.96 ? 104 C   B C2    1 
ATOM   495 O  O2    . C   B 2 4  ? -3.411  -2.260  12.996  1.00 25.64 ? 104 C   B O2    1 
ATOM   496 N  N3    . C   B 2 4  ? -3.500  -0.446  11.619  1.00 23.87 ? 104 C   B N3    1 
ATOM   497 C  C4    . C   B 2 4  ? -2.900  0.650   11.147  1.00 26.89 ? 104 C   B C4    1 
ATOM   498 N  N4    . C   B 2 4  ? -3.571  1.360   10.242  1.00 27.92 ? 104 C   B N4    1 
ATOM   499 C  C5    . C   B 2 4  ? -1.597  1.070   11.580  1.00 27.68 ? 104 C   B C5    1 
ATOM   500 C  C6    . C   B 2 4  ? -0.993  0.292   12.493  1.00 25.55 ? 104 C   B C6    1 
ATOM   501 P  P     . G   B 2 5  ? 3.253   -3.373  12.347  1.00 37.27 ? 105 G   B P     1 
ATOM   502 O  OP1   . G   B 2 5  ? 4.393   -4.144  12.915  1.00 43.26 ? 105 G   B OP1   1 
ATOM   503 O  OP2   . G   B 2 5  ? 3.519   -2.198  11.478  1.00 36.12 ? 105 G   B OP2   1 
ATOM   504 O  "O5'" . G   B 2 5  ? 2.261   -4.345  11.564  1.00 36.38 ? 105 G   B "O5'" 1 
ATOM   505 C  "C5'" . G   B 2 5  ? 1.719   -5.510  12.210  1.00 33.73 ? 105 G   B "C5'" 1 
ATOM   506 C  "C4'" . G   B 2 5  ? 0.790   -6.231  11.269  1.00 38.65 ? 105 G   B "C4'" 1 
ATOM   507 O  "O4'" . G   B 2 5  ? -0.356  -5.385  10.974  1.00 38.04 ? 105 G   B "O4'" 1 
ATOM   508 C  "C3'" . G   B 2 5  ? 1.390   -6.621  9.919   1.00 45.29 ? 105 G   B "C3'" 1 
ATOM   509 O  "O3'" . G   B 2 5  ? 0.772   -7.816  9.486   1.00 45.22 ? 105 G   B "O3'" 1 
ATOM   510 C  "C2'" . G   B 2 5  ? 0.887   -5.529  8.986   1.00 47.70 ? 105 G   B "C2'" 1 
ATOM   511 O  "O2'" . G   B 2 5  ? 0.783   -5.973  7.644   1.00 44.93 ? 105 G   B "O2'" 1 
ATOM   512 C  "C1'" . G   B 2 5  ? -0.496  -5.254  9.573   1.00 39.81 ? 105 G   B "C1'" 1 
ATOM   513 N  N9    . G   B 2 5  ? -0.986  -3.914  9.270   1.00 35.29 ? 105 G   B N9    1 
ATOM   514 C  C8    . G   B 2 5  ? -0.280  -2.736  9.276   1.00 31.66 ? 105 G   B C8    1 
ATOM   515 N  N7    . G   B 2 5  ? -0.999  -1.722  8.915   1.00 29.81 ? 105 G   B N7    1 
ATOM   516 C  C5    . G   B 2 5  ? -2.255  -2.264  8.652   1.00 32.45 ? 105 G   B C5    1 
ATOM   517 C  C6    . G   B 2 5  ? -3.468  -1.653  8.219   1.00 30.19 ? 105 G   B C6    1 
ATOM   518 O  O6    . G   B 2 5  ? -3.662  -0.457  7.980   1.00 31.35 ? 105 G   B O6    1 
ATOM   519 N  N1    . G   B 2 5  ? -4.508  -2.581  8.074   1.00 29.91 ? 105 G   B N1    1 
ATOM   520 C  C2    . G   B 2 5  ? -4.397  -3.936  8.303   1.00 29.95 ? 105 G   B C2    1 
ATOM   521 N  N2    . G   B 2 5  ? -5.494  -4.688  8.112   1.00 27.49 ? 105 G   B N2    1 
ATOM   522 N  N3    . G   B 2 5  ? -3.268  -4.511  8.697   1.00 31.27 ? 105 G   B N3    1 
ATOM   523 C  C4    . G   B 2 5  ? -2.257  -3.622  8.855   1.00 32.88 ? 105 G   B C4    1 
ATOM   524 P  P     . U   B 2 6  ? 1.654   -9.138  9.296   1.00 55.56 ? 106 U   B P     1 
ATOM   525 O  OP1   . U   B 2 6  ? 0.721   -10.285 9.453   1.00 57.48 ? 106 U   B OP1   1 
ATOM   526 O  OP2   . U   B 2 6  ? 2.855   -9.032  10.167  1.00 50.45 ? 106 U   B OP2   1 
ATOM   527 O  "O5'" . U   B 2 6  ? 2.112   -9.070  7.773   1.00 51.90 ? 106 U   B "O5'" 1 
ATOM   528 C  "C5'" . U   B 2 6  ? 3.057   -8.088  7.322   1.00 46.66 ? 106 U   B "C5'" 1 
ATOM   529 C  "C4'" . U   B 2 6  ? 3.370   -8.359  5.875   1.00 51.06 ? 106 U   B "C4'" 1 
ATOM   530 O  "O4'" . U   B 2 6  ? 3.880   -9.710  5.756   1.00 53.03 ? 106 U   B "O4'" 1 
ATOM   531 C  "C3'" . U   B 2 6  ? 2.174   -8.283  4.937   1.00 57.36 ? 106 U   B "C3'" 1 
ATOM   532 O  "O3'" . U   B 2 6  ? 2.131   -6.918  4.506   1.00 56.73 ? 106 U   B "O3'" 1 
ATOM   533 C  "C2'" . U   B 2 6  ? 2.532   -9.280  3.834   1.00 60.18 ? 106 U   B "C2'" 1 
ATOM   534 O  "O2'" . U   B 2 6  ? 3.367   -8.752  2.821   1.00 67.70 ? 106 U   B "O2'" 1 
ATOM   535 C  "C1'" . U   B 2 6  ? 3.356   -10.322 4.593   1.00 55.09 ? 106 U   B "C1'" 1 
ATOM   536 N  N1    . U   B 2 6  ? 2.645   -11.556 5.008   1.00 56.16 ? 106 U   B N1    1 
ATOM   537 C  C2    . U   B 2 6  ? 2.918   -12.709 4.289   1.00 59.82 ? 106 U   B C2    1 
ATOM   538 O  O2    . U   B 2 6  ? 3.661   -12.709 3.311   1.00 66.40 ? 106 U   B O2    1 
ATOM   539 N  N3    . U   B 2 6  ? 2.274   -13.845 4.745   1.00 50.91 ? 106 U   B N3    1 
ATOM   540 C  C4    . U   B 2 6  ? 1.420   -13.949 5.836   1.00 53.96 ? 106 U   B C4    1 
ATOM   541 O  O4    . U   B 2 6  ? 0.903   -15.040 6.130   1.00 55.12 ? 106 U   B O4    1 
ATOM   542 C  C5    . U   B 2 6  ? 1.220   -12.717 6.537   1.00 48.31 ? 106 U   B C5    1 
ATOM   543 C  C6    . U   B 2 6  ? 1.827   -11.597 6.117   1.00 55.06 ? 106 U   B C6    1 
ATOM   544 P  P     . G   B 2 7  ? 0.790   -6.276  3.887   1.00 58.40 ? 107 G   B P     1 
ATOM   545 O  OP1   . G   B 2 7  ? 0.629   -6.908  2.544   1.00 60.70 ? 107 G   B OP1   1 
ATOM   546 O  OP2   . G   B 2 7  ? 0.935   -4.806  3.981   1.00 49.08 ? 107 G   B OP2   1 
ATOM   547 O  "O5'" . G   B 2 7  ? -0.419  -6.670  4.854   1.00 44.57 ? 107 G   B "O5'" 1 
ATOM   548 C  "C5'" . G   B 2 7  ? -0.950  -8.011  4.890   1.00 45.06 ? 107 G   B "C5'" 1 
ATOM   549 C  "C4'" . G   B 2 7  ? -2.457  -7.996  4.776   1.00 43.30 ? 107 G   B "C4'" 1 
ATOM   550 O  "O4'" . G   B 2 7  ? -3.011  -7.095  5.772   1.00 41.90 ? 107 G   B "O4'" 1 
ATOM   551 C  "C3'" . G   B 2 7  ? -3.040  -7.500  3.459   1.00 38.08 ? 107 G   B "C3'" 1 
ATOM   552 O  "O3'" . G   B 2 7  ? -3.128  -8.528  2.481   1.00 38.35 ? 107 G   B "O3'" 1 
ATOM   553 C  "C2'" . G   B 2 7  ? -4.438  -7.087  3.884   1.00 35.64 ? 107 G   B "C2'" 1 
ATOM   554 O  "O2'" . G   B 2 7  ? -5.264  -8.226  4.030   1.00 40.31 ? 107 G   B "O2'" 1 
ATOM   555 C  "C1'" . G   B 2 7  ? -4.153  -6.445  5.241   1.00 34.30 ? 107 G   B "C1'" 1 
ATOM   556 N  N9    . G   B 2 7  ? -3.863  -5.014  5.135   1.00 38.34 ? 107 G   B N9    1 
ATOM   557 C  C8    . G   B 2 7  ? -2.680  -4.318  5.302   1.00 32.15 ? 107 G   B C8    1 
ATOM   558 N  N7    . G   B 2 7  ? -2.826  -3.021  5.112   1.00 31.80 ? 107 G   B N7    1 
ATOM   559 C  C5    . G   B 2 7  ? -4.181  -2.848  4.791   1.00 31.86 ? 107 G   B C5    1 
ATOM   560 C  C6    . G   B 2 7  ? -4.977  -1.693  4.463   1.00 31.31 ? 107 G   B C6    1 
ATOM   561 O  O6    . G   B 2 7  ? -4.656  -0.490  4.387   1.00 30.82 ? 107 G   B O6    1 
ATOM   562 N  N1    . G   B 2 7  ? -6.302  -2.036  4.202   1.00 27.88 ? 107 G   B N1    1 
ATOM   563 C  C2    . G   B 2 7  ? -6.822  -3.310  4.244   1.00 28.75 ? 107 G   B C2    1 
ATOM   564 N  N2    . G   B 2 7  ? -8.125  -3.470  3.965   1.00 24.96 ? 107 G   B N2    1 
ATOM   565 N  N3    . G   B 2 7  ? -6.101  -4.374  4.543   1.00 32.08 ? 107 G   B N3    1 
ATOM   566 C  C4    . G   B 2 7  ? -4.815  -4.075  4.806   1.00 32.02 ? 107 G   B C4    1 
ATOM   567 P  P     . C   B 2 8  ? -3.036  -8.166  0.918   1.00 32.20 ? 108 C   B P     1 
ATOM   568 O  OP1   . C   B 2 8  ? -3.080  -9.471  0.205   1.00 30.51 ? 108 C   B OP1   1 
ATOM   569 O  OP2   . C   B 2 8  ? -1.891  -7.254  0.701   1.00 32.82 ? 108 C   B OP2   1 
ATOM   570 O  "O5'" . C   B 2 8  ? -4.372  -7.348  0.617   1.00 33.77 ? 108 C   B "O5'" 1 
ATOM   571 C  "C5'" . C   B 2 8  ? -5.648  -8.012  0.588   1.00 28.81 ? 108 C   B "C5'" 1 
ATOM   572 C  "C4'" . C   B 2 8  ? -6.757  -7.041  0.239   1.00 29.31 ? 108 C   B "C4'" 1 
ATOM   573 O  "O4'" . C   B 2 8  ? -6.875  -6.019  1.268   1.00 27.18 ? 108 C   B "O4'" 1 
ATOM   574 C  "C3'" . C   B 2 8  ? -6.609  -6.243  -1.050  1.00 26.67 ? 108 C   B "C3'" 1 
ATOM   575 O  "O3'" . C   B 2 8  ? -6.957  -6.988  -2.210  1.00 24.20 ? 108 C   B "O3'" 1 
ATOM   576 C  "C2'" . C   B 2 8  ? -7.584  -5.098  -0.798  1.00 28.32 ? 108 C   B "C2'" 1 
ATOM   577 O  "O2'" . C   B 2 8  ? -8.943  -5.458  -0.970  1.00 25.85 ? 108 C   B "O2'" 1 
ATOM   578 C  "C1'" . C   B 2 8  ? -7.309  -4.801  0.679   1.00 27.99 ? 108 C   B "C1'" 1 
ATOM   579 N  N1    . C   B 2 8  ? -6.244  -3.773  0.874   1.00 25.32 ? 108 C   B N1    1 
ATOM   580 C  C2    . C   B 2 8  ? -6.563  -2.402  0.758   1.00 27.20 ? 108 C   B C2    1 
ATOM   581 O  O2    . C   B 2 8  ? -7.730  -2.068  0.499   1.00 27.15 ? 108 C   B O2    1 
ATOM   582 N  N3    . C   B 2 8  ? -5.605  -1.464  0.926   1.00 23.90 ? 108 C   B N3    1 
ATOM   583 C  C4    . C   B 2 8  ? -4.356  -1.841  1.190   1.00 28.21 ? 108 C   B C4    1 
ATOM   584 N  N4    . C   B 2 8  ? -3.421  -0.893  1.348   1.00 28.07 ? 108 C   B N4    1 
ATOM   585 C  C5    . C   B 2 8  ? -4.000  -3.217  1.313   1.00 28.45 ? 108 C   B C5    1 
ATOM   586 C  C6    . C   B 2 8  ? -4.960  -4.135  1.147   1.00 25.44 ? 108 C   B C6    1 
ATOM   587 P  P     . A   B 2 9  ? -6.236  -6.702  -3.622  1.00 24.92 ? 109 A   B P     1 
ATOM   588 O  OP1   . A   B 2 9  ? -6.606  -7.828  -4.518  1.00 25.05 ? 109 A   B OP1   1 
ATOM   589 O  OP2   . A   B 2 9  ? -4.805  -6.388  -3.398  1.00 25.70 ? 109 A   B OP2   1 
ATOM   590 O  "O5'" . A   B 2 9  ? -6.937  -5.382  -4.173  1.00 28.93 ? 109 A   B "O5'" 1 
ATOM   591 C  "C5'" . A   B 2 9  ? -8.349  -5.377  -4.438  1.00 28.45 ? 109 A   B "C5'" 1 
ATOM   592 C  "C4'" . A   B 2 9  ? -8.860  -3.970  -4.666  1.00 26.36 ? 109 A   B "C4'" 1 
ATOM   593 O  "O4'" . A   B 2 9  ? -8.677  -3.162  -3.470  1.00 28.68 ? 109 A   B "O4'" 1 
ATOM   594 C  "C3'" . A   B 2 9  ? -8.193  -3.152  -5.760  1.00 24.97 ? 109 A   B "C3'" 1 
ATOM   595 O  "O3'" . A   B 2 9  ? -8.609  -3.528  -7.072  1.00 19.70 ? 109 A   B "O3'" 1 
ATOM   596 C  "C2'" . A   B 2 9  ? -8.608  -1.736  -5.364  1.00 25.47 ? 109 A   B "C2'" 1 
ATOM   597 O  "O2'" . A   B 2 9  ? -9.957  -1.421  -5.660  1.00 22.65 ? 109 A   B "O2'" 1 
ATOM   598 C  "C1'" . A   B 2 9  ? -8.487  -1.803  -3.841  1.00 26.53 ? 109 A   B "C1'" 1 
ATOM   599 N  N9    . A   B 2 9  ? -7.194  -1.353  -3.323  1.00 28.44 ? 109 A   B N9    1 
ATOM   600 C  C8    . A   B 2 9  ? -6.105  -2.114  -2.942  1.00 23.96 ? 109 A   B C8    1 
ATOM   601 N  N7    . A   B 2 9  ? -5.086  -1.392  -2.518  1.00 24.61 ? 109 A   B N7    1 
ATOM   602 C  C5    . A   B 2 9  ? -5.524  -0.072  -2.611  1.00 24.40 ? 109 A   B C5    1 
ATOM   603 C  C6    . A   B 2 9  ? -4.907  1.163   -2.307  1.00 26.12 ? 109 A   B C6    1 
ATOM   604 N  N6    . A   B 2 9  ? -3.656  1.276   -1.817  1.00 24.03 ? 109 A   B N6    1 
ATOM   605 N  N1    . A   B 2 9  ? -5.630  2.294   -2.535  1.00 24.01 ? 109 A   B N1    1 
ATOM   606 C  C2    . A   B 2 9  ? -6.881  2.179   -3.021  1.00 24.05 ? 109 A   B C2    1 
ATOM   607 N  N3    . A   B 2 9  ? -7.568  1.074   -3.337  1.00 23.32 ? 109 A   B N3    1 
ATOM   608 C  C4    . A   B 2 9  ? -6.824  -0.031  -3.110  1.00 25.04 ? 109 A   B C4    1 
ATOM   609 P  P     . G   B 2 10 ? -7.599  -3.349  -8.319  1.00 24.42 ? 110 G   B P     1 
ATOM   610 O  OP1   . G   B 2 10 ? -8.269  -3.901  -9.531  1.00 26.50 ? 110 G   B OP1   1 
ATOM   611 O  OP2   . G   B 2 10 ? -6.250  -3.858  -7.955  1.00 23.08 ? 110 G   B OP2   1 
ATOM   612 O  "O5'" . G   B 2 10 ? -7.477  -1.766  -8.505  1.00 22.71 ? 110 G   B "O5'" 1 
ATOM   613 C  "C5'" . G   B 2 10 ? -8.645  -0.969  -8.759  1.00 22.64 ? 110 G   B "C5'" 1 
ATOM   614 C  "C4'" . G   B 2 10 ? -8.374  0.509   -8.574  1.00 20.41 ? 110 G   B "C4'" 1 
ATOM   615 O  "O4'" . G   B 2 10 ? -8.128  0.831   -7.178  1.00 19.79 ? 110 G   B "O4'" 1 
ATOM   616 C  "C3'" . G   B 2 10 ? -7.163  1.087   -9.282  1.00 23.38 ? 110 G   B "C3'" 1 
ATOM   617 O  "O3'" . G   B 2 10 ? -7.361  1.238   -10.678 1.00 20.10 ? 110 G   B "O3'" 1 
ATOM   618 C  "C2'" . G   B 2 10 ? -6.987  2.405   -8.537  1.00 19.91 ? 110 G   B "C2'" 1 
ATOM   619 O  "O2'" . G   B 2 10 ? -7.903  3.425   -8.895  1.00 23.15 ? 110 G   B "O2'" 1 
ATOM   620 C  "C1'" . G   B 2 10 ? -7.269  1.963   -7.102  1.00 21.30 ? 110 G   B "C1'" 1 
ATOM   621 N  N9    . G   B 2 10 ? -6.026  1.566   -6.458  1.00 22.73 ? 110 G   B N9    1 
ATOM   622 C  C8    . G   B 2 10 ? -5.535  0.302   -6.266  1.00 20.88 ? 110 G   B C8    1 
ATOM   623 N  N7    . G   B 2 10 ? -4.363  0.321   -5.711  1.00 22.93 ? 110 G   B N7    1 
ATOM   624 C  C5    . G   B 2 10 ? -4.059  1.663   -5.563  1.00 23.64 ? 110 G   B C5    1 
ATOM   625 C  C6    . G   B 2 10 ? -2.909  2.280   -5.013  1.00 22.42 ? 110 G   B C6    1 
ATOM   626 O  O6    . G   B 2 10 ? -1.915  1.736   -4.544  1.00 20.06 ? 110 G   B O6    1 
ATOM   627 N  N1    . G   B 2 10 ? -3.008  3.668   -5.056  1.00 24.95 ? 110 G   B N1    1 
ATOM   628 C  C2    . G   B 2 10 ? -4.086  4.381   -5.560  1.00 24.74 ? 110 G   B C2    1 
ATOM   629 N  N2    . G   B 2 10 ? -3.986  5.720   -5.503  1.00 18.92 ? 110 G   B N2    1 
ATOM   630 N  N3    . G   B 2 10 ? -5.172  3.806   -6.068  1.00 19.96 ? 110 G   B N3    1 
ATOM   631 C  C4    . G   B 2 10 ? -5.079  2.454   -6.032  1.00 21.66 ? 110 G   B C4    1 
ATOM   632 P  P     . C   B 2 11 ? -6.082  1.223   -11.639 1.00 21.49 ? 111 C   B P     1 
ATOM   633 O  OP1   . C   B 2 11 ? -6.513  1.283   -13.054 1.00 22.74 ? 111 C   B OP1   1 
ATOM   634 O  OP2   . C   B 2 11 ? -5.229  0.094   -11.199 1.00 25.06 ? 111 C   B OP2   1 
ATOM   635 O  "O5'" . C   B 2 11 ? -5.357  2.584   -11.236 1.00 20.55 ? 111 C   B "O5'" 1 
ATOM   636 C  "C5'" . C   B 2 11 ? -3.952  2.754   -11.461 1.00 20.41 ? 111 C   B "C5'" 1 
ATOM   637 C  "C4'" . C   B 2 11 ? -3.268  3.288   -10.223 1.00 21.22 ? 111 C   B "C4'" 1 
ATOM   638 O  "O4'" . C   B 2 11 ? -3.435  2.354   -9.124  1.00 19.43 ? 111 C   B "O4'" 1 
ATOM   639 C  "C3'" . C   B 2 11 ? -1.765  3.453   -10.378 1.00 22.96 ? 111 C   B "C3'" 1 
ATOM   640 O  "O3'" . C   B 2 11 ? -1.503  4.732   -10.933 1.00 25.09 ? 111 C   B "O3'" 1 
ATOM   641 C  "C2'" . C   B 2 11 ? -1.258  3.276   -8.950  1.00 22.06 ? 111 C   B "C2'" 1 
ATOM   642 O  "O2'" . C   B 2 11 ? -1.415  4.404   -8.114  1.00 21.04 ? 111 C   B "O2'" 1 
ATOM   643 C  "C1'" . C   B 2 11 ? -2.213  2.209   -8.422  1.00 21.98 ? 111 C   B "C1'" 1 
ATOM   644 N  N1    . C   B 2 11 ? -1.737  0.814   -8.592  1.00 21.93 ? 111 C   B N1    1 
ATOM   645 C  C2    . C   B 2 11 ? -0.632  0.379   -7.850  1.00 22.77 ? 111 C   B C2    1 
ATOM   646 O  O2    . C   B 2 11 ? -0.056  1.179   -7.106  1.00 22.61 ? 111 C   B O2    1 
ATOM   647 N  N3    . C   B 2 11 ? -0.206  -0.905  -7.972  1.00 22.32 ? 111 C   B N3    1 
ATOM   648 C  C4    . C   B 2 11 ? -0.841  -1.755  -8.783  1.00 26.24 ? 111 C   B C4    1 
ATOM   649 N  N4    . C   B 2 11 ? -0.379  -3.011  -8.848  1.00 21.47 ? 111 C   B N4    1 
ATOM   650 C  C5    . C   B 2 11 ? -1.980  -1.339  -9.560  1.00 24.09 ? 111 C   B C5    1 
ATOM   651 C  C6    . C   B 2 11 ? -2.387  -0.066  -9.424  1.00 19.71 ? 111 C   B C6    1 
ATOM   652 P  P     . C   B 2 12 ? -0.446  4.867   -12.132 1.00 24.75 ? 112 C   B P     1 
ATOM   653 O  OP1   . C   B 2 12 ? -0.614  6.203   -12.778 1.00 25.01 ? 112 C   B OP1   1 
ATOM   654 O  OP2   . C   B 2 12 ? -0.579  3.637   -12.935 1.00 21.76 ? 112 C   B OP2   1 
ATOM   655 O  "O5'" . C   B 2 12 ? 0.966   4.824   -11.396 1.00 25.20 ? 112 C   B "O5'" 1 
ATOM   656 C  "C5'" . C   B 2 12 ? 1.358   5.842   -10.460 1.00 22.05 ? 112 C   B "C5'" 1 
ATOM   657 C  "C4'" . C   B 2 12 ? 2.605   5.400   -9.739  1.00 23.12 ? 112 C   B "C4'" 1 
ATOM   658 O  "O4'" . C   B 2 12 ? 2.284   4.238   -8.924  1.00 23.05 ? 112 C   B "O4'" 1 
ATOM   659 C  "C3'" . C   B 2 12 ? 3.746   4.926   -10.631 1.00 22.43 ? 112 C   B "C3'" 1 
ATOM   660 O  "O3'" . C   B 2 12 ? 4.565   5.989   -11.106 1.00 21.91 ? 112 C   B "O3'" 1 
ATOM   661 C  "C2'" . C   B 2 12 ? 4.516   4.013   -9.686  1.00 23.86 ? 112 C   B "C2'" 1 
ATOM   662 O  "O2'" . C   B 2 12 ? 5.228   4.746   -8.709  1.00 21.78 ? 112 C   B "O2'" 1 
ATOM   663 C  "C1'" . C   B 2 12 ? 3.372   3.329   -8.941  1.00 22.55 ? 112 C   B "C1'" 1 
ATOM   664 N  N1    . C   B 2 12 ? 2.910   2.042   -9.545  1.00 26.49 ? 112 C   B N1    1 
ATOM   665 C  C2    . C   B 2 12 ? 3.658   0.885   -9.255  1.00 24.10 ? 112 C   B C2    1 
ATOM   666 O  O2    . C   B 2 12 ? 4.672   0.978   -8.554  1.00 23.78 ? 112 C   B O2    1 
ATOM   667 N  N3    . C   B 2 12 ? 3.268   -0.313  -9.740  1.00 23.75 ? 112 C   B N3    1 
ATOM   668 C  C4    . C   B 2 12 ? 2.176   -0.424  -10.502 1.00 24.59 ? 112 C   B C4    1 
ATOM   669 N  N4    . C   B 2 12 ? 1.882   -1.658  -10.941 1.00 17.97 ? 112 C   B N4    1 
ATOM   670 C  C5    . C   B 2 12 ? 1.381   0.732   -10.830 1.00 20.51 ? 112 C   B C5    1 
ATOM   671 C  C6    . C   B 2 12 ? 1.776   1.922   -10.327 1.00 22.41 ? 112 C   B C6    1 
ATOM   672 P  P     . U   B 2 13 ? 5.275   5.886   -12.548 1.00 22.27 ? 113 U   B P     1 
ATOM   673 O  OP1   . U   B 2 13 ? 5.599   7.258   -12.974 1.00 29.18 ? 113 U   B OP1   1 
ATOM   674 O  OP2   . U   B 2 13 ? 4.479   5.010   -13.444 1.00 29.40 ? 113 U   B OP2   1 
ATOM   675 O  "O5'" . U   B 2 13 ? 6.628   5.088   -12.292 1.00 27.64 ? 113 U   B "O5'" 1 
ATOM   676 C  "C5'" . U   B 2 13 ? 7.498   5.405   -11.194 1.00 23.33 ? 113 U   B "C5'" 1 
ATOM   677 C  "C4'" . U   B 2 13 ? 8.395   4.224   -10.926 1.00 24.08 ? 113 U   B "C4'" 1 
ATOM   678 O  "O4'" . U   B 2 13 ? 7.613   3.143   -10.349 1.00 23.92 ? 113 U   B "O4'" 1 
ATOM   679 C  "C3'" . U   B 2 13 ? 9.022   3.587   -12.156 1.00 25.32 ? 113 U   B "C3'" 1 
ATOM   680 O  "O3'" . U   B 2 13 ? 10.174  4.276   -12.610 1.00 25.10 ? 113 U   B "O3'" 1 
ATOM   681 C  "C2'" . U   B 2 13 ? 9.357   2.198   -11.641 1.00 24.93 ? 113 U   B "C2'" 1 
ATOM   682 O  "O2'" . U   B 2 13 ? 10.461  2.220   -10.760 1.00 21.00 ? 113 U   B "O2'" 1 
ATOM   683 C  "C1'" . U   B 2 13 ? 8.114   1.897   -10.805 1.00 24.12 ? 113 U   B "C1'" 1 
ATOM   684 N  N1    . U   B 2 13 ? 7.035   1.208   -11.543 1.00 22.92 ? 113 U   B N1    1 
ATOM   685 C  C2    . U   B 2 13 ? 7.177   -0.147  -11.795 1.00 25.32 ? 113 U   B C2    1 
ATOM   686 O  O2    . U   B 2 13 ? 8.170   -0.777  -11.469 1.00 23.35 ? 113 U   B O2    1 
ATOM   687 N  N3    . U   B 2 13 ? 6.111   -0.743  -12.445 1.00 23.77 ? 113 U   B N3    1 
ATOM   688 C  C4    . U   B 2 13 ? 4.945   -0.123  -12.865 1.00 26.21 ? 113 U   B C4    1 
ATOM   689 O  O4    . U   B 2 13 ? 4.076   -0.783  -13.451 1.00 27.04 ? 113 U   B O4    1 
ATOM   690 C  C5    . U   B 2 13 ? 4.882   1.284   -12.563 1.00 24.72 ? 113 U   B C5    1 
ATOM   691 C  C6    . U   B 2 13 ? 5.897   1.880   -11.926 1.00 23.12 ? 113 U   B C6    1 
ATOM   692 P  P     . C   B 2 14 ? 10.503  4.312   -14.178 1.00 28.35 ? 114 C   B P     1 
ATOM   693 O  OP1   . C   B 2 14 ? 11.483  5.422   -14.329 1.00 30.49 ? 114 C   B OP1   1 
ATOM   694 O  OP2   . C   B 2 14 ? 9.216   4.344   -14.929 1.00 26.51 ? 114 C   B OP2   1 
ATOM   695 O  "O5'" . C   B 2 14 ? 11.240  2.922   -14.453 1.00 28.03 ? 114 C   B "O5'" 1 
ATOM   696 C  "C5'" . C   B 2 14 ? 12.391  2.545   -13.674 1.00 23.40 ? 114 C   B "C5'" 1 
ATOM   697 C  "C4'" . C   B 2 14 ? 12.601  1.048   -13.721 1.00 23.16 ? 114 C   B "C4'" 1 
ATOM   698 O  "O4'" . C   B 2 14 ? 11.462  0.376   -13.116 1.00 25.71 ? 114 C   B "O4'" 1 
ATOM   699 C  "C3'" . C   B 2 14 ? 12.712  0.425   -15.108 1.00 25.05 ? 114 C   B "C3'" 1 
ATOM   700 O  "O3'" . C   B 2 14 ? 14.018  0.547   -15.675 1.00 21.34 ? 114 C   B "O3'" 1 
ATOM   701 C  "C2'" . C   B 2 14 ? 12.333  -1.026  -14.826 1.00 23.60 ? 114 C   B "C2'" 1 
ATOM   702 O  "O2'" . C   B 2 14 ? 13.372  -1.833  -14.305 1.00 21.90 ? 114 C   B "O2'" 1 
ATOM   703 C  "C1'" . C   B 2 14 ? 11.214  -0.849  -13.794 1.00 24.80 ? 114 C   B "C1'" 1 
ATOM   704 N  N1    . C   B 2 14 ? 9.873   -0.777  -14.433 1.00 23.36 ? 114 C   B N1    1 
ATOM   705 C  C2    . C   B 2 14 ? 9.241   -1.979  -14.782 1.00 25.13 ? 114 C   B C2    1 
ATOM   706 O  O2    . C   B 2 14 ? 9.826   -3.049  -14.526 1.00 22.89 ? 114 C   B O2    1 
ATOM   707 N  N3    . C   B 2 14 ? 8.024   -1.939  -15.391 1.00 21.92 ? 114 C   B N3    1 
ATOM   708 C  C4    . C   B 2 14 ? 7.435   -0.772  -15.659 1.00 20.72 ? 114 C   B C4    1 
ATOM   709 N  N4    . C   B 2 14 ? 6.235   -0.789  -16.256 1.00 21.11 ? 114 C   B N4    1 
ATOM   710 C  C5    . C   B 2 14 ? 8.059   0.470   -15.325 1.00 24.20 ? 114 C   B C5    1 
ATOM   711 C  C6    . C   B 2 14 ? 9.265   0.425   -14.728 1.00 25.60 ? 114 C   B C6    1 
ATOM   712 P  P     . G   B 2 15 ? 14.221  0.456   -17.272 1.00 24.37 ? 115 G   B P     1 
ATOM   713 O  OP1   . G   B 2 15 ? 15.661  0.778   -17.477 1.00 20.55 ? 115 G   B OP1   1 
ATOM   714 O  OP2   . G   B 2 15 ? 13.182  1.249   -17.977 1.00 26.66 ? 115 G   B OP2   1 
ATOM   715 O  "O5'" . G   B 2 15 ? 13.975  -1.069  -17.666 1.00 25.97 ? 115 G   B "O5'" 1 
ATOM   716 C  "C5'" . G   B 2 15 ? 14.776  -2.134  -17.112 1.00 22.98 ? 115 G   B "C5'" 1 
ATOM   717 C  "C4'" . G   B 2 15 ? 14.320  -3.469  -17.657 1.00 25.00 ? 115 G   B "C4'" 1 
ATOM   718 O  "O4'" . G   B 2 15 ? 13.072  -3.857  -17.022 1.00 22.41 ? 115 G   B "O4'" 1 
ATOM   719 C  "C3'" . G   B 2 15 ? 13.996  -3.512  -19.140 1.00 23.82 ? 115 G   B "C3'" 1 
ATOM   720 O  "O3'" . G   B 2 15 ? 15.133  -3.570  -19.988 1.00 24.59 ? 115 G   B "O3'" 1 
ATOM   721 C  "C2'" . G   B 2 15 ? 13.076  -4.725  -19.223 1.00 24.06 ? 115 G   B "C2'" 1 
ATOM   722 O  "O2'" . G   B 2 15 ? 13.688  -6.003  -19.145 1.00 23.19 ? 115 G   B "O2'" 1 
ATOM   723 C  "C1'" . G   B 2 15 ? 12.242  -4.531  -17.961 1.00 23.56 ? 115 G   B "C1'" 1 
ATOM   724 N  N9    . G   B 2 15 ? 11.046  -3.719  -18.186 1.00 27.75 ? 115 G   B N9    1 
ATOM   725 C  C8    . G   B 2 15 ? 10.887  -2.366  -17.936 1.00 22.91 ? 115 G   B C8    1 
ATOM   726 N  N7    . G   B 2 15 ? 9.701   -1.916  -18.229 1.00 20.42 ? 115 G   B N7    1 
ATOM   727 C  C5    . G   B 2 15 ? 9.026   -3.029  -18.705 1.00 23.64 ? 115 G   B C5    1 
ATOM   728 C  C6    . G   B 2 15 ? 7.692   -3.169  -19.176 1.00 21.87 ? 115 G   B C6    1 
ATOM   729 O  O6    . G   B 2 15 ? 6.820   -2.311  -19.274 1.00 21.96 ? 115 G   B O6    1 
ATOM   730 N  N1    . G   B 2 15 ? 7.409   -4.474  -19.564 1.00 23.50 ? 115 G   B N1    1 
ATOM   731 C  C2    . G   B 2 15 ? 8.300   -5.517  -19.506 1.00 22.86 ? 115 G   B C2    1 
ATOM   732 N  N2    . G   B 2 15 ? 7.842   -6.705  -19.932 1.00 21.36 ? 115 G   B N2    1 
ATOM   733 N  N3    . G   B 2 15 ? 9.543   -5.397  -19.064 1.00 21.76 ? 115 G   B N3    1 
ATOM   734 C  C4    . G   B 2 15 ? 9.839   -4.149  -18.679 1.00 22.57 ? 115 G   B C4    1 
ATOM   735 P  P     . G   B 2 16 ? 15.018  -2.990  -21.486 1.00 31.08 ? 116 G   B P     1 
ATOM   736 O  OP1   . G   B 2 16 ? 16.316  -3.351  -22.119 1.00 29.07 ? 116 G   B OP1   1 
ATOM   737 O  OP2   . G   B 2 16 ? 14.616  -1.556  -21.401 1.00 26.39 ? 116 G   B OP2   1 
ATOM   738 O  "O5'" . G   B 2 16 ? 13.818  -3.814  -22.153 1.00 24.38 ? 116 G   B "O5'" 1 
ATOM   739 C  "C5'" . G   B 2 16 ? 13.901  -5.243  -22.332 1.00 24.97 ? 116 G   B "C5'" 1 
ATOM   740 C  "C4'" . G   B 2 16 ? 12.692  -5.768  -23.070 1.00 27.70 ? 116 G   B "C4'" 1 
ATOM   741 O  "O4'" . G   B 2 16 ? 11.518  -5.687  -22.216 1.00 27.85 ? 116 G   B "O4'" 1 
ATOM   742 C  "C3'" . G   B 2 16 ? 12.282  -5.009  -24.324 1.00 28.64 ? 116 G   B "C3'" 1 
ATOM   743 O  "O3'" . G   B 2 16 ? 13.043  -5.369  -25.470 1.00 27.72 ? 116 G   B "O3'" 1 
ATOM   744 C  "C2'" . G   B 2 16 ? 10.822  -5.416  -24.472 1.00 27.62 ? 116 G   B "C2'" 1 
ATOM   745 O  "O2'" . G   B 2 16 ? 10.624  -6.711  -25.000 1.00 23.74 ? 116 G   B "O2'" 1 
ATOM   746 C  "C1'" . G   B 2 16 ? 10.367  -5.438  -23.014 1.00 27.49 ? 116 G   B "C1'" 1 
ATOM   747 N  N9    . G   B 2 16 ? 9.764   -4.173  -22.601 1.00 23.85 ? 116 G   B N9    1 
ATOM   748 C  C8    . G   B 2 16 ? 10.339  -3.111  -21.959 1.00 23.68 ? 116 G   B C8    1 
ATOM   749 N  N7    . G   B 2 16 ? 9.499   -2.130  -21.766 1.00 27.92 ? 116 G   B N7    1 
ATOM   750 C  C5    . G   B 2 16 ? 8.294   -2.567  -22.310 1.00 26.96 ? 116 G   B C5    1 
ATOM   751 C  C6    . G   B 2 16 ? 7.005   -1.949  -22.391 1.00 22.29 ? 116 G   B C6    1 
ATOM   752 O  O6    . G   B 2 16 ? 6.668   -0.837  -21.983 1.00 21.52 ? 116 G   B O6    1 
ATOM   753 N  N1    . G   B 2 16 ? 6.071   -2.767  -23.034 1.00 22.39 ? 116 G   B N1    1 
ATOM   754 C  C2    . G   B 2 16 ? 6.343   -4.027  -23.529 1.00 22.91 ? 116 G   B C2    1 
ATOM   755 N  N2    . G   B 2 16 ? 5.347   -4.699  -24.122 1.00 19.77 ? 116 G   B N2    1 
ATOM   756 N  N3    . G   B 2 16 ? 7.529   -4.605  -23.445 1.00 24.39 ? 116 G   B N3    1 
ATOM   757 C  C4    . G   B 2 16 ? 8.453   -3.831  -22.830 1.00 24.70 ? 116 G   B C4    1 
HETATM 758 MG MG    . MG  C 3 .  ? -0.680  3.804   0.783   1.00 32.64 ? 1   MG  A MG    1 
HETATM 759 MG MG    . MG  D 3 .  ? 3.651   2.399   -4.195  1.00 30.01 ? 68  MG  A MG    1 
HETATM 760 MG MG    . MG  E 3 .  ? 6.010   1.202   -5.845  1.00 37.93 ? 69  MG  A MG    1 
HETATM 761 MG MG    . MG  F 3 .  ? -0.302  -6.378  -1.397  1.00 38.75 ? 70  MG  A MG    1 
HETATM 762 MG MG    . MG  G 3 .  ? 7.072   3.731   6.598   1.00 38.86 ? 71  MG  A MG    1 
HETATM 763 S  S     . SO4 H 4 .  ? 12.498  1.280   -0.391  1.00 60.59 ? 72  SO4 A S     1 
HETATM 764 O  O1    . SO4 H 4 .  ? 13.483  1.770   0.588   1.00 44.17 ? 72  SO4 A O1    1 
HETATM 765 O  O2    . SO4 H 4 .  ? 13.207  0.809   -1.589  1.00 54.37 ? 72  SO4 A O2    1 
HETATM 766 O  O3    . SO4 H 4 .  ? 11.733  0.183   0.202   1.00 53.53 ? 72  SO4 A O3    1 
HETATM 767 O  O4    . SO4 H 4 .  ? 11.562  2.346   -0.767  1.00 38.45 ? 72  SO4 A O4    1 
HETATM 768 S  S     . SO4 I 4 .  ? 9.507   0.853   -7.000  1.00 54.98 ? 73  SO4 A S     1 
HETATM 769 O  O1    . SO4 I 4 .  ? 10.956  0.656   -6.900  1.00 60.93 ? 73  SO4 A O1    1 
HETATM 770 O  O2    . SO4 I 4 .  ? 9.239   2.091   -7.747  1.00 38.93 ? 73  SO4 A O2    1 
HETATM 771 O  O3    . SO4 I 4 .  ? 8.899   -0.309  -7.655  1.00 43.57 ? 73  SO4 A O3    1 
HETATM 772 O  O4    . SO4 I 4 .  ? 8.961   0.935   -5.640  1.00 59.63 ? 73  SO4 A O4    1 
HETATM 773 S  S     . SO4 J 4 .  ? -11.849 2.401   19.013  1.00 62.48 ? 74  SO4 A S     1 
HETATM 774 O  O1    . SO4 J 4 .  ? -10.586 1.681   19.180  1.00 41.50 ? 74  SO4 A O1    1 
HETATM 775 O  O2    . SO4 J 4 .  ? -12.980 1.471   19.170  1.00 60.64 ? 74  SO4 A O2    1 
HETATM 776 O  O3    . SO4 J 4 .  ? -11.939 3.441   20.048  1.00 42.89 ? 74  SO4 A O3    1 
HETATM 777 O  O4    . SO4 J 4 .  ? -11.887 2.986   17.660  1.00 48.60 ? 74  SO4 A O4    1 
HETATM 778 C  C     . SS0 K 5 .  ? -1.853  -8.137  -3.438  1.00 21.40 ? 75  SS0 A C     1 
HETATM 779 N  N     . SS0 K 5 .  ? -2.774  -7.576  -4.413  1.00 24.93 ? 75  SS0 A N     1 
HETATM 780 O  O     . SS0 K 5 .  ? 3.772   -3.247  -2.543  1.00 25.92 ? 75  SS0 A O     1 
HETATM 781 C  C01   . SS0 K 5 .  ? 2.621   -2.612  -2.990  1.00 24.15 ? 75  SS0 A C01   1 
HETATM 782 N  N01   . SS0 K 5 .  ? -0.952  -0.807  -4.484  1.00 21.32 ? 75  SS0 A N01   1 
HETATM 783 C  C02   . SS0 K 5 .  ? 2.398   -1.140  -2.759  1.00 24.16 ? 75  SS0 A C02   1 
HETATM 784 N  N02   . SS0 K 5 .  ? -0.712  -3.008  -4.859  1.00 22.26 ? 75  SS0 A N02   1 
HETATM 785 C  C03   . SS0 K 5 .  ? 1.233   -0.456  -3.234  1.00 24.35 ? 75  SS0 A C03   1 
HETATM 786 N  N03   . SS0 K 5 .  ? -2.802  -1.929  -5.722  1.00 20.71 ? 75  SS0 A N03   1 
HETATM 787 C  C04   . SS0 K 5 .  ? 0.261   -1.251  -3.939  1.00 23.22 ? 75  SS0 A C04   1 
HETATM 788 N  N04   . SS0 K 5 .  ? 3.813   -7.618  -2.477  1.00 37.00 ? 75  SS0 A N04   1 
HETATM 789 C  C05   . SS0 K 5 .  ? 0.454   -2.660  -4.153  1.00 21.31 ? 75  SS0 A C05   1 
HETATM 790 C  C06   . SS0 K 5 .  ? 1.687   -3.328  -3.652  1.00 23.45 ? 75  SS0 A C06   1 
HETATM 791 C  C07   . SS0 K 5 .  ? -1.534  -1.903  -5.052  1.00 24.64 ? 75  SS0 A C07   1 
HETATM 792 C  C08   . SS0 K 5 .  ? 1.877   -4.813  -3.895  1.00 23.64 ? 75  SS0 A C08   1 
HETATM 793 C  C09   . SS0 K 5 .  ? 3.045   -5.447  -3.147  1.00 26.25 ? 75  SS0 A C09   1 
HETATM 794 C  C10   . SS0 K 5 .  ? 3.613   -4.545  -2.089  1.00 28.27 ? 75  SS0 A C10   1 
HETATM 795 C  C11   . SS0 K 5 .  ? 2.624   -6.788  -2.564  1.00 24.74 ? 75  SS0 A C11   1 
HETATM 796 C  C12   . SS0 K 5 .  ? -0.985  -4.353  -5.402  1.00 21.56 ? 75  SS0 A C12   1 
HETATM 797 C  C13   . SS0 K 5 .  ? 3.398   -9.014  -2.425  1.00 35.89 ? 75  SS0 A C13   1 
HETATM 798 C  C14   . SS0 K 5 .  ? 4.598   -7.383  -3.678  1.00 34.67 ? 75  SS0 A C14   1 
HETATM 799 C  C15   . SS0 K 5 .  ? -1.847  -5.263  -4.510  1.00 24.22 ? 75  SS0 A C15   1 
HETATM 800 C  C16   . SS0 K 5 .  ? -2.085  -6.589  -5.256  1.00 20.63 ? 75  SS0 A C16   1 
HETATM 801 C  C17   . SS0 K 5 .  ? -3.311  -8.672  -5.213  1.00 21.81 ? 75  SS0 A C17   1 
HETATM 802 MG MG    . MG  L 3 .  ? 13.068  -4.701  -14.079 1.00 28.87 ? 1   MG  B MG    1 
HETATM 803 O  O     . HOH M 6 .  ? 1.697   -1.398  -19.043 1.00 24.33 ? 2   HOH A O     1 
HETATM 804 O  O     . HOH M 6 .  ? -6.065  10.776  27.448  1.00 20.61 ? 4   HOH A O     1 
HETATM 805 O  O     . HOH M 6 .  ? 9.305   -8.653  -17.352 1.00 25.65 ? 5   HOH A O     1 
HETATM 806 O  O     . HOH M 6 .  ? 10.804  -5.039  -12.491 1.00 24.40 ? 8   HOH A O     1 
HETATM 807 O  O     . HOH M 6 .  ? 2.202   -2.462  -16.641 1.00 29.00 ? 10  HOH A O     1 
HETATM 808 O  O     . HOH M 6 .  ? 1.423   -4.742  -14.116 1.00 26.23 ? 12  HOH A O     1 
HETATM 809 O  O     . HOH M 6 .  ? -9.035  1.400   12.933  1.00 28.25 ? 15  HOH A O     1 
HETATM 810 O  O     . HOH M 6 .  ? 2.007   14.196  -2.758  1.00 28.98 ? 16  HOH A O     1 
HETATM 811 O  O     . HOH M 6 .  ? 12.892  -6.400  -5.537  1.00 30.23 ? 18  HOH A O     1 
HETATM 812 O  O     . HOH M 6 .  ? 10.758  -5.188  0.223   1.00 35.46 ? 19  HOH A O     1 
HETATM 813 O  O     . HOH M 6 .  ? 8.131   5.199   -5.102  1.00 26.71 ? 20  HOH A O     1 
HETATM 814 O  O     . HOH M 6 .  ? 1.489   -0.578  4.847   1.00 28.42 ? 26  HOH A O     1 
HETATM 815 O  O     . HOH M 6 .  ? -1.720  -7.360  -19.312 1.00 33.77 ? 27  HOH A O     1 
HETATM 816 O  O     . HOH M 6 .  ? -8.724  7.553   -5.264  1.00 23.58 ? 28  HOH A O     1 
HETATM 817 O  O     . HOH M 6 .  ? 11.015  -7.893  -19.217 1.00 26.80 ? 30  HOH A O     1 
HETATM 818 O  O     . HOH M 6 .  ? -8.353  2.980   10.078  1.00 27.22 ? 31  HOH A O     1 
HETATM 819 O  O     . HOH M 6 .  ? -1.916  14.544  -2.811  1.00 22.36 ? 32  HOH A O     1 
HETATM 820 O  O     . HOH M 6 .  ? -10.791 -2.463  16.821  1.00 28.87 ? 35  HOH A O     1 
HETATM 821 O  O     . HOH M 6 .  ? -5.047  -6.535  20.537  1.00 27.09 ? 40  HOH A O     1 
HETATM 822 O  O     . HOH M 6 .  ? -13.366 0.599   22.185  1.00 38.20 ? 41  HOH A O     1 
HETATM 823 O  O     . HOH M 6 .  ? -3.614  9.125   1.399   1.00 28.21 ? 43  HOH A O     1 
HETATM 824 O  O     . HOH M 6 .  ? 1.948   -7.133  -14.396 1.00 31.80 ? 44  HOH A O     1 
HETATM 825 O  O     . HOH M 6 .  ? 1.011   -7.993  -5.602  1.00 25.61 ? 46  HOH A O     1 
HETATM 826 O  O     . HOH M 6 .  ? 3.457   -7.154  -6.824  1.00 29.17 ? 47  HOH A O     1 
HETATM 827 O  O     . HOH M 6 .  ? -2.512  6.003   20.166  1.00 26.76 ? 76  HOH A O     1 
HETATM 828 O  O     . HOH M 6 .  ? -12.698 4.294   21.642  1.00 41.56 ? 77  HOH A O     1 
HETATM 829 O  O     . HOH M 6 .  ? -10.953 4.346   15.400  1.00 39.97 ? 78  HOH A O     1 
HETATM 830 O  O     . HOH M 6 .  ? 9.650   4.571   -0.551  1.00 28.60 ? 79  HOH A O     1 
HETATM 831 O  O     . HOH M 6 .  ? -2.473  3.106   2.753   1.00 28.15 ? 80  HOH A O     1 
HETATM 832 O  O     . HOH M 6 .  ? 9.309   7.082   1.420   1.00 27.16 ? 81  HOH A O     1 
HETATM 833 O  O     . HOH M 6 .  ? 8.526   -3.998  3.412   1.00 34.75 ? 82  HOH A O     1 
HETATM 834 O  O     . HOH M 6 .  ? 8.963   2.991   8.289   1.00 32.92 ? 83  HOH A O     1 
HETATM 835 O  O     . HOH M 6 .  ? -0.748  -2.033  -20.051 1.00 27.03 ? 84  HOH A O     1 
HETATM 836 O  O     . HOH M 6 .  ? -10.544 -1.391  20.509  1.00 36.76 ? 85  HOH A O     1 
HETATM 837 O  O     . HOH M 6 .  ? 11.212  -7.449  0.526   1.00 37.29 ? 86  HOH A O     1 
HETATM 838 O  O     . HOH M 6 .  ? 6.679   2.565   -3.193  1.00 33.40 ? 87  HOH A O     1 
HETATM 839 O  O     . HOH M 6 .  ? 0.040   -8.230  -15.266 1.00 33.47 ? 88  HOH A O     1 
HETATM 840 O  O     . HOH M 6 .  ? 2.877   13.149  1.459   1.00 34.00 ? 89  HOH A O     1 
HETATM 841 O  O     . HOH M 6 .  ? 16.997  -1.553  5.009   1.00 29.79 ? 90  HOH A O     1 
HETATM 842 O  O     . HOH M 6 .  ? -0.564  -4.140  -12.714 1.00 33.53 ? 91  HOH A O     1 
HETATM 843 O  O     . HOH M 6 .  ? 4.515   -6.782  0.384   1.00 36.26 ? 92  HOH A O     1 
HETATM 844 O  O     . HOH M 6 .  ? -0.650  0.020   20.776  1.00 32.65 ? 93  HOH A O     1 
HETATM 845 O  O     . HOH M 6 .  ? 10.169  -8.939  -21.887 1.00 30.96 ? 94  HOH A O     1 
HETATM 846 O  O     . HOH N 6 .  ? -1.613  -0.068  17.514  1.00 23.17 ? 3   HOH B O     1 
HETATM 847 O  O     . HOH N 6 .  ? -4.435  -4.100  -5.961  1.00 20.96 ? 6   HOH B O     1 
HETATM 848 O  O     . HOH N 6 .  ? -2.128  6.949   -8.669  1.00 22.10 ? 7   HOH B O     1 
HETATM 849 O  O     . HOH N 6 .  ? -5.019  2.306   -14.866 1.00 25.60 ? 9   HOH B O     1 
HETATM 850 O  O     . HOH N 6 .  ? -5.216  11.927  17.628  1.00 28.02 ? 11  HOH B O     1 
HETATM 851 O  O     . HOH N 6 .  ? 1.749   -0.664  -14.615 1.00 25.91 ? 13  HOH B O     1 
HETATM 852 O  O     . HOH N 6 .  ? 1.469   9.495   15.858  1.00 24.49 ? 14  HOH B O     1 
HETATM 853 O  O     . HOH N 6 .  ? -3.365  4.099   9.269   1.00 31.39 ? 17  HOH B O     1 
HETATM 854 O  O     . HOH N 6 .  ? -6.562  -10.240 -2.876  1.00 23.89 ? 21  HOH B O     1 
HETATM 855 O  O     . HOH N 6 .  ? -2.109  0.668   4.501   1.00 31.47 ? 22  HOH B O     1 
HETATM 856 O  O     . HOH N 6 .  ? -1.654  8.363   -11.169 1.00 23.29 ? 23  HOH B O     1 
HETATM 857 O  O     . HOH N 6 .  ? -0.444  -2.017  -12.469 1.00 27.01 ? 24  HOH B O     1 
HETATM 858 O  O     . HOH N 6 .  ? 9.850   0.744   -21.008 1.00 34.07 ? 25  HOH B O     1 
HETATM 859 O  O     . HOH N 6 .  ? 4.789   1.844   -16.494 1.00 25.51 ? 29  HOH B O     1 
HETATM 860 O  O     . HOH N 6 .  ? 3.069   -11.379 11.539  1.00 32.45 ? 33  HOH B O     1 
HETATM 861 O  O     . HOH N 6 .  ? -10.001 1.820   -4.057  1.00 31.68 ? 34  HOH B O     1 
HETATM 862 O  O     . HOH N 6 .  ? -10.644 -3.183  -0.470  1.00 33.11 ? 36  HOH B O     1 
HETATM 863 O  O     . HOH N 6 .  ? -2.266  6.375   -14.991 1.00 29.89 ? 37  HOH B O     1 
HETATM 864 O  O     . HOH N 6 .  ? -7.266  5.549   -6.600  1.00 24.06 ? 38  HOH B O     1 
HETATM 865 O  O     . HOH N 6 .  ? 17.577  -5.880  -22.385 1.00 30.68 ? 39  HOH B O     1 
HETATM 866 O  O     . HOH N 6 .  ? 2.169   3.145   -14.008 1.00 30.07 ? 42  HOH B O     1 
HETATM 867 O  O     . HOH N 6 .  ? 18.623  -8.243  -22.084 1.00 32.01 ? 45  HOH B O     1 
HETATM 868 O  O     . HOH N 6 .  ? -2.999  -0.982  -12.929 1.00 28.53 ? 49  HOH B O     1 
HETATM 869 O  O     . HOH N 6 .  ? -3.405  10.642  8.167   1.00 41.40 ? 56  HOH B O     1 
HETATM 870 O  O     . HOH N 6 .  ? -2.012  -5.172  -12.034 1.00 29.90 ? 58  HOH B O     1 
HETATM 871 O  O     . HOH N 6 .  ? -0.970  -1.582  2.952   1.00 31.57 ? 59  HOH B O     1 
HETATM 872 O  O     . HOH N 6 .  ? -8.295  0.707   -15.415 1.00 34.93 ? 60  HOH B O     1 
HETATM 873 O  O     . HOH N 6 .  ? -7.884  6.214   12.261  1.00 26.52 ? 62  HOH B O     1 
HETATM 874 O  O     . HOH N 6 .  ? -2.300  -5.040  -10.120 1.00 33.75 ? 66  HOH B O     1 
HETATM 875 O  O     . HOH N 6 .  ? 15.762  -9.017  -22.900 1.00 37.95 ? 67  HOH B O     1 
HETATM 876 O  O     . HOH N 6 .  ? 6.854   3.828   -7.181  1.00 29.31 ? 69  HOH B O     1 
HETATM 877 O  O     . HOH N 6 .  ? 10.799  -0.347  -10.037 1.00 29.13 ? 70  HOH B O     1 
HETATM 878 O  O     . HOH N 6 .  ? 2.741   -6.046  1.734   1.00 40.74 ? 71  HOH B O     1 
HETATM 879 O  O     . HOH N 6 .  ? -5.737  -8.058  9.015   1.00 33.50 ? 73  HOH B O     1 
HETATM 880 O  O     . HOH N 6 .  ? -2.210  -4.919  13.693  1.00 30.21 ? 74  HOH B O     1 
HETATM 881 O  O     . HOH N 6 .  ? -5.320  -4.758  -10.138 1.00 30.90 ? 79  HOH B O     1 
HETATM 882 O  O     . HOH N 6 .  ? -9.266  4.471   13.396  1.00 34.75 ? 81  HOH B O     1 
HETATM 883 O  O     . HOH N 6 .  ? 5.550   7.790   -8.847  1.00 21.61 ? 117 HOH B O     1 
# 
loop_
_pdbx_poly_seq_scheme.asym_id 
_pdbx_poly_seq_scheme.entity_id 
_pdbx_poly_seq_scheme.seq_id 
_pdbx_poly_seq_scheme.mon_id 
_pdbx_poly_seq_scheme.ndb_seq_num 
_pdbx_poly_seq_scheme.pdb_seq_num 
_pdbx_poly_seq_scheme.auth_seq_num 
_pdbx_poly_seq_scheme.pdb_mon_id 
_pdbx_poly_seq_scheme.auth_mon_id 
_pdbx_poly_seq_scheme.pdb_strand_id 
_pdbx_poly_seq_scheme.pdb_ins_code 
_pdbx_poly_seq_scheme.hetero 
A 1 1  C 1  48  48  C C A . n 
A 1 2  G 2  49  49  G G A . n 
A 1 3  A 3  50  50  A A A . n 
A 1 4  G 4  51  51  G G A . n 
A 1 5  G 5  52  52  G G A . n 
A 1 6  A 6  53  53  A A A . n 
A 1 7  A 7  54  54  A A A . n 
A 1 8  C 8  55  55  C C A . n 
A 1 9  U 9  56  56  U U A . n 
A 1 10 A 10 57  57  A A A . n 
A 1 11 C 11 58  58  C C A . n 
A 1 12 U 12 59  59  U U A . n 
A 1 13 G 13 60  60  G G A . n 
A 1 14 U 14 61  61  U U A . n 
A 1 15 C 15 62  62  C C A . n 
A 1 16 U 16 63  63  U U A . n 
A 1 17 U 17 64  64  U U A . n 
A 1 18 C 18 65  65  C C A . n 
A 1 19 C 19 66  66  C C A . n 
A 1 20 C 20 67  67  C C A . n 
B 2 1  G 1  101 101 G G B . n 
B 2 2  G 2  102 102 G G B . n 
B 2 3  U 3  103 103 U U B . n 
B 2 4  C 4  104 104 C C B . n 
B 2 5  G 5  105 105 G G B . n 
B 2 6  U 6  106 106 U U B . n 
B 2 7  G 7  107 107 G G B . n 
B 2 8  C 8  108 108 C C B . n 
B 2 9  A 9  109 109 A A B . n 
B 2 10 G 10 110 110 G G B . n 
B 2 11 C 11 111 111 C C B . n 
B 2 12 C 12 112 112 C C B . n 
B 2 13 U 13 113 113 U U B . n 
B 2 14 C 14 114 114 C C B . n 
B 2 15 G 15 115 115 G G B . n 
B 2 16 G 16 116 116 G G B . n 
# 
loop_
_pdbx_nonpoly_scheme.asym_id 
_pdbx_nonpoly_scheme.entity_id 
_pdbx_nonpoly_scheme.mon_id 
_pdbx_nonpoly_scheme.ndb_seq_num 
_pdbx_nonpoly_scheme.pdb_seq_num 
_pdbx_nonpoly_scheme.auth_seq_num 
_pdbx_nonpoly_scheme.pdb_mon_id 
_pdbx_nonpoly_scheme.auth_mon_id 
_pdbx_nonpoly_scheme.pdb_strand_id 
_pdbx_nonpoly_scheme.pdb_ins_code 
C 3 MG  1  1   1  MG  MG  A . 
D 3 MG  1  68  1  MG  MG  A . 
E 3 MG  1  69  1  MG  MG  A . 
F 3 MG  1  70  1  MG  MG  A . 
G 3 MG  1  71  1  MG  MG  A . 
H 4 SO4 1  72  1  SO4 SO4 A . 
I 4 SO4 1  73  1  SO4 SO4 A . 
J 4 SO4 1  74  1  SO4 SO4 A . 
K 5 SS0 1  75  1  SS0 SS0 A . 
L 3 MG  1  1   1  MG  MG  B . 
M 6 HOH 1  2   2  HOH HOH A . 
M 6 HOH 2  4   4  HOH HOH A . 
M 6 HOH 3  5   5  HOH HOH A . 
M 6 HOH 4  8   8  HOH HOH A . 
M 6 HOH 5  10  10 HOH HOH A . 
M 6 HOH 6  12  12 HOH HOH A . 
M 6 HOH 7  15  15 HOH HOH A . 
M 6 HOH 8  16  16 HOH HOH A . 
M 6 HOH 9  18  18 HOH HOH A . 
M 6 HOH 10 19  19 HOH HOH A . 
M 6 HOH 11 20  20 HOH HOH A . 
M 6 HOH 12 26  26 HOH HOH A . 
M 6 HOH 13 27  27 HOH HOH A . 
M 6 HOH 14 28  28 HOH HOH A . 
M 6 HOH 15 30  30 HOH HOH A . 
M 6 HOH 16 31  31 HOH HOH A . 
M 6 HOH 17 32  32 HOH HOH A . 
M 6 HOH 18 35  35 HOH HOH A . 
M 6 HOH 19 40  40 HOH HOH A . 
M 6 HOH 20 41  41 HOH HOH A . 
M 6 HOH 21 43  43 HOH HOH A . 
M 6 HOH 22 44  44 HOH HOH A . 
M 6 HOH 23 46  46 HOH HOH A . 
M 6 HOH 24 47  47 HOH HOH A . 
M 6 HOH 25 76  76 HOH HOH A . 
M 6 HOH 26 77  77 HOH HOH A . 
M 6 HOH 27 78  78 HOH HOH A . 
M 6 HOH 28 79  48 HOH HOH A . 
M 6 HOH 29 80  80 HOH HOH A . 
M 6 HOH 30 81  50 HOH HOH A . 
M 6 HOH 31 82  51 HOH HOH A . 
M 6 HOH 32 83  52 HOH HOH A . 
M 6 HOH 33 84  54 HOH HOH A . 
M 6 HOH 34 85  55 HOH HOH A . 
M 6 HOH 35 86  57 HOH HOH A . 
M 6 HOH 36 87  61 HOH HOH A . 
M 6 HOH 37 88  63 HOH HOH A . 
M 6 HOH 38 89  64 HOH HOH A . 
M 6 HOH 39 90  65 HOH HOH A . 
M 6 HOH 40 91  68 HOH HOH A . 
M 6 HOH 41 92  72 HOH HOH A . 
M 6 HOH 42 93  75 HOH HOH A . 
M 6 HOH 43 94  53 HOH HOH A . 
N 6 HOH 1  3   3  HOH HOH B . 
N 6 HOH 2  6   6  HOH HOH B . 
N 6 HOH 3  7   7  HOH HOH B . 
N 6 HOH 4  9   9  HOH HOH B . 
N 6 HOH 5  11  11 HOH HOH B . 
N 6 HOH 6  13  13 HOH HOH B . 
N 6 HOH 7  14  14 HOH HOH B . 
N 6 HOH 8  17  17 HOH HOH B . 
N 6 HOH 9  21  21 HOH HOH B . 
N 6 HOH 10 22  22 HOH HOH B . 
N 6 HOH 11 23  23 HOH HOH B . 
N 6 HOH 12 24  24 HOH HOH B . 
N 6 HOH 13 25  25 HOH HOH B . 
N 6 HOH 14 29  29 HOH HOH B . 
N 6 HOH 15 33  33 HOH HOH B . 
N 6 HOH 16 34  34 HOH HOH B . 
N 6 HOH 17 36  36 HOH HOH B . 
N 6 HOH 18 37  37 HOH HOH B . 
N 6 HOH 19 38  38 HOH HOH B . 
N 6 HOH 20 39  39 HOH HOH B . 
N 6 HOH 21 42  42 HOH HOH B . 
N 6 HOH 22 45  45 HOH HOH B . 
N 6 HOH 23 49  49 HOH HOH B . 
N 6 HOH 24 56  56 HOH HOH B . 
N 6 HOH 25 58  58 HOH HOH B . 
N 6 HOH 26 59  59 HOH HOH B . 
N 6 HOH 27 60  60 HOH HOH B . 
N 6 HOH 28 62  62 HOH HOH B . 
N 6 HOH 29 66  66 HOH HOH B . 
N 6 HOH 30 67  67 HOH HOH B . 
N 6 HOH 31 69  69 HOH HOH B . 
N 6 HOH 32 70  70 HOH HOH B . 
N 6 HOH 33 71  71 HOH HOH B . 
N 6 HOH 34 73  73 HOH HOH B . 
N 6 HOH 35 74  74 HOH HOH B . 
N 6 HOH 36 79  79 HOH HOH B . 
N 6 HOH 37 81  81 HOH HOH B . 
N 6 HOH 38 117 1  HOH HOH B . 
# 
_struct_site_keywords.site_id   1 
_struct_site_keywords.text      'INTERCALATION, MAJOR GROOVE BINDER' 
# 
_pdbx_struct_assembly.id                   1 
_pdbx_struct_assembly.details              author_and_software_defined_assembly 
_pdbx_struct_assembly.method_details       PISA 
_pdbx_struct_assembly.oligomeric_details   dimeric 
_pdbx_struct_assembly.oligomeric_count     2 
# 
_pdbx_struct_assembly_gen.assembly_id       1 
_pdbx_struct_assembly_gen.oper_expression   1 
_pdbx_struct_assembly_gen.asym_id_list      A,B,C,D,E,F,G,H,I,J,K,L,M,N 
# 
loop_
_pdbx_struct_assembly_prop.biol_id 
_pdbx_struct_assembly_prop.type 
_pdbx_struct_assembly_prop.value 
_pdbx_struct_assembly_prop.details 
1 'ABSA (A^2)' 3240 ? 
1 MORE         -100 ? 
1 'SSA (A^2)'  6260 ? 
# 
_pdbx_struct_oper_list.id                   1 
_pdbx_struct_oper_list.type                 'identity operation' 
_pdbx_struct_oper_list.name                 1_555 
_pdbx_struct_oper_list.symmetry_operation   x,y,z 
_pdbx_struct_oper_list.matrix[1][1]         1.0000000000 
_pdbx_struct_oper_list.matrix[1][2]         0.0000000000 
_pdbx_struct_oper_list.matrix[1][3]         0.0000000000 
_pdbx_struct_oper_list.vector[1]            0.0000000000 
_pdbx_struct_oper_list.matrix[2][1]         0.0000000000 
_pdbx_struct_oper_list.matrix[2][2]         1.0000000000 
_pdbx_struct_oper_list.matrix[2][3]         0.0000000000 
_pdbx_struct_oper_list.vector[2]            0.0000000000 
_pdbx_struct_oper_list.matrix[3][1]         0.0000000000 
_pdbx_struct_oper_list.matrix[3][2]         0.0000000000 
_pdbx_struct_oper_list.matrix[3][3]         1.0000000000 
_pdbx_struct_oper_list.vector[3]            0.0000000000 
# 
loop_
_pdbx_struct_conn_angle.id 
_pdbx_struct_conn_angle.ptnr1_label_atom_id 
_pdbx_struct_conn_angle.ptnr1_label_alt_id 
_pdbx_struct_conn_angle.ptnr1_label_asym_id 
_pdbx_struct_conn_angle.ptnr1_label_comp_id 
_pdbx_struct_conn_angle.ptnr1_label_seq_id 
_pdbx_struct_conn_angle.ptnr1_auth_atom_id 
_pdbx_struct_conn_angle.ptnr1_auth_asym_id 
_pdbx_struct_conn_angle.ptnr1_auth_comp_id 
_pdbx_struct_conn_angle.ptnr1_auth_seq_id 
_pdbx_struct_conn_angle.ptnr1_PDB_ins_code 
_pdbx_struct_conn_angle.ptnr1_symmetry 
_pdbx_struct_conn_angle.ptnr2_label_atom_id 
_pdbx_struct_conn_angle.ptnr2_label_alt_id 
_pdbx_struct_conn_angle.ptnr2_label_asym_id 
_pdbx_struct_conn_angle.ptnr2_label_comp_id 
_pdbx_struct_conn_angle.ptnr2_label_seq_id 
_pdbx_struct_conn_angle.ptnr2_auth_atom_id 
_pdbx_struct_conn_angle.ptnr2_auth_asym_id 
_pdbx_struct_conn_angle.ptnr2_auth_comp_id 
_pdbx_struct_conn_angle.ptnr2_auth_seq_id 
_pdbx_struct_conn_angle.ptnr2_PDB_ins_code 
_pdbx_struct_conn_angle.ptnr2_symmetry 
_pdbx_struct_conn_angle.ptnr3_label_atom_id 
_pdbx_struct_conn_angle.ptnr3_label_alt_id 
_pdbx_struct_conn_angle.ptnr3_label_asym_id 
_pdbx_struct_conn_angle.ptnr3_label_comp_id 
_pdbx_struct_conn_angle.ptnr3_label_seq_id 
_pdbx_struct_conn_angle.ptnr3_auth_atom_id 
_pdbx_struct_conn_angle.ptnr3_auth_asym_id 
_pdbx_struct_conn_angle.ptnr3_auth_comp_id 
_pdbx_struct_conn_angle.ptnr3_auth_seq_id 
_pdbx_struct_conn_angle.ptnr3_PDB_ins_code 
_pdbx_struct_conn_angle.ptnr3_symmetry 
_pdbx_struct_conn_angle.value 
_pdbx_struct_conn_angle.value_esd 
1 OP1 ? A U   9  ? A U   56 ? 1_555 MG ? C MG . ? A MG 1 ? 1_555 O4    ? A U   12 ? A U   59  ? 1_555 110.6 ? 
2 OP1 ? A U   9  ? A U   56 ? 1_555 MG ? C MG . ? A MG 1 ? 1_555 O     ? M HOH .  ? A HOH 80  ? 1_555 143.9 ? 
3 O4  ? A U   12 ? A U   59 ? 1_555 MG ? C MG . ? A MG 1 ? 1_555 O     ? M HOH .  ? A HOH 80  ? 1_555 88.9  ? 
4 O   ? M HOH .  ? A HOH 8  ? 1_555 MG ? L MG . ? B MG 1 ? 1_555 "O2'" ? B C   14 ? B C   114 ? 1_555 104.5 ? 
# 
loop_
_pdbx_audit_revision_history.ordinal 
_pdbx_audit_revision_history.data_content_type 
_pdbx_audit_revision_history.major_revision 
_pdbx_audit_revision_history.minor_revision 
_pdbx_audit_revision_history.revision_date 
1 'Structure model' 1 0 2012-03-21 
2 'Structure model' 1 1 2023-09-13 
# 
_pdbx_audit_revision_details.ordinal             1 
_pdbx_audit_revision_details.revision_ordinal    1 
_pdbx_audit_revision_details.data_content_type   'Structure model' 
_pdbx_audit_revision_details.provider            repository 
_pdbx_audit_revision_details.type                'Initial release' 
_pdbx_audit_revision_details.description         ? 
_pdbx_audit_revision_details.details             ? 
# 
loop_
_pdbx_audit_revision_group.ordinal 
_pdbx_audit_revision_group.revision_ordinal 
_pdbx_audit_revision_group.data_content_type 
_pdbx_audit_revision_group.group 
1 2 'Structure model' 'Data collection'        
2 2 'Structure model' 'Database references'    
3 2 'Structure model' 'Derived calculations'   
4 2 'Structure model' 'Refinement description' 
# 
loop_
_pdbx_audit_revision_category.ordinal 
_pdbx_audit_revision_category.revision_ordinal 
_pdbx_audit_revision_category.data_content_type 
_pdbx_audit_revision_category.category 
1 2 'Structure model' chem_comp_atom                
2 2 'Structure model' chem_comp_bond                
3 2 'Structure model' database_2                    
4 2 'Structure model' pdbx_initial_refinement_model 
5 2 'Structure model' pdbx_struct_conn_angle        
6 2 'Structure model' struct_conn                   
7 2 'Structure model' struct_site                   
# 
loop_
_pdbx_audit_revision_item.ordinal 
_pdbx_audit_revision_item.revision_ordinal 
_pdbx_audit_revision_item.data_content_type 
_pdbx_audit_revision_item.item 
1  2 'Structure model' '_database_2.pdbx_DOI'                        
2  2 'Structure model' '_database_2.pdbx_database_accession'         
3  2 'Structure model' '_pdbx_struct_conn_angle.ptnr1_auth_comp_id'  
4  2 'Structure model' '_pdbx_struct_conn_angle.ptnr1_auth_seq_id'   
5  2 'Structure model' '_pdbx_struct_conn_angle.ptnr1_label_asym_id' 
6  2 'Structure model' '_pdbx_struct_conn_angle.ptnr1_label_atom_id' 
7  2 'Structure model' '_pdbx_struct_conn_angle.ptnr1_label_comp_id' 
8  2 'Structure model' '_pdbx_struct_conn_angle.ptnr1_label_seq_id'  
9  2 'Structure model' '_pdbx_struct_conn_angle.ptnr3_auth_comp_id'  
10 2 'Structure model' '_pdbx_struct_conn_angle.ptnr3_auth_seq_id'   
11 2 'Structure model' '_pdbx_struct_conn_angle.ptnr3_label_asym_id' 
12 2 'Structure model' '_pdbx_struct_conn_angle.ptnr3_label_atom_id' 
13 2 'Structure model' '_pdbx_struct_conn_angle.ptnr3_label_comp_id' 
14 2 'Structure model' '_pdbx_struct_conn_angle.ptnr3_label_seq_id'  
15 2 'Structure model' '_pdbx_struct_conn_angle.value'               
16 2 'Structure model' '_struct_conn.pdbx_dist_value'                
17 2 'Structure model' '_struct_conn.ptnr1_auth_asym_id'             
18 2 'Structure model' '_struct_conn.ptnr1_auth_comp_id'             
19 2 'Structure model' '_struct_conn.ptnr1_auth_seq_id'              
20 2 'Structure model' '_struct_conn.ptnr1_label_asym_id'            
21 2 'Structure model' '_struct_conn.ptnr1_label_atom_id'            
22 2 'Structure model' '_struct_conn.ptnr1_label_comp_id'            
23 2 'Structure model' '_struct_conn.ptnr1_label_seq_id'             
24 2 'Structure model' '_struct_conn.ptnr2_auth_asym_id'             
25 2 'Structure model' '_struct_conn.ptnr2_auth_comp_id'             
26 2 'Structure model' '_struct_conn.ptnr2_auth_seq_id'              
27 2 'Structure model' '_struct_conn.ptnr2_label_asym_id'            
28 2 'Structure model' '_struct_conn.ptnr2_label_atom_id'            
29 2 'Structure model' '_struct_conn.ptnr2_label_comp_id'            
30 2 'Structure model' '_struct_conn.ptnr2_label_seq_id'             
31 2 'Structure model' '_struct_site.pdbx_auth_asym_id'              
32 2 'Structure model' '_struct_site.pdbx_auth_comp_id'              
33 2 'Structure model' '_struct_site.pdbx_auth_seq_id'               
# 
loop_
_software.name 
_software.classification 
_software.version 
_software.citation_id 
_software.pdbx_ordinal 
MAR345dtb 'data collection' .                 ? 1 
PHASER    phasing           .                 ? 2 
PHENIX    refinement        '(phenix.refine)' ? 3 
HKL-2000  'data reduction'  .                 ? 4 
HKL-2000  'data scaling'    .                 ? 5 
# 
loop_
_pdbx_validate_close_contact.id 
_pdbx_validate_close_contact.PDB_model_num 
_pdbx_validate_close_contact.auth_atom_id_1 
_pdbx_validate_close_contact.auth_asym_id_1 
_pdbx_validate_close_contact.auth_comp_id_1 
_pdbx_validate_close_contact.auth_seq_id_1 
_pdbx_validate_close_contact.PDB_ins_code_1 
_pdbx_validate_close_contact.label_alt_id_1 
_pdbx_validate_close_contact.auth_atom_id_2 
_pdbx_validate_close_contact.auth_asym_id_2 
_pdbx_validate_close_contact.auth_comp_id_2 
_pdbx_validate_close_contact.auth_seq_id_2 
_pdbx_validate_close_contact.PDB_ins_code_2 
_pdbx_validate_close_contact.label_alt_id_2 
_pdbx_validate_close_contact.dist 
1 1 O  A HOH 91 ? ? O B HOH 58 ? ? 1.90 
2 1 O  B HOH 58 ? ? O B HOH 66 ? ? 1.94 
3 1 O3 A SO4 74 ? ? O A HOH 77 ? ? 1.96 
4 1 O  A HOH 91 ? ? O B HOH 24 ? ? 2.14 
# 
loop_
_chem_comp_atom.comp_id 
_chem_comp_atom.atom_id 
_chem_comp_atom.type_symbol 
_chem_comp_atom.pdbx_aromatic_flag 
_chem_comp_atom.pdbx_stereo_config 
_chem_comp_atom.pdbx_ordinal 
A   OP3    O  N N 1   
A   P      P  N N 2   
A   OP1    O  N N 3   
A   OP2    O  N N 4   
A   "O5'"  O  N N 5   
A   "C5'"  C  N N 6   
A   "C4'"  C  N R 7   
A   "O4'"  O  N N 8   
A   "C3'"  C  N S 9   
A   "O3'"  O  N N 10  
A   "C2'"  C  N R 11  
A   "O2'"  O  N N 12  
A   "C1'"  C  N R 13  
A   N9     N  Y N 14  
A   C8     C  Y N 15  
A   N7     N  Y N 16  
A   C5     C  Y N 17  
A   C6     C  Y N 18  
A   N6     N  N N 19  
A   N1     N  Y N 20  
A   C2     C  Y N 21  
A   N3     N  Y N 22  
A   C4     C  Y N 23  
A   HOP3   H  N N 24  
A   HOP2   H  N N 25  
A   "H5'"  H  N N 26  
A   "H5''" H  N N 27  
A   "H4'"  H  N N 28  
A   "H3'"  H  N N 29  
A   "HO3'" H  N N 30  
A   "H2'"  H  N N 31  
A   "HO2'" H  N N 32  
A   "H1'"  H  N N 33  
A   H8     H  N N 34  
A   H61    H  N N 35  
A   H62    H  N N 36  
A   H2     H  N N 37  
C   OP3    O  N N 38  
C   P      P  N N 39  
C   OP1    O  N N 40  
C   OP2    O  N N 41  
C   "O5'"  O  N N 42  
C   "C5'"  C  N N 43  
C   "C4'"  C  N R 44  
C   "O4'"  O  N N 45  
C   "C3'"  C  N S 46  
C   "O3'"  O  N N 47  
C   "C2'"  C  N R 48  
C   "O2'"  O  N N 49  
C   "C1'"  C  N R 50  
C   N1     N  N N 51  
C   C2     C  N N 52  
C   O2     O  N N 53  
C   N3     N  N N 54  
C   C4     C  N N 55  
C   N4     N  N N 56  
C   C5     C  N N 57  
C   C6     C  N N 58  
C   HOP3   H  N N 59  
C   HOP2   H  N N 60  
C   "H5'"  H  N N 61  
C   "H5''" H  N N 62  
C   "H4'"  H  N N 63  
C   "H3'"  H  N N 64  
C   "HO3'" H  N N 65  
C   "H2'"  H  N N 66  
C   "HO2'" H  N N 67  
C   "H1'"  H  N N 68  
C   H41    H  N N 69  
C   H42    H  N N 70  
C   H5     H  N N 71  
C   H6     H  N N 72  
G   OP3    O  N N 73  
G   P      P  N N 74  
G   OP1    O  N N 75  
G   OP2    O  N N 76  
G   "O5'"  O  N N 77  
G   "C5'"  C  N N 78  
G   "C4'"  C  N R 79  
G   "O4'"  O  N N 80  
G   "C3'"  C  N S 81  
G   "O3'"  O  N N 82  
G   "C2'"  C  N R 83  
G   "O2'"  O  N N 84  
G   "C1'"  C  N R 85  
G   N9     N  Y N 86  
G   C8     C  Y N 87  
G   N7     N  Y N 88  
G   C5     C  Y N 89  
G   C6     C  N N 90  
G   O6     O  N N 91  
G   N1     N  N N 92  
G   C2     C  N N 93  
G   N2     N  N N 94  
G   N3     N  N N 95  
G   C4     C  Y N 96  
G   HOP3   H  N N 97  
G   HOP2   H  N N 98  
G   "H5'"  H  N N 99  
G   "H5''" H  N N 100 
G   "H4'"  H  N N 101 
G   "H3'"  H  N N 102 
G   "HO3'" H  N N 103 
G   "H2'"  H  N N 104 
G   "HO2'" H  N N 105 
G   "H1'"  H  N N 106 
G   H8     H  N N 107 
G   H1     H  N N 108 
G   H21    H  N N 109 
G   H22    H  N N 110 
HOH O      O  N N 111 
HOH H1     H  N N 112 
HOH H2     H  N N 113 
MG  MG     MG N N 114 
SO4 S      S  N N 115 
SO4 O1     O  N N 116 
SO4 O2     O  N N 117 
SO4 O3     O  N N 118 
SO4 O4     O  N N 119 
SS0 C      C  N N 120 
SS0 N      N  N N 121 
SS0 O      O  N N 122 
SS0 C01    C  Y N 123 
SS0 N01    N  Y N 124 
SS0 C02    C  Y N 125 
SS0 N02    N  Y N 126 
SS0 C03    C  Y N 127 
SS0 N03    N  N N 128 
SS0 C04    C  Y N 129 
SS0 N04    N  N N 130 
SS0 C05    C  Y N 131 
SS0 C06    C  Y N 132 
SS0 C07    C  Y N 133 
SS0 C08    C  N N 134 
SS0 C09    C  N R 135 
SS0 C10    C  N N 136 
SS0 C11    C  N N 137 
SS0 C12    C  N N 138 
SS0 C13    C  N N 139 
SS0 C14    C  N N 140 
SS0 C15    C  N N 141 
SS0 C16    C  N N 142 
SS0 C17    C  N N 143 
SS0 H      H  N N 144 
SS0 HA     H  N N 145 
SS0 HB     H  N N 146 
SS0 H02    H  N N 147 
SS0 H03    H  N N 148 
SS0 HN03   H  N N 149 
SS0 HN0A   H  N N 150 
SS0 H08    H  N N 151 
SS0 H08A   H  N N 152 
SS0 H09    H  N N 153 
SS0 H10    H  N N 154 
SS0 H10A   H  N N 155 
SS0 H11    H  N N 156 
SS0 H11A   H  N N 157 
SS0 H12    H  N N 158 
SS0 H12A   H  N N 159 
SS0 H13    H  N N 160 
SS0 H13A   H  N N 161 
SS0 H13B   H  N N 162 
SS0 H14    H  N N 163 
SS0 H14A   H  N N 164 
SS0 H14B   H  N N 165 
SS0 H15    H  N N 166 
SS0 H15A   H  N N 167 
SS0 H16    H  N N 168 
SS0 H16A   H  N N 169 
SS0 H17    H  N N 170 
SS0 H17A   H  N N 171 
SS0 H17B   H  N N 172 
U   OP3    O  N N 173 
U   P      P  N N 174 
U   OP1    O  N N 175 
U   OP2    O  N N 176 
U   "O5'"  O  N N 177 
U   "C5'"  C  N N 178 
U   "C4'"  C  N R 179 
U   "O4'"  O  N N 180 
U   "C3'"  C  N S 181 
U   "O3'"  O  N N 182 
U   "C2'"  C  N R 183 
U   "O2'"  O  N N 184 
U   "C1'"  C  N R 185 
U   N1     N  N N 186 
U   C2     C  N N 187 
U   O2     O  N N 188 
U   N3     N  N N 189 
U   C4     C  N N 190 
U   O4     O  N N 191 
U   C5     C  N N 192 
U   C6     C  N N 193 
U   HOP3   H  N N 194 
U   HOP2   H  N N 195 
U   "H5'"  H  N N 196 
U   "H5''" H  N N 197 
U   "H4'"  H  N N 198 
U   "H3'"  H  N N 199 
U   "HO3'" H  N N 200 
U   "H2'"  H  N N 201 
U   "HO2'" H  N N 202 
U   "H1'"  H  N N 203 
U   H3     H  N N 204 
U   H5     H  N N 205 
U   H6     H  N N 206 
# 
loop_
_chem_comp_bond.comp_id 
_chem_comp_bond.atom_id_1 
_chem_comp_bond.atom_id_2 
_chem_comp_bond.value_order 
_chem_comp_bond.pdbx_aromatic_flag 
_chem_comp_bond.pdbx_stereo_config 
_chem_comp_bond.pdbx_ordinal 
A   OP3   P      sing N N 1   
A   OP3   HOP3   sing N N 2   
A   P     OP1    doub N N 3   
A   P     OP2    sing N N 4   
A   P     "O5'"  sing N N 5   
A   OP2   HOP2   sing N N 6   
A   "O5'" "C5'"  sing N N 7   
A   "C5'" "C4'"  sing N N 8   
A   "C5'" "H5'"  sing N N 9   
A   "C5'" "H5''" sing N N 10  
A   "C4'" "O4'"  sing N N 11  
A   "C4'" "C3'"  sing N N 12  
A   "C4'" "H4'"  sing N N 13  
A   "O4'" "C1'"  sing N N 14  
A   "C3'" "O3'"  sing N N 15  
A   "C3'" "C2'"  sing N N 16  
A   "C3'" "H3'"  sing N N 17  
A   "O3'" "HO3'" sing N N 18  
A   "C2'" "O2'"  sing N N 19  
A   "C2'" "C1'"  sing N N 20  
A   "C2'" "H2'"  sing N N 21  
A   "O2'" "HO2'" sing N N 22  
A   "C1'" N9     sing N N 23  
A   "C1'" "H1'"  sing N N 24  
A   N9    C8     sing Y N 25  
A   N9    C4     sing Y N 26  
A   C8    N7     doub Y N 27  
A   C8    H8     sing N N 28  
A   N7    C5     sing Y N 29  
A   C5    C6     sing Y N 30  
A   C5    C4     doub Y N 31  
A   C6    N6     sing N N 32  
A   C6    N1     doub Y N 33  
A   N6    H61    sing N N 34  
A   N6    H62    sing N N 35  
A   N1    C2     sing Y N 36  
A   C2    N3     doub Y N 37  
A   C2    H2     sing N N 38  
A   N3    C4     sing Y N 39  
C   OP3   P      sing N N 40  
C   OP3   HOP3   sing N N 41  
C   P     OP1    doub N N 42  
C   P     OP2    sing N N 43  
C   P     "O5'"  sing N N 44  
C   OP2   HOP2   sing N N 45  
C   "O5'" "C5'"  sing N N 46  
C   "C5'" "C4'"  sing N N 47  
C   "C5'" "H5'"  sing N N 48  
C   "C5'" "H5''" sing N N 49  
C   "C4'" "O4'"  sing N N 50  
C   "C4'" "C3'"  sing N N 51  
C   "C4'" "H4'"  sing N N 52  
C   "O4'" "C1'"  sing N N 53  
C   "C3'" "O3'"  sing N N 54  
C   "C3'" "C2'"  sing N N 55  
C   "C3'" "H3'"  sing N N 56  
C   "O3'" "HO3'" sing N N 57  
C   "C2'" "O2'"  sing N N 58  
C   "C2'" "C1'"  sing N N 59  
C   "C2'" "H2'"  sing N N 60  
C   "O2'" "HO2'" sing N N 61  
C   "C1'" N1     sing N N 62  
C   "C1'" "H1'"  sing N N 63  
C   N1    C2     sing N N 64  
C   N1    C6     sing N N 65  
C   C2    O2     doub N N 66  
C   C2    N3     sing N N 67  
C   N3    C4     doub N N 68  
C   C4    N4     sing N N 69  
C   C4    C5     sing N N 70  
C   N4    H41    sing N N 71  
C   N4    H42    sing N N 72  
C   C5    C6     doub N N 73  
C   C5    H5     sing N N 74  
C   C6    H6     sing N N 75  
G   OP3   P      sing N N 76  
G   OP3   HOP3   sing N N 77  
G   P     OP1    doub N N 78  
G   P     OP2    sing N N 79  
G   P     "O5'"  sing N N 80  
G   OP2   HOP2   sing N N 81  
G   "O5'" "C5'"  sing N N 82  
G   "C5'" "C4'"  sing N N 83  
G   "C5'" "H5'"  sing N N 84  
G   "C5'" "H5''" sing N N 85  
G   "C4'" "O4'"  sing N N 86  
G   "C4'" "C3'"  sing N N 87  
G   "C4'" "H4'"  sing N N 88  
G   "O4'" "C1'"  sing N N 89  
G   "C3'" "O3'"  sing N N 90  
G   "C3'" "C2'"  sing N N 91  
G   "C3'" "H3'"  sing N N 92  
G   "O3'" "HO3'" sing N N 93  
G   "C2'" "O2'"  sing N N 94  
G   "C2'" "C1'"  sing N N 95  
G   "C2'" "H2'"  sing N N 96  
G   "O2'" "HO2'" sing N N 97  
G   "C1'" N9     sing N N 98  
G   "C1'" "H1'"  sing N N 99  
G   N9    C8     sing Y N 100 
G   N9    C4     sing Y N 101 
G   C8    N7     doub Y N 102 
G   C8    H8     sing N N 103 
G   N7    C5     sing Y N 104 
G   C5    C6     sing N N 105 
G   C5    C4     doub Y N 106 
G   C6    O6     doub N N 107 
G   C6    N1     sing N N 108 
G   N1    C2     sing N N 109 
G   N1    H1     sing N N 110 
G   C2    N2     sing N N 111 
G   C2    N3     doub N N 112 
G   N2    H21    sing N N 113 
G   N2    H22    sing N N 114 
G   N3    C4     sing N N 115 
HOH O     H1     sing N N 116 
HOH O     H2     sing N N 117 
SO4 S     O1     doub N N 118 
SO4 S     O2     doub N N 119 
SO4 S     O3     sing N N 120 
SO4 S     O4     sing N N 121 
SS0 C     N      sing N N 122 
SS0 N     C16    sing N N 123 
SS0 N     C17    sing N N 124 
SS0 O     C01    sing N N 125 
SS0 O     C10    sing N N 126 
SS0 C01   C02    doub Y N 127 
SS0 C01   C06    sing Y N 128 
SS0 N01   C04    sing Y N 129 
SS0 N01   C07    doub Y N 130 
SS0 C02   C03    sing Y N 131 
SS0 N02   C05    sing Y N 132 
SS0 N02   C07    sing Y N 133 
SS0 N02   C12    sing N N 134 
SS0 C03   C04    doub Y N 135 
SS0 N03   C07    sing N N 136 
SS0 C04   C05    sing Y N 137 
SS0 N04   C11    sing N N 138 
SS0 N04   C13    sing N N 139 
SS0 N04   C14    sing N N 140 
SS0 C05   C06    doub Y N 141 
SS0 C06   C08    sing N N 142 
SS0 C08   C09    sing N N 143 
SS0 C09   C10    sing N N 144 
SS0 C09   C11    sing N N 145 
SS0 C12   C15    sing N N 146 
SS0 C15   C16    sing N N 147 
SS0 C     H      sing N N 148 
SS0 C     HA     sing N N 149 
SS0 C     HB     sing N N 150 
SS0 C02   H02    sing N N 151 
SS0 C03   H03    sing N N 152 
SS0 N03   HN03   sing N N 153 
SS0 N03   HN0A   sing N N 154 
SS0 C08   H08    sing N N 155 
SS0 C08   H08A   sing N N 156 
SS0 C09   H09    sing N N 157 
SS0 C10   H10    sing N N 158 
SS0 C10   H10A   sing N N 159 
SS0 C11   H11    sing N N 160 
SS0 C11   H11A   sing N N 161 
SS0 C12   H12    sing N N 162 
SS0 C12   H12A   sing N N 163 
SS0 C13   H13    sing N N 164 
SS0 C13   H13A   sing N N 165 
SS0 C13   H13B   sing N N 166 
SS0 C14   H14    sing N N 167 
SS0 C14   H14A   sing N N 168 
SS0 C14   H14B   sing N N 169 
SS0 C15   H15    sing N N 170 
SS0 C15   H15A   sing N N 171 
SS0 C16   H16    sing N N 172 
SS0 C16   H16A   sing N N 173 
SS0 C17   H17    sing N N 174 
SS0 C17   H17A   sing N N 175 
SS0 C17   H17B   sing N N 176 
U   OP3   P      sing N N 177 
U   OP3   HOP3   sing N N 178 
U   P     OP1    doub N N 179 
U   P     OP2    sing N N 180 
U   P     "O5'"  sing N N 181 
U   OP2   HOP2   sing N N 182 
U   "O5'" "C5'"  sing N N 183 
U   "C5'" "C4'"  sing N N 184 
U   "C5'" "H5'"  sing N N 185 
U   "C5'" "H5''" sing N N 186 
U   "C4'" "O4'"  sing N N 187 
U   "C4'" "C3'"  sing N N 188 
U   "C4'" "H4'"  sing N N 189 
U   "O4'" "C1'"  sing N N 190 
U   "C3'" "O3'"  sing N N 191 
U   "C3'" "C2'"  sing N N 192 
U   "C3'" "H3'"  sing N N 193 
U   "O3'" "HO3'" sing N N 194 
U   "C2'" "O2'"  sing N N 195 
U   "C2'" "C1'"  sing N N 196 
U   "C2'" "H2'"  sing N N 197 
U   "O2'" "HO2'" sing N N 198 
U   "C1'" N1     sing N N 199 
U   "C1'" "H1'"  sing N N 200 
U   N1    C2     sing N N 201 
U   N1    C6     sing N N 202 
U   C2    O2     doub N N 203 
U   C2    N3     sing N N 204 
U   N3    C4     sing N N 205 
U   N3    H3     sing N N 206 
U   C4    O4     doub N N 207 
U   C4    C5     sing N N 208 
U   C5    C6     doub N N 209 
U   C5    H5     sing N N 210 
U   C6    H6     sing N N 211 
# 
loop_
_ndb_struct_conf_na.entry_id 
_ndb_struct_conf_na.feature 
3TZR 'double helix'         
3TZR 'a-form double helix'  
3TZR 'bulge loop'           
3TZR 'mismatched base pair' 
3TZR 'triple helix'         
# 
loop_
_ndb_struct_na_base_pair.model_number 
_ndb_struct_na_base_pair.i_label_asym_id 
_ndb_struct_na_base_pair.i_label_comp_id 
_ndb_struct_na_base_pair.i_label_seq_id 
_ndb_struct_na_base_pair.i_symmetry 
_ndb_struct_na_base_pair.j_label_asym_id 
_ndb_struct_na_base_pair.j_label_comp_id 
_ndb_struct_na_base_pair.j_label_seq_id 
_ndb_struct_na_base_pair.j_symmetry 
_ndb_struct_na_base_pair.shear 
_ndb_struct_na_base_pair.stretch 
_ndb_struct_na_base_pair.stagger 
_ndb_struct_na_base_pair.buckle 
_ndb_struct_na_base_pair.propeller 
_ndb_struct_na_base_pair.opening 
_ndb_struct_na_base_pair.pair_number 
_ndb_struct_na_base_pair.pair_name 
_ndb_struct_na_base_pair.i_auth_asym_id 
_ndb_struct_na_base_pair.i_auth_seq_id 
_ndb_struct_na_base_pair.i_PDB_ins_code 
_ndb_struct_na_base_pair.j_auth_asym_id 
_ndb_struct_na_base_pair.j_auth_seq_id 
_ndb_struct_na_base_pair.j_PDB_ins_code 
_ndb_struct_na_base_pair.hbond_type_28 
_ndb_struct_na_base_pair.hbond_type_12 
1 A C 1  1_555 B G 15 1_555 0.310  -0.154 0.008  3.205   -11.821 0.208  1  A_C48:G115_B A 48 ? B 115 ? 19 1 
1 A G 2  1_555 B C 14 1_555 -0.329 -0.217 0.288  -4.688  -17.995 -1.841 2  A_G49:C114_B A 49 ? B 114 ? 19 1 
1 A A 3  1_555 B U 13 1_555 0.013  -0.006 0.512  5.198   -15.141 1.291  3  A_A50:U113_B A 50 ? B 113 ? 20 1 
1 A G 4  1_555 B C 12 1_555 -0.206 -0.137 -0.047 -7.282  -17.720 -0.069 4  A_G51:C112_B A 51 ? B 112 ? 19 1 
1 A G 5  1_555 B C 11 1_555 -0.001 -0.084 -0.094 -14.551 -17.571 -4.293 5  A_G52:C111_B A 52 ? B 111 ? 19 1 
1 A C 11 1_555 B G 10 1_555 -0.012 -0.255 0.267  3.748   -21.551 -1.423 6  A_C58:G110_B A 58 ? B 110 ? 19 1 
1 A U 12 1_555 B A 9  1_555 0.084  -0.018 0.190  -6.197  -13.247 2.770  7  A_U59:A109_B A 59 ? B 109 ? 20 1 
1 A G 13 1_555 B C 8  1_555 -0.249 -0.165 0.095  0.585   -11.893 4.603  8  A_G60:C108_B A 60 ? B 108 ? 19 1 
1 A U 14 1_555 B G 7  1_555 2.377  -0.343 0.194  1.880   -13.611 4.982  9  A_U61:G107_B A 61 ? B 107 ? 28 1 
1 A C 15 1_555 B G 5  1_555 0.450  -0.067 -0.280 6.168   -5.264  0.467  10 A_C62:G105_B A 62 ? B 105 ? 19 1 
1 A U 16 1_555 B C 4  1_555 -0.455 -1.570 0.090  11.871  -31.883 16.510 11 A_U63:C104_B A 63 ? B 104 ? 18 1 
1 A U 17 1_555 B U 3  1_555 -2.435 -1.992 0.486  1.733   -13.549 9.267  12 A_U64:U103_B A 64 ? B 103 ? 16 1 
1 A C 18 1_555 B G 2  1_555 0.122  -0.275 -0.196 7.223   -14.724 0.485  13 A_C65:G102_B A 65 ? B 102 ? 19 1 
1 A C 19 1_555 B G 1  1_555 0.131  -0.131 -0.162 5.779   -8.925  0.031  14 A_C66:G101_B A 66 ? B 101 ? 19 1 
# 
loop_
_ndb_struct_na_base_pair_step.model_number 
_ndb_struct_na_base_pair_step.i_label_asym_id_1 
_ndb_struct_na_base_pair_step.i_label_comp_id_1 
_ndb_struct_na_base_pair_step.i_label_seq_id_1 
_ndb_struct_na_base_pair_step.i_symmetry_1 
_ndb_struct_na_base_pair_step.j_label_asym_id_1 
_ndb_struct_na_base_pair_step.j_label_comp_id_1 
_ndb_struct_na_base_pair_step.j_label_seq_id_1 
_ndb_struct_na_base_pair_step.j_symmetry_1 
_ndb_struct_na_base_pair_step.i_label_asym_id_2 
_ndb_struct_na_base_pair_step.i_label_comp_id_2 
_ndb_struct_na_base_pair_step.i_label_seq_id_2 
_ndb_struct_na_base_pair_step.i_symmetry_2 
_ndb_struct_na_base_pair_step.j_label_asym_id_2 
_ndb_struct_na_base_pair_step.j_label_comp_id_2 
_ndb_struct_na_base_pair_step.j_label_seq_id_2 
_ndb_struct_na_base_pair_step.j_symmetry_2 
_ndb_struct_na_base_pair_step.shift 
_ndb_struct_na_base_pair_step.slide 
_ndb_struct_na_base_pair_step.rise 
_ndb_struct_na_base_pair_step.tilt 
_ndb_struct_na_base_pair_step.roll 
_ndb_struct_na_base_pair_step.twist 
_ndb_struct_na_base_pair_step.x_displacement 
_ndb_struct_na_base_pair_step.y_displacement 
_ndb_struct_na_base_pair_step.helical_rise 
_ndb_struct_na_base_pair_step.inclination 
_ndb_struct_na_base_pair_step.tip 
_ndb_struct_na_base_pair_step.helical_twist 
_ndb_struct_na_base_pair_step.step_number 
_ndb_struct_na_base_pair_step.step_name 
_ndb_struct_na_base_pair_step.i_auth_asym_id_1 
_ndb_struct_na_base_pair_step.i_auth_seq_id_1 
_ndb_struct_na_base_pair_step.i_PDB_ins_code_1 
_ndb_struct_na_base_pair_step.j_auth_asym_id_1 
_ndb_struct_na_base_pair_step.j_auth_seq_id_1 
_ndb_struct_na_base_pair_step.j_PDB_ins_code_1 
_ndb_struct_na_base_pair_step.i_auth_asym_id_2 
_ndb_struct_na_base_pair_step.i_auth_seq_id_2 
_ndb_struct_na_base_pair_step.i_PDB_ins_code_2 
_ndb_struct_na_base_pair_step.j_auth_asym_id_2 
_ndb_struct_na_base_pair_step.j_auth_seq_id_2 
_ndb_struct_na_base_pair_step.j_PDB_ins_code_2 
1 A C 1  1_555 B G 15 1_555 A G 2  1_555 B C 14 1_555 0.181  -1.604 3.325 0.124   10.048  31.233 -4.475 -0.300 2.694 18.085  
-0.222 32.771 1  AA_C48G49:C114G115_BB A 48 ? B 115 ? A 49 ? B 114 ? 
1 A G 2  1_555 B C 14 1_555 A A 3  1_555 B U 13 1_555 0.169  -1.075 3.017 -0.819  -3.954  34.106 -1.238 -0.407 3.113 -6.712  1.390 
34.337 2  AA_G49A50:U113C114_BB A 49 ? B 114 ? A 50 ? B 113 ? 
1 A A 3  1_555 B U 13 1_555 A G 4  1_555 B C 12 1_555 0.042  -1.328 3.541 4.021   5.651   33.601 -3.185 0.592  3.264 9.647   
-6.865 34.289 3  AA_A50G51:C112U113_BB A 50 ? B 113 ? A 51 ? B 112 ? 
1 A G 4  1_555 B C 12 1_555 A G 5  1_555 B C 11 1_555 0.277  -1.449 3.419 1.781   6.306   36.018 -3.184 -0.194 3.139 10.094  
-2.852 36.590 4  AA_G51G52:C111C112_BB A 51 ? B 112 ? A 52 ? B 111 ? 
1 A G 5  1_555 B C 11 1_555 A C 11 1_555 B G 10 1_555 -6.109 -1.168 3.845 1.396   -19.017 67.494 -0.196 5.397  3.905 -16.777 
-1.232 69.827 5  AA_G52C58:G110C111_BB A 52 ? B 111 ? A 58 ? B 110 ? 
1 A C 11 1_555 B G 10 1_555 A U 12 1_555 B A 9  1_555 -0.261 -1.526 3.343 0.607   9.802   34.584 -3.821 0.507  2.815 16.091  
-0.997 35.911 6  AA_C58U59:A109G110_BB A 58 ? B 110 ? A 59 ? B 109 ? 
1 A U 12 1_555 B A 9  1_555 A G 13 1_555 B C 8  1_555 0.529  -1.805 3.012 -0.014  8.691   24.492 -6.002 -1.182 2.249 19.710  0.033 
25.966 7  AA_U59G60:C108A109_BB A 59 ? B 109 ? A 60 ? B 108 ? 
1 A G 13 1_555 B C 8  1_555 A U 14 1_555 B G 7  1_555 0.444  -1.584 3.323 -0.171  0.834   42.511 -2.270 -0.630 3.291 1.150   0.236 
42.519 8  AA_G60U61:G107C108_BB A 60 ? B 108 ? A 61 ? B 107 ? 
1 A U 14 1_555 B G 7  1_555 A C 15 1_555 B G 5  1_555 -0.730 -1.970 3.051 2.745   3.690   24.775 -5.466 2.378  2.639 8.507   
-6.327 25.192 9  AA_U61C62:G105G107_BB A 61 ? B 107 ? A 62 ? B 105 ? 
1 A C 15 1_555 B G 5  1_555 A U 16 1_555 B C 4  1_555 0.543  -0.756 3.092 -5.501  16.294  26.181 -4.097 -1.918 2.119 31.957  
10.789 31.241 10 AA_C62U63:C104G105_BB A 62 ? B 105 ? A 63 ? B 104 ? 
1 A U 16 1_555 B C 4  1_555 A U 17 1_555 B U 3  1_555 -0.144 -1.279 3.250 -12.249 10.793  33.287 -3.396 -1.339 2.619 17.587  
19.959 36.973 11 AA_U63U64:U103C104_BB A 63 ? B 104 ? A 64 ? B 103 ? 
1 A U 17 1_555 B U 3  1_555 A C 18 1_555 B G 2  1_555 -0.651 -0.869 3.131 4.817   4.404   43.258 -1.560 1.304  2.948 5.934   
-6.489 43.724 12 AA_U64C65:G102U103_BB A 64 ? B 103 ? A 65 ? B 102 ? 
1 A C 18 1_555 B G 2  1_555 A C 19 1_555 B G 1  1_555 -0.394 -1.961 3.307 -1.071  9.116   30.060 -5.211 0.542  2.626 17.082  2.007 
31.399 13 AA_C65C66:G101G102_BB A 65 ? B 102 ? A 66 ? B 101 ? 
# 
loop_
_pdbx_entity_nonpoly.entity_id 
_pdbx_entity_nonpoly.name 
_pdbx_entity_nonpoly.comp_id 
3 'MAGNESIUM ION'                                                                                                MG  
4 'SULFATE ION'                                                                                                  SO4 
5 '(8R)-8-[(dimethylamino)methyl]-1-[3-(dimethylamino)propyl]-1,7,8,9-tetrahydrochromeno[5,6-d]imidazol-2-amine' SS0 
6 water                                                                                                          HOH 
# 
_pdbx_initial_refinement_model.id               1 
_pdbx_initial_refinement_model.entity_id_list   ? 
_pdbx_initial_refinement_model.type             'experimental model' 
_pdbx_initial_refinement_model.source_name      PDB 
_pdbx_initial_refinement_model.accession_code   2NOK 
_pdbx_initial_refinement_model.details          'PDB ENTRY 2NOK' 
# 
